data_3VYA
# 
_entry.id   3VYA 
# 
_audit_conform.dict_name       mmcif_pdbx.dic 
_audit_conform.dict_version    5.381 
_audit_conform.dict_location   http://mmcif.pdb.org/dictionaries/ascii/mmcif_pdbx.dic 
# 
loop_
_database_2.database_id 
_database_2.database_code 
_database_2.pdbx_database_accession 
_database_2.pdbx_DOI 
PDB   3VYA         pdb_00003vya 10.2210/pdb3vya/pdb 
RCSB  RCSB095651   ?            ?                   
WWPDB D_1000095651 ?            ?                   
# 
loop_
_pdbx_database_related.db_name 
_pdbx_database_related.db_id 
_pdbx_database_related.details 
_pdbx_database_related.content_type 
PDB 1FLM . unspecified 
PDB 3VY2 . unspecified 
PDB 3VY5 . unspecified 
PDB 2E83 . unspecified 
# 
_pdbx_database_status.status_code                     REL 
_pdbx_database_status.entry_id                        3VYA 
_pdbx_database_status.recvd_initial_deposition_date   2012-09-22 
_pdbx_database_status.deposit_site                    PDBJ 
_pdbx_database_status.process_site                    PDBJ 
_pdbx_database_status.methods_development_category    ? 
_pdbx_database_status.status_code_sf                  REL 
_pdbx_database_status.status_code_mr                  ? 
_pdbx_database_status.SG_entry                        ? 
_pdbx_database_status.status_code_cs                  ? 
_pdbx_database_status.pdb_format_compatible           Y 
_pdbx_database_status.status_code_nmr_data            ? 
# 
loop_
_audit_author.name 
_audit_author.pdbx_ordinal 
'Takagi, R.'    1 
'Nakanishi, T.' 2 
'Kitamura, M.'  3 
# 
_citation.id                        primary 
_citation.title                     
'Crystal structure of W32Y mutant of FMN-binding protein from Desulfovibrio vulgaris (Miyazaki F)' 
_citation.journal_abbrev            'To be Published' 
_citation.journal_volume            ? 
_citation.page_first                ? 
_citation.page_last                 ? 
_citation.year                      ? 
_citation.journal_id_ASTM           ? 
_citation.country                   ? 
_citation.journal_id_ISSN           ? 
_citation.journal_id_CSD            0353 
_citation.book_publisher            ? 
_citation.pdbx_database_id_PubMed   ? 
_citation.pdbx_database_id_DOI      ? 
# 
loop_
_citation_author.citation_id 
_citation_author.name 
_citation_author.ordinal 
_citation_author.identifier_ORCID 
primary 'Takagi, R.'    1 ? 
primary 'Nakanishi, T.' 2 ? 
primary 'Kitamura, M.'  3 ? 
# 
_cell.entry_id           3VYA 
_cell.length_a           44.119 
_cell.length_b           44.119 
_cell.length_c           178.590 
_cell.angle_alpha        90.00 
_cell.angle_beta         90.00 
_cell.angle_gamma        120.00 
_cell.Z_PDB              12 
_cell.pdbx_unique_axis   ? 
_cell.length_a_esd       ? 
_cell.length_b_esd       ? 
_cell.length_c_esd       ? 
_cell.angle_alpha_esd    ? 
_cell.angle_beta_esd     ? 
_cell.angle_gamma_esd    ? 
# 
_symmetry.entry_id                         3VYA 
_symmetry.space_group_name_H-M             'P 61 2 2' 
_symmetry.pdbx_full_space_group_name_H-M   ? 
_symmetry.cell_setting                     ? 
_symmetry.Int_Tables_number                178 
_symmetry.space_group_name_Hall            ? 
# 
loop_
_entity.id 
_entity.type 
_entity.src_method 
_entity.pdbx_description 
_entity.formula_weight 
_entity.pdbx_number_of_molecules 
_entity.pdbx_ec 
_entity.pdbx_mutation 
_entity.pdbx_fragment 
_entity.details 
1 polymer     man 'FMN-binding protein'   13130.030 1  ? W32Y ? ? 
2 non-polymer syn 'FLAVIN MONONUCLEOTIDE' 456.344   1  ? ?    ? ? 
3 water       nat water                   18.015    33 ? ?    ? ? 
# 
_entity_poly.entity_id                      1 
_entity_poly.type                           'polypeptide(L)' 
_entity_poly.nstd_linkage                   no 
_entity_poly.nstd_monomer                   no 
_entity_poly.pdbx_seq_one_letter_code       
;MLPGTFFEVLKNEGVVAIATQGEDGPHLVNTYNSYLKVLDGNRIVVPVGGMHKTEANVARDERVLMTLGSRKVAGRNGPG
TGFLIRGSAAFRTDGPEFEAIARFKWARAALVITVVSAEQTL
;
_entity_poly.pdbx_seq_one_letter_code_can   
;MLPGTFFEVLKNEGVVAIATQGEDGPHLVNTYNSYLKVLDGNRIVVPVGGMHKTEANVARDERVLMTLGSRKVAGRNGPG
TGFLIRGSAAFRTDGPEFEAIARFKWARAALVITVVSAEQTL
;
_entity_poly.pdbx_strand_id                 A 
_entity_poly.pdbx_target_identifier         ? 
# 
loop_
_entity_poly_seq.entity_id 
_entity_poly_seq.num 
_entity_poly_seq.mon_id 
_entity_poly_seq.hetero 
1 1   MET n 
1 2   LEU n 
1 3   PRO n 
1 4   GLY n 
1 5   THR n 
1 6   PHE n 
1 7   PHE n 
1 8   GLU n 
1 9   VAL n 
1 10  LEU n 
1 11  LYS n 
1 12  ASN n 
1 13  GLU n 
1 14  GLY n 
1 15  VAL n 
1 16  VAL n 
1 17  ALA n 
1 18  ILE n 
1 19  ALA n 
1 20  THR n 
1 21  GLN n 
1 22  GLY n 
1 23  GLU n 
1 24  ASP n 
1 25  GLY n 
1 26  PRO n 
1 27  HIS n 
1 28  LEU n 
1 29  VAL n 
1 30  ASN n 
1 31  THR n 
1 32  TYR n 
1 33  ASN n 
1 34  SER n 
1 35  TYR n 
1 36  LEU n 
1 37  LYS n 
1 38  VAL n 
1 39  LEU n 
1 40  ASP n 
1 41  GLY n 
1 42  ASN n 
1 43  ARG n 
1 44  ILE n 
1 45  VAL n 
1 46  VAL n 
1 47  PRO n 
1 48  VAL n 
1 49  GLY n 
1 50  GLY n 
1 51  MET n 
1 52  HIS n 
1 53  LYS n 
1 54  THR n 
1 55  GLU n 
1 56  ALA n 
1 57  ASN n 
1 58  VAL n 
1 59  ALA n 
1 60  ARG n 
1 61  ASP n 
1 62  GLU n 
1 63  ARG n 
1 64  VAL n 
1 65  LEU n 
1 66  MET n 
1 67  THR n 
1 68  LEU n 
1 69  GLY n 
1 70  SER n 
1 71  ARG n 
1 72  LYS n 
1 73  VAL n 
1 74  ALA n 
1 75  GLY n 
1 76  ARG n 
1 77  ASN n 
1 78  GLY n 
1 79  PRO n 
1 80  GLY n 
1 81  THR n 
1 82  GLY n 
1 83  PHE n 
1 84  LEU n 
1 85  ILE n 
1 86  ARG n 
1 87  GLY n 
1 88  SER n 
1 89  ALA n 
1 90  ALA n 
1 91  PHE n 
1 92  ARG n 
1 93  THR n 
1 94  ASP n 
1 95  GLY n 
1 96  PRO n 
1 97  GLU n 
1 98  PHE n 
1 99  GLU n 
1 100 ALA n 
1 101 ILE n 
1 102 ALA n 
1 103 ARG n 
1 104 PHE n 
1 105 LYS n 
1 106 TRP n 
1 107 ALA n 
1 108 ARG n 
1 109 ALA n 
1 110 ALA n 
1 111 LEU n 
1 112 VAL n 
1 113 ILE n 
1 114 THR n 
1 115 VAL n 
1 116 VAL n 
1 117 SER n 
1 118 ALA n 
1 119 GLU n 
1 120 GLN n 
1 121 THR n 
1 122 LEU n 
# 
_entity_src_gen.entity_id                          1 
_entity_src_gen.pdbx_src_id                        1 
_entity_src_gen.pdbx_alt_source_flag               sample 
_entity_src_gen.pdbx_seq_type                      ? 
_entity_src_gen.pdbx_beg_seq_num                   ? 
_entity_src_gen.pdbx_end_seq_num                   ? 
_entity_src_gen.gene_src_common_name               ? 
_entity_src_gen.gene_src_genus                     ? 
_entity_src_gen.pdbx_gene_src_gene                 DvMF_2023 
_entity_src_gen.gene_src_species                   ? 
_entity_src_gen.gene_src_strain                    'Miyazaki F' 
_entity_src_gen.gene_src_tissue                    ? 
_entity_src_gen.gene_src_tissue_fraction           ? 
_entity_src_gen.gene_src_details                   ? 
_entity_src_gen.pdbx_gene_src_fragment             ? 
_entity_src_gen.pdbx_gene_src_scientific_name      'Desulfovibrio vulgaris' 
_entity_src_gen.pdbx_gene_src_ncbi_taxonomy_id     883 
_entity_src_gen.pdbx_gene_src_variant              ? 
_entity_src_gen.pdbx_gene_src_cell_line            ? 
_entity_src_gen.pdbx_gene_src_atcc                 ? 
_entity_src_gen.pdbx_gene_src_organ                ? 
_entity_src_gen.pdbx_gene_src_organelle            ? 
_entity_src_gen.pdbx_gene_src_cell                 ? 
_entity_src_gen.pdbx_gene_src_cellular_location    ? 
_entity_src_gen.host_org_common_name               ? 
_entity_src_gen.pdbx_host_org_scientific_name      'Escherichia coli' 
_entity_src_gen.pdbx_host_org_ncbi_taxonomy_id     562 
_entity_src_gen.host_org_genus                     ? 
_entity_src_gen.pdbx_host_org_gene                 ? 
_entity_src_gen.pdbx_host_org_organ                ? 
_entity_src_gen.host_org_species                   ? 
_entity_src_gen.pdbx_host_org_tissue               ? 
_entity_src_gen.pdbx_host_org_tissue_fraction      ? 
_entity_src_gen.pdbx_host_org_strain               ? 
_entity_src_gen.pdbx_host_org_variant              ? 
_entity_src_gen.pdbx_host_org_cell_line            ? 
_entity_src_gen.pdbx_host_org_atcc                 ? 
_entity_src_gen.pdbx_host_org_culture_collection   ? 
_entity_src_gen.pdbx_host_org_cell                 ? 
_entity_src_gen.pdbx_host_org_organelle            ? 
_entity_src_gen.pdbx_host_org_cellular_location    ? 
_entity_src_gen.pdbx_host_org_vector_type          ? 
_entity_src_gen.pdbx_host_org_vector               ? 
_entity_src_gen.host_org_details                   ? 
_entity_src_gen.expression_system_id               ? 
_entity_src_gen.plasmid_name                       ? 
_entity_src_gen.plasmid_details                    ? 
_entity_src_gen.pdbx_description                   ? 
# 
_struct_ref.id                         1 
_struct_ref.db_name                    UNP 
_struct_ref.db_code                    FMNB_DESVM 
_struct_ref.pdbx_db_accession          Q46604 
_struct_ref.entity_id                  1 
_struct_ref.pdbx_seq_one_letter_code   
;MLPGTFFEVLKNEGVVAIATQGEDGPHLVNTWNSYLKVLDGNRIVVPVGGMHKTEANVARDERVLMTLGSRKVAGRNGPG
TGFLIRGSAAFRTDGPEFEAIARFKWARAALVITVVSAEQTL
;
_struct_ref.pdbx_align_begin           1 
_struct_ref.pdbx_db_isoform            ? 
# 
_struct_ref_seq.align_id                      1 
_struct_ref_seq.ref_id                        1 
_struct_ref_seq.pdbx_PDB_id_code              3VYA 
_struct_ref_seq.pdbx_strand_id                A 
_struct_ref_seq.seq_align_beg                 1 
_struct_ref_seq.pdbx_seq_align_beg_ins_code   ? 
_struct_ref_seq.seq_align_end                 122 
_struct_ref_seq.pdbx_seq_align_end_ins_code   ? 
_struct_ref_seq.pdbx_db_accession             Q46604 
_struct_ref_seq.db_align_beg                  1 
_struct_ref_seq.pdbx_db_align_beg_ins_code    ? 
_struct_ref_seq.db_align_end                  122 
_struct_ref_seq.pdbx_db_align_end_ins_code    ? 
_struct_ref_seq.pdbx_auth_seq_align_beg       1 
_struct_ref_seq.pdbx_auth_seq_align_end       122 
# 
_struct_ref_seq_dif.align_id                     1 
_struct_ref_seq_dif.pdbx_pdb_id_code             3VYA 
_struct_ref_seq_dif.mon_id                       TYR 
_struct_ref_seq_dif.pdbx_pdb_strand_id           A 
_struct_ref_seq_dif.seq_num                      32 
_struct_ref_seq_dif.pdbx_pdb_ins_code            ? 
_struct_ref_seq_dif.pdbx_seq_db_name             UNP 
_struct_ref_seq_dif.pdbx_seq_db_accession_code   Q46604 
_struct_ref_seq_dif.db_mon_id                    TRP 
_struct_ref_seq_dif.pdbx_seq_db_seq_num          32 
_struct_ref_seq_dif.details                      'engineered mutation' 
_struct_ref_seq_dif.pdbx_auth_seq_num            32 
_struct_ref_seq_dif.pdbx_ordinal                 1 
# 
loop_
_chem_comp.id 
_chem_comp.type 
_chem_comp.mon_nstd_flag 
_chem_comp.name 
_chem_comp.pdbx_synonyms 
_chem_comp.formula 
_chem_comp.formula_weight 
ALA 'L-peptide linking' y ALANINE                 ?                          'C3 H7 N O2'      89.093  
ARG 'L-peptide linking' y ARGININE                ?                          'C6 H15 N4 O2 1'  175.209 
ASN 'L-peptide linking' y ASPARAGINE              ?                          'C4 H8 N2 O3'     132.118 
ASP 'L-peptide linking' y 'ASPARTIC ACID'         ?                          'C4 H7 N O4'      133.103 
FMN non-polymer         . 'FLAVIN MONONUCLEOTIDE' 'RIBOFLAVIN MONOPHOSPHATE' 'C17 H21 N4 O9 P' 456.344 
GLN 'L-peptide linking' y GLUTAMINE               ?                          'C5 H10 N2 O3'    146.144 
GLU 'L-peptide linking' y 'GLUTAMIC ACID'         ?                          'C5 H9 N O4'      147.129 
GLY 'peptide linking'   y GLYCINE                 ?                          'C2 H5 N O2'      75.067  
HIS 'L-peptide linking' y HISTIDINE               ?                          'C6 H10 N3 O2 1'  156.162 
HOH non-polymer         . WATER                   ?                          'H2 O'            18.015  
ILE 'L-peptide linking' y ISOLEUCINE              ?                          'C6 H13 N O2'     131.173 
LEU 'L-peptide linking' y LEUCINE                 ?                          'C6 H13 N O2'     131.173 
LYS 'L-peptide linking' y LYSINE                  ?                          'C6 H15 N2 O2 1'  147.195 
MET 'L-peptide linking' y METHIONINE              ?                          'C5 H11 N O2 S'   149.211 
PHE 'L-peptide linking' y PHENYLALANINE           ?                          'C9 H11 N O2'     165.189 
PRO 'L-peptide linking' y PROLINE                 ?                          'C5 H9 N O2'      115.130 
SER 'L-peptide linking' y SERINE                  ?                          'C3 H7 N O3'      105.093 
THR 'L-peptide linking' y THREONINE               ?                          'C4 H9 N O3'      119.119 
TRP 'L-peptide linking' y TRYPTOPHAN              ?                          'C11 H12 N2 O2'   204.225 
TYR 'L-peptide linking' y TYROSINE                ?                          'C9 H11 N O3'     181.189 
VAL 'L-peptide linking' y VALINE                  ?                          'C5 H11 N O2'     117.146 
# 
_exptl.entry_id          3VYA 
_exptl.method            'X-RAY DIFFRACTION' 
_exptl.crystals_number   1 
# 
_exptl_crystal.id                    1 
_exptl_crystal.density_meas          ? 
_exptl_crystal.density_Matthews      1.91 
_exptl_crystal.density_percent_sol   35.63 
_exptl_crystal.description           ? 
_exptl_crystal.F_000                 ? 
_exptl_crystal.preparation           ? 
# 
_exptl_crystal_grow.crystal_id      1 
_exptl_crystal_grow.method          'VAPOR DIFFUSION, SITTING DROP' 
_exptl_crystal_grow.temp            293 
_exptl_crystal_grow.temp_details    ? 
_exptl_crystal_grow.pH              8.05 
_exptl_crystal_grow.pdbx_details    
;100mM HEPES, 85%(v/v) 2-Methyl-2,4-pentanediol, 50%(w/v) polyethylene glycol 400, pH 8.05, VAPOR DIFFUSION, SITTING DROP, temperature 293K
;
_exptl_crystal_grow.pdbx_pH_range   . 
# 
_diffrn.id                     1 
_diffrn.ambient_temp           95 
_diffrn.ambient_temp_details   ? 
_diffrn.crystal_id             1 
# 
_diffrn_detector.diffrn_id              1 
_diffrn_detector.detector               CCD 
_diffrn_detector.type                   'ADSC QUANTUM 315r' 
_diffrn_detector.pdbx_collection_date   2012-02-25 
_diffrn_detector.details                ? 
# 
_diffrn_radiation.diffrn_id                        1 
_diffrn_radiation.wavelength_id                    1 
_diffrn_radiation.pdbx_monochromatic_or_laue_m_l   M 
_diffrn_radiation.monochromator                    'Numerical link type Si(111) double crystal monochromator' 
_diffrn_radiation.pdbx_diffrn_protocol             'SINGLE WAVELENGTH' 
_diffrn_radiation.pdbx_scattering_type             x-ray 
# 
_diffrn_radiation_wavelength.id           1 
_diffrn_radiation_wavelength.wavelength   0.9800 
_diffrn_radiation_wavelength.wt           1.0 
# 
_diffrn_source.diffrn_id                   1 
_diffrn_source.source                      SYNCHROTRON 
_diffrn_source.type                        'PHOTON FACTORY BEAMLINE BL-17A' 
_diffrn_source.pdbx_synchrotron_site       'Photon Factory' 
_diffrn_source.pdbx_synchrotron_beamline   BL-17A 
_diffrn_source.pdbx_wavelength             ? 
_diffrn_source.pdbx_wavelength_list        0.9800 
# 
_reflns.entry_id                     3VYA 
_reflns.observed_criterion_sigma_I   ? 
_reflns.observed_criterion_sigma_F   ? 
_reflns.d_resolution_low             20 
_reflns.d_resolution_high            2.4 
_reflns.number_obs                   4587 
_reflns.number_all                   ? 
_reflns.percent_possible_obs         99.8 
_reflns.pdbx_Rmerge_I_obs            0.128 
_reflns.pdbx_Rsym_value              ? 
_reflns.pdbx_netI_over_sigmaI        ? 
_reflns.B_iso_Wilson_estimate        ? 
_reflns.pdbx_redundancy              15.3 
_reflns.R_free_details               ? 
_reflns.limit_h_max                  ? 
_reflns.limit_h_min                  ? 
_reflns.limit_k_max                  ? 
_reflns.limit_k_min                  ? 
_reflns.limit_l_max                  ? 
_reflns.limit_l_min                  ? 
_reflns.observed_criterion_F_max     ? 
_reflns.observed_criterion_F_min     ? 
_reflns.pdbx_chi_squared             ? 
_reflns.pdbx_scaling_rejects         ? 
_reflns.pdbx_ordinal                 1 
_reflns.pdbx_diffrn_id               1 
# 
_reflns_shell.d_res_high                  2.40 
_reflns_shell.d_res_low                   2.53 
_reflns_shell.percent_possible_all        100 
_reflns_shell.Rmerge_I_obs                0.258 
_reflns_shell.pdbx_Rsym_value             ? 
_reflns_shell.meanI_over_sigI_obs         ? 
_reflns_shell.pdbx_redundancy             15.0 
_reflns_shell.percent_possible_obs        ? 
_reflns_shell.number_unique_all           ? 
_reflns_shell.number_measured_all         ? 
_reflns_shell.number_measured_obs         ? 
_reflns_shell.number_unique_obs           ? 
_reflns_shell.pdbx_chi_squared            ? 
_reflns_shell.pdbx_rejects                ? 
_reflns_shell.pdbx_netI_over_sigmaI_obs   ? 
_reflns_shell.number_possible             ? 
_reflns_shell.Rmerge_F_all                ? 
_reflns_shell.Rmerge_F_obs                ? 
_reflns_shell.Rmerge_I_all                ? 
_reflns_shell.meanI_over_sigI_all         ? 
_reflns_shell.pdbx_Rrim_I_all             ? 
_reflns_shell.pdbx_Rpim_I_all             ? 
_reflns_shell.pdbx_ordinal                1 
_reflns_shell.pdbx_diffrn_id              1 
# 
_refine.entry_id                                 3VYA 
_refine.ls_number_reflns_obs                     4323 
_refine.ls_number_reflns_all                     ? 
_refine.pdbx_ls_sigma_I                          ? 
_refine.pdbx_ls_sigma_F                          ? 
_refine.pdbx_data_cutoff_high_absF               ? 
_refine.pdbx_data_cutoff_low_absF                ? 
_refine.pdbx_data_cutoff_high_rms_absF           ? 
_refine.ls_d_res_low                             20.00 
_refine.ls_d_res_high                            2.40 
_refine.ls_percent_reflns_obs                    99.91 
_refine.ls_R_factor_obs                          0.20811 
_refine.ls_R_factor_all                          ? 
_refine.ls_R_factor_R_work                       0.20499 
_refine.ls_R_factor_R_free                       0.27348 
_refine.ls_R_factor_R_free_error                 ? 
_refine.ls_R_factor_R_free_error_details         ? 
_refine.ls_percent_reflns_R_free                 4.6 
_refine.ls_number_reflns_R_free                  209 
_refine.ls_number_parameters                     ? 
_refine.ls_number_restraints                     ? 
_refine.occupancy_min                            ? 
_refine.occupancy_max                            ? 
_refine.correlation_coeff_Fo_to_Fc               0.927 
_refine.correlation_coeff_Fo_to_Fc_free          0.887 
_refine.B_iso_mean                               23.796 
_refine.aniso_B[1][1]                            0.41 
_refine.aniso_B[2][2]                            0.41 
_refine.aniso_B[3][3]                            -0.61 
_refine.aniso_B[1][2]                            0.20 
_refine.aniso_B[1][3]                            0.00 
_refine.aniso_B[2][3]                            0.00 
_refine.solvent_model_details                    MASK 
_refine.solvent_model_param_ksol                 ? 
_refine.solvent_model_param_bsol                 ? 
_refine.pdbx_solvent_vdw_probe_radii             1.40 
_refine.pdbx_solvent_ion_probe_radii             0.80 
_refine.pdbx_solvent_shrinkage_radii             0.80 
_refine.pdbx_ls_cross_valid_method               THROUGHOUT 
_refine.details                                  'HYDROGENS HAVE BEEN ADDED IN THE RIDING POSITIONS' 
_refine.pdbx_starting_model                      'PDB ENTRY 1FLM' 
_refine.pdbx_method_to_determine_struct          'MOLECULAR REPLACEMENT' 
_refine.pdbx_isotropic_thermal_model             ? 
_refine.pdbx_stereochemistry_target_values       'MAXIMUM LIKELIHOOD' 
_refine.pdbx_stereochem_target_val_spec_case     ? 
_refine.pdbx_R_Free_selection_details            RANDOM 
_refine.pdbx_overall_ESU_R                       0.747 
_refine.pdbx_overall_ESU_R_Free                  0.316 
_refine.overall_SU_ML                            0.209 
_refine.pdbx_overall_phase_error                 ? 
_refine.overall_SU_B                             8.874 
_refine.overall_SU_R_Cruickshank_DPI             ? 
_refine.ls_redundancy_reflns_obs                 ? 
_refine.B_iso_min                                ? 
_refine.B_iso_max                                ? 
_refine.overall_SU_R_free                        ? 
_refine.ls_wR_factor_R_free                      ? 
_refine.ls_wR_factor_R_work                      ? 
_refine.overall_FOM_free_R_set                   ? 
_refine.overall_FOM_work_R_set                   ? 
_refine.pdbx_diffrn_id                           1 
_refine.pdbx_refine_id                           'X-RAY DIFFRACTION' 
_refine.pdbx_TLS_residual_ADP_flag               ? 
_refine.pdbx_overall_SU_R_free_Cruickshank_DPI   ? 
_refine.pdbx_overall_SU_R_Blow_DPI               ? 
_refine.pdbx_overall_SU_R_free_Blow_DPI          ? 
# 
_refine_hist.pdbx_refine_id                   'X-RAY DIFFRACTION' 
_refine_hist.cycle_id                         LAST 
_refine_hist.pdbx_number_atoms_protein        908 
_refine_hist.pdbx_number_atoms_nucleic_acid   0 
_refine_hist.pdbx_number_atoms_ligand         31 
_refine_hist.number_atoms_solvent             33 
_refine_hist.number_atoms_total               972 
_refine_hist.d_res_high                       2.40 
_refine_hist.d_res_low                        20.00 
# 
loop_
_refine_ls_restr.type 
_refine_ls_restr.dev_ideal 
_refine_ls_restr.dev_ideal_target 
_refine_ls_restr.weight 
_refine_ls_restr.number 
_refine_ls_restr.pdbx_restraint_function 
_refine_ls_restr.pdbx_refine_id 
r_bond_refined_d       0.008  0.022  ? 957  ? 'X-RAY DIFFRACTION' 
r_angle_refined_deg    1.116  1.990  ? 1301 ? 'X-RAY DIFFRACTION' 
r_dihedral_angle_1_deg 5.674  5.000  ? 119  ? 'X-RAY DIFFRACTION' 
r_dihedral_angle_2_deg 38.270 22.750 ? 40   ? 'X-RAY DIFFRACTION' 
r_dihedral_angle_3_deg 15.528 15.000 ? 149  ? 'X-RAY DIFFRACTION' 
r_dihedral_angle_4_deg 18.969 15.000 ? 9    ? 'X-RAY DIFFRACTION' 
r_chiral_restr         0.079  0.200  ? 147  ? 'X-RAY DIFFRACTION' 
r_gen_planes_refined   0.004  0.021  ? 725  ? 'X-RAY DIFFRACTION' 
r_mcbond_it            0.575  1.500  ? 591  ? 'X-RAY DIFFRACTION' 
r_mcangle_it           1.080  2.000  ? 946  ? 'X-RAY DIFFRACTION' 
r_scbond_it            1.378  3.000  ? 366  ? 'X-RAY DIFFRACTION' 
r_scangle_it           2.408  4.500  ? 355  ? 'X-RAY DIFFRACTION' 
# 
_refine_ls_shell.pdbx_refine_id                   'X-RAY DIFFRACTION' 
_refine_ls_shell.pdbx_total_number_of_bins_used   20 
_refine_ls_shell.d_res_high                       2.400 
_refine_ls_shell.d_res_low                        2.462 
_refine_ls_shell.number_reflns_R_work             306 
_refine_ls_shell.R_factor_R_work                  0.195 
_refine_ls_shell.percent_reflns_obs               100.00 
_refine_ls_shell.R_factor_R_free                  0.276 
_refine_ls_shell.R_factor_R_free_error            ? 
_refine_ls_shell.percent_reflns_R_free            ? 
_refine_ls_shell.number_reflns_R_free             20 
_refine_ls_shell.number_reflns_all                ? 
_refine_ls_shell.R_factor_all                     ? 
_refine_ls_shell.number_reflns_obs                ? 
_refine_ls_shell.redundancy_reflns_obs            ? 
# 
_struct.entry_id                  3VYA 
_struct.title                     'W32Y mutant of FMN-binding protein from Desulfovibrio vulgaris (Miyazaki F)' 
_struct.pdbx_model_details        ? 
_struct.pdbx_CASP_flag            ? 
_struct.pdbx_model_type_details   ? 
# 
_struct_keywords.entry_id        3VYA 
_struct_keywords.pdbx_keywords   'ELECTRON TRANSPORT' 
_struct_keywords.text            'Electron transport' 
# 
loop_
_struct_asym.id 
_struct_asym.pdbx_blank_PDB_chainid_flag 
_struct_asym.pdbx_modified 
_struct_asym.entity_id 
_struct_asym.details 
A N N 1 ? 
B N N 2 ? 
C N N 3 ? 
# 
_struct_biol.id        1 
_struct_biol.details   ? 
# 
loop_
_struct_conf.conf_type_id 
_struct_conf.id 
_struct_conf.pdbx_PDB_helix_id 
_struct_conf.beg_label_comp_id 
_struct_conf.beg_label_asym_id 
_struct_conf.beg_label_seq_id 
_struct_conf.pdbx_beg_PDB_ins_code 
_struct_conf.end_label_comp_id 
_struct_conf.end_label_asym_id 
_struct_conf.end_label_seq_id 
_struct_conf.pdbx_end_PDB_ins_code 
_struct_conf.beg_auth_comp_id 
_struct_conf.beg_auth_asym_id 
_struct_conf.beg_auth_seq_id 
_struct_conf.end_auth_comp_id 
_struct_conf.end_auth_asym_id 
_struct_conf.end_auth_seq_id 
_struct_conf.pdbx_PDB_helix_class 
_struct_conf.details 
_struct_conf.pdbx_PDB_helix_length 
HELX_P HELX_P1 1 PRO A 3  ? ASN A 12  ? PRO A 3  ASN A 12  1 ? 10 
HELX_P HELX_P2 2 SER A 34 ? LEU A 36  ? SER A 34 LEU A 36  5 ? 3  
HELX_P HELX_P3 3 MET A 51 ? ASP A 61  ? MET A 51 ASP A 61  1 ? 11 
HELX_P HELX_P4 4 GLY A 95 ? ILE A 101 ? GLY A 95 ILE A 101 1 ? 7  
# 
_struct_conf_type.id          HELX_P 
_struct_conf_type.criteria    ? 
_struct_conf_type.reference   ? 
# 
_struct_sheet.id               A 
_struct_sheet.type             ? 
_struct_sheet.number_strands   7 
_struct_sheet.details          ? 
# 
loop_
_struct_sheet_order.sheet_id 
_struct_sheet_order.range_id_1 
_struct_sheet_order.range_id_2 
_struct_sheet_order.offset 
_struct_sheet_order.sense 
A 1 2 ? anti-parallel 
A 2 3 ? anti-parallel 
A 3 4 ? anti-parallel 
A 4 5 ? anti-parallel 
A 5 6 ? anti-parallel 
A 6 7 ? anti-parallel 
# 
loop_
_struct_sheet_range.sheet_id 
_struct_sheet_range.id 
_struct_sheet_range.beg_label_comp_id 
_struct_sheet_range.beg_label_asym_id 
_struct_sheet_range.beg_label_seq_id 
_struct_sheet_range.pdbx_beg_PDB_ins_code 
_struct_sheet_range.end_label_comp_id 
_struct_sheet_range.end_label_asym_id 
_struct_sheet_range.end_label_seq_id 
_struct_sheet_range.pdbx_end_PDB_ins_code 
_struct_sheet_range.beg_auth_comp_id 
_struct_sheet_range.beg_auth_asym_id 
_struct_sheet_range.beg_auth_seq_id 
_struct_sheet_range.end_auth_comp_id 
_struct_sheet_range.end_auth_asym_id 
_struct_sheet_range.end_auth_seq_id 
A 1 GLY A 25  ? TYR A 32  ? GLY A 25  TYR A 32  
A 2 VAL A 15  ? GLY A 22  ? VAL A 15  GLY A 22  
A 3 ARG A 63  ? SER A 70  ? ARG A 63  SER A 70  
A 4 THR A 81  ? ARG A 92  ? THR A 81  ARG A 92  
A 5 ALA A 109 ? LEU A 122 ? ALA A 109 LEU A 122 
A 6 ARG A 43  ? VAL A 48  ? ARG A 43  VAL A 48  
A 7 LYS A 37  ? LEU A 39  ? LYS A 37  LEU A 39  
# 
loop_
_pdbx_struct_sheet_hbond.sheet_id 
_pdbx_struct_sheet_hbond.range_id_1 
_pdbx_struct_sheet_hbond.range_id_2 
_pdbx_struct_sheet_hbond.range_1_label_atom_id 
_pdbx_struct_sheet_hbond.range_1_label_comp_id 
_pdbx_struct_sheet_hbond.range_1_label_asym_id 
_pdbx_struct_sheet_hbond.range_1_label_seq_id 
_pdbx_struct_sheet_hbond.range_1_PDB_ins_code 
_pdbx_struct_sheet_hbond.range_1_auth_atom_id 
_pdbx_struct_sheet_hbond.range_1_auth_comp_id 
_pdbx_struct_sheet_hbond.range_1_auth_asym_id 
_pdbx_struct_sheet_hbond.range_1_auth_seq_id 
_pdbx_struct_sheet_hbond.range_2_label_atom_id 
_pdbx_struct_sheet_hbond.range_2_label_comp_id 
_pdbx_struct_sheet_hbond.range_2_label_asym_id 
_pdbx_struct_sheet_hbond.range_2_label_seq_id 
_pdbx_struct_sheet_hbond.range_2_PDB_ins_code 
_pdbx_struct_sheet_hbond.range_2_auth_atom_id 
_pdbx_struct_sheet_hbond.range_2_auth_comp_id 
_pdbx_struct_sheet_hbond.range_2_auth_asym_id 
_pdbx_struct_sheet_hbond.range_2_auth_seq_id 
A 1 2 O THR A 31  ? O THR A 31  N VAL A 16  ? N VAL A 16  
A 2 3 N ALA A 19  ? N ALA A 19  O LEU A 65  ? O LEU A 65  
A 3 4 N MET A 66  ? N MET A 66  O ILE A 85  ? O ILE A 85  
A 4 5 N ALA A 90  ? N ALA A 90  O VAL A 112 ? O VAL A 112 
A 5 6 O ILE A 113 ? O ILE A 113 N ILE A 44  ? N ILE A 44  
A 6 7 O VAL A 45  ? O VAL A 45  N LYS A 37  ? N LYS A 37  
# 
_struct_site.id                   AC1 
_struct_site.pdbx_evidence_code   Software 
_struct_site.pdbx_auth_asym_id    A 
_struct_site.pdbx_auth_comp_id    FMN 
_struct_site.pdbx_auth_seq_id     201 
_struct_site.pdbx_auth_ins_code   ? 
_struct_site.pdbx_num_residues    20 
_struct_site.details              'BINDING SITE FOR RESIDUE FMN A 201' 
# 
loop_
_struct_site_gen.id 
_struct_site_gen.site_id 
_struct_site_gen.pdbx_num_res 
_struct_site_gen.label_comp_id 
_struct_site_gen.label_asym_id 
_struct_site_gen.label_seq_id 
_struct_site_gen.pdbx_auth_ins_code 
_struct_site_gen.auth_comp_id 
_struct_site_gen.auth_asym_id 
_struct_site_gen.auth_seq_id 
_struct_site_gen.label_atom_id 
_struct_site_gen.label_alt_id 
_struct_site_gen.symmetry 
_struct_site_gen.details 
1  AC1 20 HIS A 27  ? HIS A 27   . ? 1_555  ? 
2  AC1 20 VAL A 29  ? VAL A 29   . ? 1_555  ? 
3  AC1 20 ASN A 30  ? ASN A 30   . ? 1_555  ? 
4  AC1 20 THR A 31  ? THR A 31   . ? 1_555  ? 
5  AC1 20 TYR A 32  ? TYR A 32   . ? 1_555  ? 
6  AC1 20 TYR A 35  ? TYR A 35   . ? 1_555  ? 
7  AC1 20 PRO A 47  ? PRO A 47   . ? 1_555  ? 
8  AC1 20 GLY A 49  ? GLY A 49   . ? 1_555  ? 
9  AC1 20 GLY A 50  ? GLY A 50   . ? 1_555  ? 
10 AC1 20 MET A 51  ? MET A 51   . ? 1_555  ? 
11 AC1 20 HIS A 52  ? HIS A 52   . ? 1_555  ? 
12 AC1 20 LYS A 53  ? LYS A 53   . ? 1_555  ? 
13 AC1 20 THR A 54  ? THR A 54   . ? 1_555  ? 
14 AC1 20 GLY A 82  ? GLY A 82   . ? 12_555 ? 
15 AC1 20 THR A 121 ? THR A 121  . ? 12_555 ? 
16 AC1 20 LEU A 122 ? LEU A 122  . ? 12_555 ? 
17 AC1 20 HOH C .   ? HOH A 1003 . ? 1_555  ? 
18 AC1 20 HOH C .   ? HOH A 1015 . ? 1_555  ? 
19 AC1 20 HOH C .   ? HOH A 1020 . ? 12_555 ? 
20 AC1 20 HOH C .   ? HOH A 1029 . ? 1_555  ? 
# 
_atom_sites.entry_id                    3VYA 
_atom_sites.fract_transf_matrix[1][1]   0.01768497 
_atom_sites.fract_transf_matrix[1][2]   0.01721518 
_atom_sites.fract_transf_matrix[1][3]   0.00871037 
_atom_sites.fract_transf_matrix[2][1]   0.02554403 
_atom_sites.fract_transf_matrix[2][2]   -0.00476527 
_atom_sites.fract_transf_matrix[2][3]   -0.00312543 
_atom_sites.fract_transf_matrix[3][1]   -0.00011607 
_atom_sites.fract_transf_matrix[3][2]   0.00262172 
_atom_sites.fract_transf_matrix[3][3]   -0.00494590 
_atom_sites.fract_transf_vector[1]      -0.416828 
_atom_sites.fract_transf_vector[2]      -0.410209 
_atom_sites.fract_transf_vector[3]      0.053841 
# 
loop_
_atom_type.symbol 
C 
N 
O 
P 
S 
# 
loop_
_atom_site.group_PDB 
_atom_site.id 
_atom_site.type_symbol 
_atom_site.label_atom_id 
_atom_site.label_alt_id 
_atom_site.label_comp_id 
_atom_site.label_asym_id 
_atom_site.label_entity_id 
_atom_site.label_seq_id 
_atom_site.pdbx_PDB_ins_code 
_atom_site.Cartn_x 
_atom_site.Cartn_y 
_atom_site.Cartn_z 
_atom_site.occupancy 
_atom_site.B_iso_or_equiv 
_atom_site.pdbx_formal_charge 
_atom_site.auth_seq_id 
_atom_site.auth_comp_id 
_atom_site.auth_asym_id 
_atom_site.auth_atom_id 
_atom_site.pdbx_PDB_model_num 
ATOM   1   N N     . PRO A 1 3   ? -12.665 7.997   -8.648  1.00 42.56 ? 3    PRO A N     1 
ATOM   2   C CA    . PRO A 1 3   ? -12.189 7.310   -7.443  1.00 42.46 ? 3    PRO A CA    1 
ATOM   3   C C     . PRO A 1 3   ? -12.641 5.850   -7.382  1.00 42.16 ? 3    PRO A C     1 
ATOM   4   O O     . PRO A 1 3   ? -11.859 4.988   -6.971  1.00 42.27 ? 3    PRO A O     1 
ATOM   5   C CB    . PRO A 1 3   ? -12.821 8.116   -6.294  1.00 42.57 ? 3    PRO A CB    1 
ATOM   6   C CG    . PRO A 1 3   ? -13.119 9.459   -6.877  1.00 42.63 ? 3    PRO A CG    1 
ATOM   7   C CD    . PRO A 1 3   ? -13.446 9.206   -8.330  1.00 42.75 ? 3    PRO A CD    1 
ATOM   8   N N     . GLY A 1 4   ? -13.883 5.582   -7.797  1.00 41.69 ? 4    GLY A N     1 
ATOM   9   C CA    . GLY A 1 4   ? -14.459 4.225   -7.803  1.00 40.96 ? 4    GLY A CA    1 
ATOM   10  C C     . GLY A 1 4   ? -13.681 3.180   -8.597  1.00 40.51 ? 4    GLY A C     1 
ATOM   11  O O     . GLY A 1 4   ? -13.908 1.971   -8.452  1.00 40.54 ? 4    GLY A O     1 
ATOM   12  N N     . THR A 1 5   ? -12.777 3.651   -9.450  1.00 39.80 ? 5    THR A N     1 
ATOM   13  C CA    . THR A 1 5   ? -11.830 2.788   -10.137 1.00 39.31 ? 5    THR A CA    1 
ATOM   14  C C     . THR A 1 5   ? -10.877 2.152   -9.123  1.00 38.96 ? 5    THR A C     1 
ATOM   15  O O     . THR A 1 5   ? -10.676 0.938   -9.125  1.00 38.70 ? 5    THR A O     1 
ATOM   16  C CB    . THR A 1 5   ? -11.045 3.587   -11.194 1.00 39.28 ? 5    THR A CB    1 
ATOM   17  O OG1   . THR A 1 5   ? -11.949 4.034   -12.208 1.00 39.60 ? 5    THR A OG1   1 
ATOM   18  C CG2   . THR A 1 5   ? -9.967  2.742   -11.839 1.00 39.55 ? 5    THR A CG2   1 
ATOM   19  N N     . PHE A 1 6   ? -10.317 2.981   -8.246  1.00 38.63 ? 6    PHE A N     1 
ATOM   20  C CA    . PHE A 1 6   ? -9.358  2.531   -7.246  1.00 38.24 ? 6    PHE A CA    1 
ATOM   21  C C     . PHE A 1 6   ? -9.899  1.397   -6.382  1.00 37.95 ? 6    PHE A C     1 
ATOM   22  O O     . PHE A 1 6   ? -9.202  0.415   -6.124  1.00 37.81 ? 6    PHE A O     1 
ATOM   23  C CB    . PHE A 1 6   ? -8.918  3.704   -6.364  1.00 38.54 ? 6    PHE A CB    1 
ATOM   24  C CG    . PHE A 1 6   ? -8.084  3.293   -5.187  1.00 38.62 ? 6    PHE A CG    1 
ATOM   25  C CD1   . PHE A 1 6   ? -8.674  3.070   -3.947  1.00 38.93 ? 6    PHE A CD1   1 
ATOM   26  C CD2   . PHE A 1 6   ? -6.714  3.118   -5.321  1.00 39.25 ? 6    PHE A CD2   1 
ATOM   27  C CE1   . PHE A 1 6   ? -7.915  2.682   -2.852  1.00 39.64 ? 6    PHE A CE1   1 
ATOM   28  C CE2   . PHE A 1 6   ? -5.942  2.730   -4.234  1.00 40.20 ? 6    PHE A CE2   1 
ATOM   29  C CZ    . PHE A 1 6   ? -6.547  2.509   -2.994  1.00 40.16 ? 6    PHE A CZ    1 
ATOM   30  N N     . PHE A 1 7   ? -11.144 1.536   -5.941  1.00 37.56 ? 7    PHE A N     1 
ATOM   31  C CA    . PHE A 1 7   ? -11.753 0.541   -5.067  1.00 37.28 ? 7    PHE A CA    1 
ATOM   32  C C     . PHE A 1 7   ? -12.043 -0.780  -5.776  1.00 36.57 ? 7    PHE A C     1 
ATOM   33  O O     . PHE A 1 7   ? -12.011 -1.834  -5.146  1.00 36.71 ? 7    PHE A O     1 
ATOM   34  C CB    . PHE A 1 7   ? -13.002 1.103   -4.384  1.00 37.63 ? 7    PHE A CB    1 
ATOM   35  C CG    . PHE A 1 7   ? -12.717 2.264   -3.468  1.00 38.41 ? 7    PHE A CG    1 
ATOM   36  C CD1   . PHE A 1 7   ? -12.435 2.050   -2.117  1.00 39.03 ? 7    PHE A CD1   1 
ATOM   37  C CD2   . PHE A 1 7   ? -12.723 3.570   -3.952  1.00 39.02 ? 7    PHE A CD2   1 
ATOM   38  C CE1   . PHE A 1 7   ? -12.171 3.119   -1.261  1.00 38.88 ? 7    PHE A CE1   1 
ATOM   39  C CE2   . PHE A 1 7   ? -12.454 4.648   -3.107  1.00 39.57 ? 7    PHE A CE2   1 
ATOM   40  C CZ    . PHE A 1 7   ? -12.179 4.418   -1.757  1.00 39.70 ? 7    PHE A CZ    1 
ATOM   41  N N     . GLU A 1 8   ? -12.309 -0.730  -7.080  1.00 35.65 ? 8    GLU A N     1 
ATOM   42  C CA    . GLU A 1 8   ? -12.511 -1.960  -7.853  1.00 34.84 ? 8    GLU A CA    1 
ATOM   43  C C     . GLU A 1 8   ? -11.197 -2.722  -8.054  1.00 33.65 ? 8    GLU A C     1 
ATOM   44  O O     . GLU A 1 8   ? -11.191 -3.951  -8.151  1.00 33.05 ? 8    GLU A O     1 
ATOM   45  C CB    . GLU A 1 8   ? -13.204 -1.667  -9.187  1.00 35.24 ? 8    GLU A CB    1 
ATOM   46  C CG    . GLU A 1 8   ? -13.864 -2.884  -9.857  1.00 37.29 ? 8    GLU A CG    1 
ATOM   47  C CD    . GLU A 1 8   ? -15.037 -3.474  -9.066  1.00 40.46 ? 8    GLU A CD    1 
ATOM   48  O OE1   . GLU A 1 8   ? -15.239 -4.711  -9.144  1.00 42.41 ? 8    GLU A OE1   1 
ATOM   49  O OE2   . GLU A 1 8   ? -15.761 -2.717  -8.373  1.00 41.16 ? 8    GLU A OE2   1 
ATOM   50  N N     . VAL A 1 9   ? -10.092 -1.979  -8.083  1.00 32.73 ? 9    VAL A N     1 
ATOM   51  C CA    . VAL A 1 9   ? -8.746  -2.550  -8.210  1.00 31.76 ? 9    VAL A CA    1 
ATOM   52  C C     . VAL A 1 9   ? -8.329  -3.356  -6.975  1.00 31.28 ? 9    VAL A C     1 
ATOM   53  O O     . VAL A 1 9   ? -7.659  -4.387  -7.096  1.00 31.20 ? 9    VAL A O     1 
ATOM   54  C CB    . VAL A 1 9   ? -7.704  -1.449  -8.526  1.00 31.58 ? 9    VAL A CB    1 
ATOM   55  C CG1   . VAL A 1 9   ? -6.280  -1.904  -8.207  1.00 30.90 ? 9    VAL A CG1   1 
ATOM   56  C CG2   . VAL A 1 9   ? -7.821  -1.037  -9.973  1.00 31.68 ? 9    VAL A CG2   1 
ATOM   57  N N     . LEU A 1 10  ? -8.733  -2.877  -5.799  1.00 30.83 ? 10   LEU A N     1 
ATOM   58  C CA    . LEU A 1 10  ? -8.450  -3.536  -4.524  1.00 30.54 ? 10   LEU A CA    1 
ATOM   59  C C     . LEU A 1 10  ? -9.052  -4.927  -4.437  1.00 30.57 ? 10   LEU A C     1 
ATOM   60  O O     . LEU A 1 10  ? -8.447  -5.827  -3.857  1.00 30.84 ? 10   LEU A O     1 
ATOM   61  C CB    . LEU A 1 10  ? -8.992  -2.712  -3.361  1.00 30.57 ? 10   LEU A CB    1 
ATOM   62  C CG    . LEU A 1 10  ? -8.536  -1.263  -3.181  1.00 30.67 ? 10   LEU A CG    1 
ATOM   63  C CD1   . LEU A 1 10  ? -9.335  -0.667  -2.051  1.00 30.68 ? 10   LEU A CD1   1 
ATOM   64  C CD2   . LEU A 1 10  ? -7.034  -1.154  -2.918  1.00 29.80 ? 10   LEU A CD2   1 
ATOM   65  N N     . LYS A 1 11  ? -10.242 -5.095  -5.011  1.00 30.33 ? 11   LYS A N     1 
ATOM   66  C CA    . LYS A 1 11  ? -10.959 -6.368  -4.964  1.00 30.09 ? 11   LYS A CA    1 
ATOM   67  C C     . LYS A 1 11  ? -10.362 -7.419  -5.903  1.00 29.50 ? 11   LYS A C     1 
ATOM   68  O O     . LYS A 1 11  ? -10.589 -8.616  -5.713  1.00 29.67 ? 11   LYS A O     1 
ATOM   69  C CB    . LYS A 1 11  ? -12.438 -6.170  -5.305  1.00 30.37 ? 11   LYS A CB    1 
ATOM   70  C CG    . LYS A 1 11  ? -13.143 -5.055  -4.534  1.00 31.59 ? 11   LYS A CG    1 
ATOM   71  C CD    . LYS A 1 11  ? -14.464 -4.696  -5.211  1.00 33.59 ? 11   LYS A CD    1 
ATOM   72  C CE    . LYS A 1 11  ? -15.144 -3.501  -4.550  1.00 34.78 ? 11   LYS A CE    1 
ATOM   73  N NZ    . LYS A 1 11  ? -16.149 -2.882  -5.471  1.00 35.63 ? 11   LYS A NZ    1 
ATOM   74  N N     . ASN A 1 12  ? -9.608  -6.980  -6.910  1.00 28.36 ? 12   ASN A N     1 
ATOM   75  C CA    . ASN A 1 12  ? -9.103  -7.892  -7.933  1.00 27.48 ? 12   ASN A CA    1 
ATOM   76  C C     . ASN A 1 12  ? -7.741  -8.536  -7.618  1.00 27.00 ? 12   ASN A C     1 
ATOM   77  O O     . ASN A 1 12  ? -7.053  -8.144  -6.667  1.00 27.04 ? 12   ASN A O     1 
ATOM   78  C CB    . ASN A 1 12  ? -9.084  -7.190  -9.292  1.00 27.58 ? 12   ASN A CB    1 
ATOM   79  C CG    . ASN A 1 12  ? -10.475 -7.061  -9.900  1.00 28.07 ? 12   ASN A CG    1 
ATOM   80  O OD1   . ASN A 1 12  ? -10.997 -8.013  -10.479 1.00 28.39 ? 12   ASN A OD1   1 
ATOM   81  N ND2   . ASN A 1 12  ? -11.074 -5.881  -9.781  1.00 27.35 ? 12   ASN A ND2   1 
ATOM   82  N N     . GLU A 1 13  ? -7.377  -9.546  -8.406  1.00 26.17 ? 13   GLU A N     1 
ATOM   83  C CA    . GLU A 1 13  ? -6.061  -10.179 -8.320  1.00 25.51 ? 13   GLU A CA    1 
ATOM   84  C C     . GLU A 1 13  ? -4.984  -9.155  -8.676  1.00 24.09 ? 13   GLU A C     1 
ATOM   85  O O     . GLU A 1 13  ? -5.176  -8.318  -9.556  1.00 23.82 ? 13   GLU A O     1 
ATOM   86  C CB    . GLU A 1 13  ? -6.009  -11.413 -9.243  1.00 26.12 ? 13   GLU A CB    1 
ATOM   87  C CG    . GLU A 1 13  ? -4.620  -12.011 -9.534  1.00 29.53 ? 13   GLU A CG    1 
ATOM   88  C CD    . GLU A 1 13  ? -3.932  -11.377 -10.756 1.00 35.12 ? 13   GLU A CD    1 
ATOM   89  O OE1   . GLU A 1 13  ? -4.467  -11.506 -11.890 1.00 36.53 ? 13   GLU A OE1   1 
ATOM   90  O OE2   . GLU A 1 13  ? -2.848  -10.754 -10.583 1.00 36.93 ? 13   GLU A OE2   1 
ATOM   91  N N     . GLY A 1 14  ? -3.862  -9.209  -7.974  1.00 22.69 ? 14   GLY A N     1 
ATOM   92  C CA    . GLY A 1 14  ? -2.767  -8.298  -8.247  1.00 20.69 ? 14   GLY A CA    1 
ATOM   93  C C     . GLY A 1 14  ? -1.788  -8.130  -7.107  1.00 19.37 ? 14   GLY A C     1 
ATOM   94  O O     . GLY A 1 14  ? -2.151  -8.200  -5.924  1.00 18.84 ? 14   GLY A O     1 
ATOM   95  N N     . VAL A 1 15  ? -0.539  -7.898  -7.489  1.00 18.20 ? 15   VAL A N     1 
ATOM   96  C CA    . VAL A 1 15  ? 0.557   -7.664  -6.559  1.00 17.15 ? 15   VAL A CA    1 
ATOM   97  C C     . VAL A 1 15  ? 0.845   -6.164  -6.446  1.00 16.56 ? 15   VAL A C     1 
ATOM   98  O O     . VAL A 1 15  ? 0.961   -5.465  -7.445  1.00 16.35 ? 15   VAL A O     1 
ATOM   99  C CB    . VAL A 1 15  ? 1.831   -8.441  -6.995  1.00 17.25 ? 15   VAL A CB    1 
ATOM   100 C CG1   . VAL A 1 15  ? 3.037   -8.042  -6.164  1.00 16.02 ? 15   VAL A CG1   1 
ATOM   101 C CG2   . VAL A 1 15  ? 1.585   -9.962  -6.914  1.00 17.05 ? 15   VAL A CG2   1 
ATOM   102 N N     . VAL A 1 16  ? 0.938   -5.695  -5.208  1.00 15.72 ? 16   VAL A N     1 
ATOM   103 C CA    . VAL A 1 16  ? 1.281   -4.318  -4.891  1.00 15.07 ? 16   VAL A CA    1 
ATOM   104 C C     . VAL A 1 16  ? 2.792   -4.209  -4.676  1.00 14.82 ? 16   VAL A C     1 
ATOM   105 O O     . VAL A 1 16  ? 3.421   -5.121  -4.120  1.00 14.55 ? 16   VAL A O     1 
ATOM   106 C CB    . VAL A 1 16  ? 0.552   -3.846  -3.606  1.00 15.09 ? 16   VAL A CB    1 
ATOM   107 C CG1   . VAL A 1 16  ? 1.034   -2.477  -3.163  1.00 14.59 ? 16   VAL A CG1   1 
ATOM   108 C CG2   . VAL A 1 16  ? -0.969  -3.839  -3.805  1.00 15.40 ? 16   VAL A CG2   1 
ATOM   109 N N     . ALA A 1 17  ? 3.365   -3.091  -5.117  1.00 14.07 ? 17   ALA A N     1 
ATOM   110 C CA    . ALA A 1 17  ? 4.768   -2.823  -4.908  1.00 13.87 ? 17   ALA A CA    1 
ATOM   111 C C     . ALA A 1 17  ? 4.895   -1.606  -4.018  1.00 13.58 ? 17   ALA A C     1 
ATOM   112 O O     . ALA A 1 17  ? 4.195   -0.630  -4.220  1.00 13.88 ? 17   ALA A O     1 
ATOM   113 C CB    . ALA A 1 17  ? 5.455   -2.579  -6.235  1.00 13.80 ? 17   ALA A CB    1 
ATOM   114 N N     . ILE A 1 18  ? 5.794   -1.673  -3.043  1.00 13.40 ? 18   ILE A N     1 
ATOM   115 C CA    . ILE A 1 18  ? 5.993   -0.587  -2.080  1.00 13.46 ? 18   ILE A CA    1 
ATOM   116 C C     . ILE A 1 18  ? 7.474   -0.200  -2.002  1.00 13.49 ? 18   ILE A C     1 
ATOM   117 O O     . ILE A 1 18  ? 8.337   -1.012  -1.646  1.00 12.98 ? 18   ILE A O     1 
ATOM   118 C CB    . ILE A 1 18  ? 5.415   -0.939  -0.670  1.00 13.23 ? 18   ILE A CB    1 
ATOM   119 C CG1   . ILE A 1 18  ? 3.881   -0.995  -0.704  1.00 12.78 ? 18   ILE A CG1   1 
ATOM   120 C CG2   . ILE A 1 18  ? 5.870   0.073   0.392   1.00 13.58 ? 18   ILE A CG2   1 
ATOM   121 C CD1   . ILE A 1 18  ? 3.255   -1.875  0.394   1.00 10.64 ? 18   ILE A CD1   1 
ATOM   122 N N     . ALA A 1 19  ? 7.755   1.052   -2.341  1.00 13.87 ? 19   ALA A N     1 
ATOM   123 C CA    . ALA A 1 19  ? 9.118   1.537   -2.377  1.00 14.48 ? 19   ALA A CA    1 
ATOM   124 C C     . ALA A 1 19  ? 9.363   2.471   -1.212  1.00 15.16 ? 19   ALA A C     1 
ATOM   125 O O     . ALA A 1 19  ? 8.585   3.402   -0.981  1.00 14.98 ? 19   ALA A O     1 
ATOM   126 C CB    . ALA A 1 19  ? 9.407   2.243   -3.705  1.00 14.11 ? 19   ALA A CB    1 
ATOM   127 N N     . THR A 1 20  ? 10.441  2.205   -0.476  1.00 15.98 ? 20   THR A N     1 
ATOM   128 C CA    . THR A 1 20  ? 10.904  3.109   0.569   1.00 17.06 ? 20   THR A CA    1 
ATOM   129 C C     . THR A 1 20  ? 12.302  3.667   0.280   1.00 17.71 ? 20   THR A C     1 
ATOM   130 O O     . THR A 1 20  ? 13.033  3.161   -0.577  1.00 17.80 ? 20   THR A O     1 
ATOM   131 C CB    . THR A 1 20  ? 10.898  2.446   1.966   1.00 16.81 ? 20   THR A CB    1 
ATOM   132 O OG1   . THR A 1 20  ? 11.648  1.221   1.929   1.00 17.49 ? 20   THR A OG1   1 
ATOM   133 C CG2   . THR A 1 20  ? 9.481   2.171   2.413   1.00 16.64 ? 20   THR A CG2   1 
ATOM   134 N N     . GLN A 1 21  ? 12.657  4.717   1.008   1.00 18.74 ? 21   GLN A N     1 
ATOM   135 C CA    . GLN A 1 21  ? 13.945  5.376   0.861   1.00 19.83 ? 21   GLN A CA    1 
ATOM   136 C C     . GLN A 1 21  ? 14.884  4.967   1.998   1.00 21.10 ? 21   GLN A C     1 
ATOM   137 O O     . GLN A 1 21  ? 14.586  5.181   3.174   1.00 21.12 ? 21   GLN A O     1 
ATOM   138 C CB    . GLN A 1 21  ? 13.751  6.902   0.830   1.00 19.66 ? 21   GLN A CB    1 
ATOM   139 C CG    . GLN A 1 21  ? 15.034  7.710   0.633   1.00 18.98 ? 21   GLN A CG    1 
ATOM   140 C CD    . GLN A 1 21  ? 15.654  7.491   -0.738  1.00 17.59 ? 21   GLN A CD    1 
ATOM   141 O OE1   . GLN A 1 21  ? 15.207  8.065   -1.720  1.00 17.96 ? 21   GLN A OE1   1 
ATOM   142 N NE2   . GLN A 1 21  ? 16.682  6.657   -0.803  1.00 15.68 ? 21   GLN A NE2   1 
ATOM   143 N N     . GLY A 1 22  ? 16.007  4.356   1.646   1.00 22.69 ? 22   GLY A N     1 
ATOM   144 C CA    . GLY A 1 22  ? 17.052  4.068   2.622   1.00 24.54 ? 22   GLY A CA    1 
ATOM   145 C C     . GLY A 1 22  ? 18.233  4.994   2.418   1.00 26.00 ? 22   GLY A C     1 
ATOM   146 O O     . GLY A 1 22  ? 18.240  5.802   1.482   1.00 26.09 ? 22   GLY A O     1 
ATOM   147 N N     . GLU A 1 23  ? 19.224  4.882   3.303   1.00 27.40 ? 23   GLU A N     1 
ATOM   148 C CA    . GLU A 1 23  ? 20.511  5.564   3.135   1.00 28.89 ? 23   GLU A CA    1 
ATOM   149 C C     . GLU A 1 23  ? 21.433  4.819   2.164   1.00 28.92 ? 23   GLU A C     1 
ATOM   150 O O     . GLU A 1 23  ? 22.498  5.323   1.803   1.00 29.76 ? 23   GLU A O     1 
ATOM   151 C CB    . GLU A 1 23  ? 21.189  5.807   4.498   1.00 29.60 ? 23   GLU A CB    1 
ATOM   152 C CG    . GLU A 1 23  ? 20.701  7.107   5.172   1.00 32.71 ? 23   GLU A CG    1 
ATOM   153 C CD    . GLU A 1 23  ? 21.076  7.226   6.648   1.00 37.00 ? 23   GLU A CD    1 
ATOM   154 O OE1   . GLU A 1 23  ? 22.278  7.450   6.944   1.00 38.32 ? 23   GLU A OE1   1 
ATOM   155 O OE2   . GLU A 1 23  ? 20.159  7.123   7.511   1.00 38.22 ? 23   GLU A OE2   1 
ATOM   156 N N     . ASP A 1 24  ? 21.003  3.631   1.736   1.00 28.58 ? 24   ASP A N     1 
ATOM   157 C CA    . ASP A 1 24  ? 21.723  2.817   0.758   1.00 28.11 ? 24   ASP A CA    1 
ATOM   158 C C     . ASP A 1 24  ? 20.954  2.698   -0.561  1.00 27.27 ? 24   ASP A C     1 
ATOM   159 O O     . ASP A 1 24  ? 21.116  1.721   -1.293  1.00 27.73 ? 24   ASP A O     1 
ATOM   160 C CB    . ASP A 1 24  ? 21.976  1.413   1.334   1.00 28.59 ? 24   ASP A CB    1 
ATOM   161 C CG    . ASP A 1 24  ? 20.671  0.672   1.731   1.00 30.09 ? 24   ASP A CG    1 
ATOM   162 O OD1   . ASP A 1 24  ? 19.566  1.268   1.680   1.00 29.75 ? 24   ASP A OD1   1 
ATOM   163 O OD2   . ASP A 1 24  ? 20.760  -0.523  2.106   1.00 31.48 ? 24   ASP A OD2   1 
ATOM   164 N N     . GLY A 1 25  ? 20.103  3.677   -0.851  1.00 26.02 ? 25   GLY A N     1 
ATOM   165 C CA    . GLY A 1 25  ? 19.214  3.611   -2.010  1.00 24.43 ? 25   GLY A CA    1 
ATOM   166 C C     . GLY A 1 25  ? 17.787  3.209   -1.650  1.00 23.41 ? 25   GLY A C     1 
ATOM   167 O O     . GLY A 1 25  ? 17.449  3.074   -0.471  1.00 23.24 ? 25   GLY A O     1 
ATOM   168 N N     . PRO A 1 26  ? 16.933  3.007   -2.667  1.00 22.55 ? 26   PRO A N     1 
ATOM   169 C CA    . PRO A 1 26  ? 15.545  2.638   -2.399  1.00 21.85 ? 26   PRO A CA    1 
ATOM   170 C C     . PRO A 1 26  ? 15.432  1.190   -1.925  1.00 21.25 ? 26   PRO A C     1 
ATOM   171 O O     . PRO A 1 26  ? 16.369  0.406   -2.110  1.00 21.20 ? 26   PRO A O     1 
ATOM   172 C CB    . PRO A 1 26  ? 14.859  2.787   -3.764  1.00 21.87 ? 26   PRO A CB    1 
ATOM   173 C CG    . PRO A 1 26  ? 15.942  2.930   -4.778  1.00 22.14 ? 26   PRO A CG    1 
ATOM   174 C CD    . PRO A 1 26  ? 17.271  2.944   -4.101  1.00 22.44 ? 26   PRO A CD    1 
ATOM   175 N N     . HIS A 1 27  ? 14.306  0.852   -1.300  1.00 20.13 ? 27   HIS A N     1 
ATOM   176 C CA    . HIS A 1 27  ? 13.946  -0.549  -1.051  1.00 19.46 ? 27   HIS A CA    1 
ATOM   177 C C     . HIS A 1 27  ? 12.545  -0.835  -1.589  1.00 19.07 ? 27   HIS A C     1 
ATOM   178 O O     . HIS A 1 27  ? 11.719  0.068   -1.703  1.00 19.29 ? 27   HIS A O     1 
ATOM   179 C CB    . HIS A 1 27  ? 14.065  -0.920  0.431   1.00 19.05 ? 27   HIS A CB    1 
ATOM   180 C CG    . HIS A 1 27  ? 13.931  -2.387  0.702   1.00 18.54 ? 27   HIS A CG    1 
ATOM   181 N ND1   . HIS A 1 27  ? 14.659  -3.340  0.025   1.00 18.25 ? 27   HIS A ND1   1 
ATOM   182 C CD2   . HIS A 1 27  ? 13.157  -3.062  1.584   1.00 18.42 ? 27   HIS A CD2   1 
ATOM   183 C CE1   . HIS A 1 27  ? 14.337  -4.539  0.475   1.00 17.94 ? 27   HIS A CE1   1 
ATOM   184 N NE2   . HIS A 1 27  ? 13.426  -4.399  1.422   1.00 17.31 ? 27   HIS A NE2   1 
ATOM   185 N N     . LEU A 1 28  ? 12.291  -2.097  -1.915  1.00 18.62 ? 28   LEU A N     1 
ATOM   186 C CA    . LEU A 1 28  ? 11.085  -2.486  -2.627  1.00 17.87 ? 28   LEU A CA    1 
ATOM   187 C C     . LEU A 1 28  ? 10.525  -3.797  -2.085  1.00 17.70 ? 28   LEU A C     1 
ATOM   188 O O     . LEU A 1 28  ? 11.228  -4.815  -2.062  1.00 17.88 ? 28   LEU A O     1 
ATOM   189 C CB    . LEU A 1 28  ? 11.394  -2.613  -4.127  1.00 17.60 ? 28   LEU A CB    1 
ATOM   190 C CG    . LEU A 1 28  ? 10.233  -2.659  -5.124  1.00 17.05 ? 28   LEU A CG    1 
ATOM   191 C CD1   . LEU A 1 28  ? 9.367   -1.423  -5.011  1.00 14.70 ? 28   LEU A CD1   1 
ATOM   192 C CD2   . LEU A 1 28  ? 10.759  -2.816  -6.539  1.00 16.50 ? 28   LEU A CD2   1 
ATOM   193 N N     . VAL A 1 29  ? 9.263   -3.758  -1.649  1.00 17.15 ? 29   VAL A N     1 
ATOM   194 C CA    . VAL A 1 29  ? 8.571   -4.932  -1.113  1.00 16.75 ? 29   VAL A CA    1 
ATOM   195 C C     . VAL A 1 29  ? 7.163   -5.076  -1.698  1.00 16.89 ? 29   VAL A C     1 
ATOM   196 O O     . VAL A 1 29  ? 6.661   -4.148  -2.347  1.00 16.69 ? 29   VAL A O     1 
ATOM   197 C CB    . VAL A 1 29  ? 8.509   -4.926  0.444   1.00 16.98 ? 29   VAL A CB    1 
ATOM   198 C CG1   . VAL A 1 29  ? 9.914   -4.929  1.052   1.00 15.39 ? 29   VAL A CG1   1 
ATOM   199 C CG2   . VAL A 1 29  ? 7.670   -3.757  0.968   1.00 16.42 ? 29   VAL A CG2   1 
ATOM   200 N N     . ASN A 1 30  ? 6.532   -6.234  -1.467  1.00 16.70 ? 30   ASN A N     1 
ATOM   201 C CA    . ASN A 1 30  ? 5.215   -6.528  -2.051  1.00 16.67 ? 30   ASN A CA    1 
ATOM   202 C C     . ASN A 1 30  ? 4.127   -6.868  -1.055  1.00 16.69 ? 30   ASN A C     1 
ATOM   203 O O     . ASN A 1 30  ? 4.398   -7.143  0.102   1.00 17.04 ? 30   ASN A O     1 
ATOM   204 C CB    . ASN A 1 30  ? 5.300   -7.682  -3.060  1.00 16.46 ? 30   ASN A CB    1 
ATOM   205 C CG    . ASN A 1 30  ? 6.279   -7.419  -4.164  1.00 15.77 ? 30   ASN A CG    1 
ATOM   206 O OD1   . ASN A 1 30  ? 7.339   -8.040  -4.219  1.00 16.50 ? 30   ASN A OD1   1 
ATOM   207 N ND2   . ASN A 1 30  ? 5.943   -6.493  -5.049  1.00 14.22 ? 30   ASN A ND2   1 
ATOM   208 N N     . THR A 1 31  ? 2.891   -6.831  -1.543  1.00 16.84 ? 31   THR A N     1 
ATOM   209 C CA    . THR A 1 31  ? 1.719   -7.390  -0.875  1.00 16.79 ? 31   THR A CA    1 
ATOM   210 C C     . THR A 1 31  ? 0.656   -7.622  -1.949  1.00 16.39 ? 31   THR A C     1 
ATOM   211 O O     . THR A 1 31  ? 0.926   -7.408  -3.119  1.00 16.32 ? 31   THR A O     1 
ATOM   212 C CB    . THR A 1 31  ? 1.193   -6.502  0.296   1.00 16.98 ? 31   THR A CB    1 
ATOM   213 O OG1   . THR A 1 31  ? 0.090   -7.162  0.938   1.00 17.49 ? 31   THR A OG1   1 
ATOM   214 C CG2   . THR A 1 31  ? 0.764   -5.117  -0.191  1.00 16.74 ? 31   THR A CG2   1 
ATOM   215 N N     . TYR A 1 32  ? -0.530  -8.081  -1.576  1.00 16.19 ? 32   TYR A N     1 
ATOM   216 C CA    . TYR A 1 32  ? -1.572  -8.312  -2.581  1.00 16.28 ? 32   TYR A CA    1 
ATOM   217 C C     . TYR A 1 32  ? -2.628  -7.240  -2.492  1.00 16.33 ? 32   TYR A C     1 
ATOM   218 O O     . TYR A 1 32  ? -2.917  -6.752  -1.401  1.00 16.39 ? 32   TYR A O     1 
ATOM   219 C CB    . TYR A 1 32  ? -2.207  -9.694  -2.429  1.00 16.16 ? 32   TYR A CB    1 
ATOM   220 C CG    . TYR A 1 32  ? -1.254  -10.824 -2.684  1.00 15.96 ? 32   TYR A CG    1 
ATOM   221 C CD1   . TYR A 1 32  ? -1.019  -11.285 -3.978  1.00 16.53 ? 32   TYR A CD1   1 
ATOM   222 C CD2   . TYR A 1 32  ? -0.577  -11.429 -1.631  1.00 15.90 ? 32   TYR A CD2   1 
ATOM   223 C CE1   . TYR A 1 32  ? -0.126  -12.325 -4.217  1.00 17.40 ? 32   TYR A CE1   1 
ATOM   224 C CE2   . TYR A 1 32  ? 0.316   -12.468 -1.854  1.00 16.50 ? 32   TYR A CE2   1 
ATOM   225 C CZ    . TYR A 1 32  ? 0.537   -12.908 -3.143  1.00 17.40 ? 32   TYR A CZ    1 
ATOM   226 O OH    . TYR A 1 32  ? 1.416   -13.948 -3.350  1.00 19.99 ? 32   TYR A OH    1 
ATOM   227 N N     . ASN A 1 33  ? -3.194  -6.878  -3.641  1.00 16.68 ? 33   ASN A N     1 
ATOM   228 C CA    . ASN A 1 33  ? -4.250  -5.876  -3.707  1.00 16.94 ? 33   ASN A CA    1 
ATOM   229 C C     . ASN A 1 33  ? -5.313  -6.156  -2.655  1.00 17.14 ? 33   ASN A C     1 
ATOM   230 O O     . ASN A 1 33  ? -5.746  -5.248  -1.946  1.00 17.06 ? 33   ASN A O     1 
ATOM   231 C CB    . ASN A 1 33  ? -4.922  -5.873  -5.084  1.00 17.12 ? 33   ASN A CB    1 
ATOM   232 C CG    . ASN A 1 33  ? -4.030  -5.343  -6.201  1.00 17.49 ? 33   ASN A CG    1 
ATOM   233 O OD1   . ASN A 1 33  ? -2.804  -5.345  -6.116  1.00 18.35 ? 33   ASN A OD1   1 
ATOM   234 N ND2   . ASN A 1 33  ? -4.664  -4.903  -7.276  1.00 19.08 ? 33   ASN A ND2   1 
ATOM   235 N N     . SER A 1 34  ? -5.715  -7.422  -2.544  1.00 17.45 ? 34   SER A N     1 
ATOM   236 C CA    . SER A 1 34  ? -6.831  -7.811  -1.669  1.00 17.93 ? 34   SER A CA    1 
ATOM   237 C C     . SER A 1 34  ? -6.454  -7.922  -0.192  1.00 18.19 ? 34   SER A C     1 
ATOM   238 O O     . SER A 1 34  ? -7.320  -8.072  0.669   1.00 18.24 ? 34   SER A O     1 
ATOM   239 C CB    . SER A 1 34  ? -7.498  -9.097  -2.169  1.00 17.73 ? 34   SER A CB    1 
ATOM   240 O OG    . SER A 1 34  ? -6.547  -10.141 -2.302  1.00 19.09 ? 34   SER A OG    1 
ATOM   241 N N     . TYR A 1 35  ? -5.162  -7.824  0.104   1.00 18.74 ? 35   TYR A N     1 
ATOM   242 C CA    . TYR A 1 35  ? -4.696  -7.775  1.483   1.00 19.10 ? 35   TYR A CA    1 
ATOM   243 C C     . TYR A 1 35  ? -4.855  -6.372  2.050   1.00 19.69 ? 35   TYR A C     1 
ATOM   244 O O     . TYR A 1 35  ? -4.922  -6.203  3.268   1.00 20.17 ? 35   TYR A O     1 
ATOM   245 C CB    . TYR A 1 35  ? -3.221  -8.176  1.569   1.00 18.99 ? 35   TYR A CB    1 
ATOM   246 C CG    . TYR A 1 35  ? -2.913  -9.662  1.556   1.00 18.47 ? 35   TYR A CG    1 
ATOM   247 C CD1   . TYR A 1 35  ? -3.770  -10.589 0.954   1.00 18.88 ? 35   TYR A CD1   1 
ATOM   248 C CD2   . TYR A 1 35  ? -1.730  -10.134 2.119   1.00 18.05 ? 35   TYR A CD2   1 
ATOM   249 C CE1   . TYR A 1 35  ? -3.454  -11.953 0.939   1.00 18.92 ? 35   TYR A CE1   1 
ATOM   250 C CE2   . TYR A 1 35  ? -1.406  -11.479 2.106   1.00 17.85 ? 35   TYR A CE2   1 
ATOM   251 C CZ    . TYR A 1 35  ? -2.264  -12.379 1.515   1.00 19.22 ? 35   TYR A CZ    1 
ATOM   252 O OH    . TYR A 1 35  ? -1.922  -13.708 1.517   1.00 21.69 ? 35   TYR A OH    1 
ATOM   253 N N     . LEU A 1 36  ? -4.905  -5.371  1.173   1.00 20.17 ? 36   LEU A N     1 
ATOM   254 C CA    . LEU A 1 36  ? -4.978  -3.973  1.598   1.00 21.00 ? 36   LEU A CA    1 
ATOM   255 C C     . LEU A 1 36  ? -6.307  -3.668  2.252   1.00 21.64 ? 36   LEU A C     1 
ATOM   256 O O     . LEU A 1 36  ? -7.321  -4.275  1.921   1.00 21.63 ? 36   LEU A O     1 
ATOM   257 C CB    . LEU A 1 36  ? -4.779  -3.009  0.422   1.00 20.73 ? 36   LEU A CB    1 
ATOM   258 C CG    . LEU A 1 36  ? -3.447  -3.003  -0.331  1.00 20.68 ? 36   LEU A CG    1 
ATOM   259 C CD1   . LEU A 1 36  ? -3.438  -1.881  -1.347  1.00 19.80 ? 36   LEU A CD1   1 
ATOM   260 C CD2   . LEU A 1 36  ? -2.262  -2.867  0.610   1.00 20.17 ? 36   LEU A CD2   1 
ATOM   261 N N     . LYS A 1 37  ? -6.292  -2.718  3.179   1.00 22.57 ? 37   LYS A N     1 
ATOM   262 C CA    . LYS A 1 37  ? -7.509  -2.258  3.829   1.00 23.48 ? 37   LYS A CA    1 
ATOM   263 C C     . LYS A 1 37  ? -7.528  -0.745  3.828   1.00 24.26 ? 37   LYS A C     1 
ATOM   264 O O     . LYS A 1 37  ? -6.568  -0.103  4.259   1.00 24.78 ? 37   LYS A O     1 
ATOM   265 C CB    . LYS A 1 37  ? -7.592  -2.784  5.262   1.00 23.32 ? 37   LYS A CB    1 
ATOM   266 C CG    . LYS A 1 37  ? -7.471  -4.300  5.388   1.00 23.70 ? 37   LYS A CG    1 
ATOM   267 C CD    . LYS A 1 37  ? -8.748  -4.999  4.976   1.00 24.78 ? 37   LYS A CD    1 
ATOM   268 C CE    . LYS A 1 37  ? -8.585  -6.512  5.015   1.00 25.33 ? 37   LYS A CE    1 
ATOM   269 N NZ    . LYS A 1 37  ? -7.791  -7.022  3.861   1.00 25.43 ? 37   LYS A NZ    1 
ATOM   270 N N     . VAL A 1 38  ? -8.619  -0.177  3.335   1.00 25.25 ? 38   VAL A N     1 
ATOM   271 C CA    . VAL A 1 38  ? -8.754  1.266   3.246   1.00 26.06 ? 38   VAL A CA    1 
ATOM   272 C C     . VAL A 1 38  ? -9.634  1.760   4.379   1.00 26.82 ? 38   VAL A C     1 
ATOM   273 O O     . VAL A 1 38  ? -10.717 1.231   4.589   1.00 26.84 ? 38   VAL A O     1 
ATOM   274 C CB    . VAL A 1 38  ? -9.338  1.689   1.882   1.00 26.17 ? 38   VAL A CB    1 
ATOM   275 C CG1   . VAL A 1 38  ? -9.624  3.204   1.843   1.00 26.26 ? 38   VAL A CG1   1 
ATOM   276 C CG2   . VAL A 1 38  ? -8.391  1.294   0.759   1.00 25.50 ? 38   VAL A CG2   1 
ATOM   277 N N     . LEU A 1 39  ? -9.148  2.756   5.118   1.00 27.58 ? 39   LEU A N     1 
ATOM   278 C CA    . LEU A 1 39  ? -9.956  3.463   6.106   1.00 28.38 ? 39   LEU A CA    1 
ATOM   279 C C     . LEU A 1 39  ? -10.144 4.915   5.671   1.00 29.14 ? 39   LEU A C     1 
ATOM   280 O O     . LEU A 1 39  ? -9.697  5.302   4.594   1.00 29.63 ? 39   LEU A O     1 
ATOM   281 C CB    . LEU A 1 39  ? -9.288  3.396   7.482   1.00 28.53 ? 39   LEU A CB    1 
ATOM   282 C CG    . LEU A 1 39  ? -8.904  1.999   7.993   1.00 28.55 ? 39   LEU A CG    1 
ATOM   283 C CD1   . LEU A 1 39  ? -7.950  2.108   9.166   1.00 27.84 ? 39   LEU A CD1   1 
ATOM   284 C CD2   . LEU A 1 39  ? -10.141 1.175   8.372   1.00 27.81 ? 39   LEU A CD2   1 
ATOM   285 N N     . ASP A 1 40  ? -10.810 5.718   6.495   1.00 29.80 ? 40   ASP A N     1 
ATOM   286 C CA    . ASP A 1 40  ? -10.915 7.156   6.224   1.00 30.46 ? 40   ASP A CA    1 
ATOM   287 C C     . ASP A 1 40  ? -9.616  7.892   6.570   1.00 29.93 ? 40   ASP A C     1 
ATOM   288 O O     . ASP A 1 40  ? -8.739  7.338   7.233   1.00 30.43 ? 40   ASP A O     1 
ATOM   289 C CB    . ASP A 1 40  ? -12.102 7.778   6.967   1.00 31.06 ? 40   ASP A CB    1 
ATOM   290 C CG    . ASP A 1 40  ? -12.334 9.245   6.580   1.00 33.79 ? 40   ASP A CG    1 
ATOM   291 O OD1   . ASP A 1 40  ? -12.592 10.063  7.503   1.00 36.90 ? 40   ASP A OD1   1 
ATOM   292 O OD2   . ASP A 1 40  ? -12.237 9.579   5.365   1.00 35.13 ? 40   ASP A OD2   1 
ATOM   293 N N     . GLY A 1 41  ? -9.497  9.139   6.126   1.00 29.19 ? 41   GLY A N     1 
ATOM   294 C CA    . GLY A 1 41  ? -8.254  9.883   6.268   1.00 28.19 ? 41   GLY A CA    1 
ATOM   295 C C     . GLY A 1 41  ? -7.227  9.447   5.240   1.00 27.57 ? 41   GLY A C     1 
ATOM   296 O O     . GLY A 1 41  ? -6.028  9.556   5.483   1.00 27.79 ? 41   GLY A O     1 
ATOM   297 N N     . ASN A 1 42  ? -7.709  8.942   4.102   1.00 26.80 ? 42   ASN A N     1 
ATOM   298 C CA    . ASN A 1 42  ? -6.872  8.496   2.979   1.00 26.48 ? 42   ASN A CA    1 
ATOM   299 C C     . ASN A 1 42  ? -5.854  7.429   3.359   1.00 25.65 ? 42   ASN A C     1 
ATOM   300 O O     . ASN A 1 42  ? -4.750  7.390   2.806   1.00 25.68 ? 42   ASN A O     1 
ATOM   301 C CB    . ASN A 1 42  ? -6.160  9.685   2.318   1.00 26.76 ? 42   ASN A CB    1 
ATOM   302 C CG    . ASN A 1 42  ? -7.115  10.598  1.585   1.00 28.22 ? 42   ASN A CG    1 
ATOM   303 O OD1   . ASN A 1 42  ? -7.044  10.728  0.363   1.00 30.03 ? 42   ASN A OD1   1 
ATOM   304 N ND2   . ASN A 1 42  ? -8.027  11.226  2.324   1.00 29.52 ? 42   ASN A ND2   1 
ATOM   305 N N     . ARG A 1 43  ? -6.237  6.573   4.302   1.00 24.64 ? 43   ARG A N     1 
ATOM   306 C CA    . ARG A 1 43  ? -5.329  5.589   4.870   1.00 23.60 ? 43   ARG A CA    1 
ATOM   307 C C     . ARG A 1 43  ? -5.514  4.216   4.253   1.00 23.05 ? 43   ARG A C     1 
ATOM   308 O O     . ARG A 1 43  ? -6.605  3.633   4.324   1.00 22.91 ? 43   ARG A O     1 
ATOM   309 C CB    . ARG A 1 43  ? -5.495  5.513   6.386   1.00 23.51 ? 43   ARG A CB    1 
ATOM   310 C CG    . ARG A 1 43  ? -4.949  6.723   7.143   1.00 23.27 ? 43   ARG A CG    1 
ATOM   311 C CD    . ARG A 1 43  ? -5.294  6.632   8.607   1.00 22.59 ? 43   ARG A CD    1 
ATOM   312 N NE    . ARG A 1 43  ? -6.732  6.776   8.815   1.00 22.34 ? 43   ARG A NE    1 
ATOM   313 C CZ    . ARG A 1 43  ? -7.389  6.349   9.887   1.00 22.15 ? 43   ARG A CZ    1 
ATOM   314 N NH1   . ARG A 1 43  ? -6.750  5.722   10.865  1.00 21.52 ? 43   ARG A NH1   1 
ATOM   315 N NH2   . ARG A 1 43  ? -8.695  6.543   9.976   1.00 22.26 ? 43   ARG A NH2   1 
ATOM   316 N N     . ILE A 1 44  ? -4.442  3.723   3.632   1.00 21.88 ? 44   ILE A N     1 
ATOM   317 C CA    . ILE A 1 44  ? -4.376  2.342   3.160   1.00 21.05 ? 44   ILE A CA    1 
ATOM   318 C C     . ILE A 1 44  ? -3.540  1.554   4.162   1.00 20.07 ? 44   ILE A C     1 
ATOM   319 O O     . ILE A 1 44  ? -2.449  1.989   4.527   1.00 20.15 ? 44   ILE A O     1 
ATOM   320 C CB    . ILE A 1 44  ? -3.780  2.251   1.726   1.00 21.23 ? 44   ILE A CB    1 
ATOM   321 C CG1   . ILE A 1 44  ? -4.713  2.938   0.722   1.00 22.20 ? 44   ILE A CG1   1 
ATOM   322 C CG2   . ILE A 1 44  ? -3.572  0.803   1.316   1.00 21.02 ? 44   ILE A CG2   1 
ATOM   323 C CD1   . ILE A 1 44  ? -4.060  3.274   -0.603  1.00 23.31 ? 44   ILE A CD1   1 
ATOM   324 N N     . VAL A 1 45  ? -4.065  0.414   4.614   1.00 18.95 ? 45   VAL A N     1 
ATOM   325 C CA    . VAL A 1 45  ? -3.406  -0.398  5.644   1.00 17.78 ? 45   VAL A CA    1 
ATOM   326 C C     . VAL A 1 45  ? -2.904  -1.717  5.091   1.00 17.62 ? 45   VAL A C     1 
ATOM   327 O O     . VAL A 1 45  ? -3.632  -2.424  4.401   1.00 17.76 ? 45   VAL A O     1 
ATOM   328 C CB    . VAL A 1 45  ? -4.341  -0.691  6.836   1.00 17.69 ? 45   VAL A CB    1 
ATOM   329 C CG1   . VAL A 1 45  ? -3.554  -1.276  7.996   1.00 15.75 ? 45   VAL A CG1   1 
ATOM   330 C CG2   . VAL A 1 45  ? -5.067  0.569   7.263   1.00 17.35 ? 45   VAL A CG2   1 
ATOM   331 N N     . VAL A 1 46  ? -1.655  -2.041  5.419   1.00 17.52 ? 46   VAL A N     1 
ATOM   332 C CA    . VAL A 1 46  ? -0.971  -3.230  4.892   1.00 17.20 ? 46   VAL A CA    1 
ATOM   333 C C     . VAL A 1 46  ? -0.595  -4.158  6.046   1.00 16.61 ? 46   VAL A C     1 
ATOM   334 O O     . VAL A 1 46  ? -0.071  -3.701  7.056   1.00 16.46 ? 46   VAL A O     1 
ATOM   335 C CB    . VAL A 1 46  ? 0.323   -2.830  4.112   1.00 17.55 ? 46   VAL A CB    1 
ATOM   336 C CG1   . VAL A 1 46  ? 0.893   -4.012  3.348   1.00 17.07 ? 46   VAL A CG1   1 
ATOM   337 C CG2   . VAL A 1 46  ? 0.045   -1.671  3.157   1.00 17.46 ? 46   VAL A CG2   1 
ATOM   338 N N     . PRO A 1 47  ? -0.867  -5.464  5.911   1.00 16.37 ? 47   PRO A N     1 
ATOM   339 C CA    . PRO A 1 47  ? -0.433  -6.365  6.977   1.00 16.36 ? 47   PRO A CA    1 
ATOM   340 C C     . PRO A 1 47  ? 1.077   -6.597  6.923   1.00 16.35 ? 47   PRO A C     1 
ATOM   341 O O     . PRO A 1 47  ? 1.631   -6.837  5.847   1.00 16.62 ? 47   PRO A O     1 
ATOM   342 C CB    . PRO A 1 47  ? -1.199  -7.648  6.680   1.00 16.33 ? 47   PRO A CB    1 
ATOM   343 C CG    . PRO A 1 47  ? -1.439  -7.596  5.195   1.00 16.44 ? 47   PRO A CG    1 
ATOM   344 C CD    . PRO A 1 47  ? -1.632  -6.162  4.864   1.00 16.27 ? 47   PRO A CD    1 
ATOM   345 N N     . VAL A 1 48  ? 1.735   -6.501  8.074   1.00 16.37 ? 48   VAL A N     1 
ATOM   346 C CA    . VAL A 1 48  ? 3.187   -6.633  8.151   1.00 15.90 ? 48   VAL A CA    1 
ATOM   347 C C     . VAL A 1 48  ? 3.563   -7.978  8.768   1.00 16.46 ? 48   VAL A C     1 
ATOM   348 O O     . VAL A 1 48  ? 3.223   -8.266  9.909   1.00 16.49 ? 48   VAL A O     1 
ATOM   349 C CB    . VAL A 1 48  ? 3.804   -5.464  8.960   1.00 15.96 ? 48   VAL A CB    1 
ATOM   350 C CG1   . VAL A 1 48  ? 5.297   -5.671  9.192   1.00 14.78 ? 48   VAL A CG1   1 
ATOM   351 C CG2   . VAL A 1 48  ? 3.537   -4.119  8.265   1.00 14.97 ? 48   VAL A CG2   1 
ATOM   352 N N     . GLY A 1 49  ? 4.244   -8.813  7.990   1.00 17.00 ? 49   GLY A N     1 
ATOM   353 C CA    . GLY A 1 49  ? 4.795   -10.062 8.489   1.00 17.18 ? 49   GLY A CA    1 
ATOM   354 C C     . GLY A 1 49  ? 6.282   -9.891  8.671   1.00 17.88 ? 49   GLY A C     1 
ATOM   355 O O     . GLY A 1 49  ? 6.816   -10.131 9.750   1.00 18.20 ? 49   GLY A O     1 
ATOM   356 N N     . GLY A 1 50  ? 6.950   -9.461  7.604   1.00 18.25 ? 50   GLY A N     1 
ATOM   357 C CA    . GLY A 1 50  ? 8.390   -9.217  7.627   1.00 18.16 ? 50   GLY A CA    1 
ATOM   358 C C     . GLY A 1 50  ? 8.641   -7.721  7.632   1.00 18.32 ? 50   GLY A C     1 
ATOM   359 O O     . GLY A 1 50  ? 8.542   -7.071  8.675   1.00 18.35 ? 50   GLY A O     1 
ATOM   360 N N     . MET A 1 51  ? 8.953   -7.175  6.458   1.00 18.21 ? 51   MET A N     1 
ATOM   361 C CA    . MET A 1 51  ? 9.150   -5.726  6.273   1.00 18.22 ? 51   MET A CA    1 
ATOM   362 C C     . MET A 1 51  ? 10.029  -5.107  7.351   1.00 18.06 ? 51   MET A C     1 
ATOM   363 O O     . MET A 1 51  ? 9.715   -4.061  7.903   1.00 18.11 ? 51   MET A O     1 
ATOM   364 C CB    . MET A 1 51  ? 7.808   -4.990  6.139   1.00 18.17 ? 51   MET A CB    1 
ATOM   365 C CG    . MET A 1 51  ? 6.989   -5.446  4.943   1.00 18.81 ? 51   MET A CG    1 
ATOM   366 S SD    . MET A 1 51  ? 5.592   -4.380  4.513   1.00 22.21 ? 51   MET A SD    1 
ATOM   367 C CE    . MET A 1 51  ? 4.875   -5.325  3.169   1.00 19.72 ? 51   MET A CE    1 
ATOM   368 N N     . HIS A 1 52  ? 11.144  -5.770  7.634   1.00 18.23 ? 52   HIS A N     1 
ATOM   369 C CA    . HIS A 1 52  ? 12.115  -5.276  8.602   1.00 18.59 ? 52   HIS A CA    1 
ATOM   370 C C     . HIS A 1 52  ? 12.983  -4.156  8.040   1.00 18.66 ? 52   HIS A C     1 
ATOM   371 O O     . HIS A 1 52  ? 13.184  -3.138  8.705   1.00 18.62 ? 52   HIS A O     1 
ATOM   372 C CB    . HIS A 1 52  ? 12.967  -6.426  9.136   1.00 18.77 ? 52   HIS A CB    1 
ATOM   373 C CG    . HIS A 1 52  ? 12.156  -7.528  9.737   1.00 18.96 ? 52   HIS A CG    1 
ATOM   374 N ND1   . HIS A 1 52  ? 11.489  -7.389  10.937  1.00 19.03 ? 52   HIS A ND1   1 
ATOM   375 C CD2   . HIS A 1 52  ? 11.868  -8.771  9.285   1.00 18.34 ? 52   HIS A CD2   1 
ATOM   376 C CE1   . HIS A 1 52  ? 10.839  -8.506  11.207  1.00 17.93 ? 52   HIS A CE1   1 
ATOM   377 N NE2   . HIS A 1 52  ? 11.050  -9.359  10.219  1.00 19.28 ? 52   HIS A NE2   1 
ATOM   378 N N     . LYS A 1 53  ? 13.488  -4.334  6.815   1.00 18.75 ? 53   LYS A N     1 
ATOM   379 C CA    . LYS A 1 53  ? 14.300  -3.296  6.169   1.00 18.44 ? 53   LYS A CA    1 
ATOM   380 C C     . LYS A 1 53  ? 13.412  -2.100  5.877   1.00 18.30 ? 53   LYS A C     1 
ATOM   381 O O     . LYS A 1 53  ? 13.826  -0.950  6.051   1.00 18.66 ? 53   LYS A O     1 
ATOM   382 C CB    . LYS A 1 53  ? 14.926  -3.816  4.878   1.00 18.62 ? 53   LYS A CB    1 
ATOM   383 C CG    . LYS A 1 53  ? 16.011  -2.940  4.302   1.00 18.23 ? 53   LYS A CG    1 
ATOM   384 C CD    . LYS A 1 53  ? 16.551  -3.565  3.013   1.00 20.30 ? 53   LYS A CD    1 
ATOM   385 C CE    . LYS A 1 53  ? 17.898  -2.969  2.579   1.00 20.70 ? 53   LYS A CE    1 
ATOM   386 N NZ    . LYS A 1 53  ? 17.794  -1.563  2.105   1.00 22.34 ? 53   LYS A NZ    1 
ATOM   387 N N     . THR A 1 54  ? 12.186  -2.387  5.447   1.00 17.62 ? 54   THR A N     1 
ATOM   388 C CA    . THR A 1 54  ? 11.204  -1.361  5.150   1.00 17.27 ? 54   THR A CA    1 
ATOM   389 C C     . THR A 1 54  ? 10.914  -0.501  6.377   1.00 17.60 ? 54   THR A C     1 
ATOM   390 O O     . THR A 1 54  ? 10.870  0.725   6.283   1.00 17.66 ? 54   THR A O     1 
ATOM   391 C CB    . THR A 1 54  ? 9.911   -1.982  4.575   1.00 17.11 ? 54   THR A CB    1 
ATOM   392 O OG1   . THR A 1 54  ? 10.221  -2.644  3.342   1.00 16.74 ? 54   THR A OG1   1 
ATOM   393 C CG2   . THR A 1 54  ? 8.848   -0.923  4.309   1.00 15.93 ? 54   THR A CG2   1 
ATOM   394 N N     . GLU A 1 55  ? 10.729  -1.143  7.528   1.00 18.20 ? 55   GLU A N     1 
ATOM   395 C CA    . GLU A 1 55  ? 10.472  -0.426  8.773   1.00 18.64 ? 55   GLU A CA    1 
ATOM   396 C C     . GLU A 1 55  ? 11.666  0.449   9.175   1.00 18.32 ? 55   GLU A C     1 
ATOM   397 O O     . GLU A 1 55  ? 11.478  1.575   9.628   1.00 18.21 ? 55   GLU A O     1 
ATOM   398 C CB    . GLU A 1 55  ? 10.105  -1.402  9.893   1.00 18.96 ? 55   GLU A CB    1 
ATOM   399 C CG    . GLU A 1 55  ? 9.723   -0.738  11.201  1.00 20.26 ? 55   GLU A CG    1 
ATOM   400 C CD    . GLU A 1 55  ? 9.378   -1.732  12.310  1.00 23.64 ? 55   GLU A CD    1 
ATOM   401 O OE1   . GLU A 1 55  ? 9.537   -2.961  12.115  1.00 24.92 ? 55   GLU A OE1   1 
ATOM   402 O OE2   . GLU A 1 55  ? 8.949   -1.270  13.394  1.00 26.24 ? 55   GLU A OE2   1 
ATOM   403 N N     . ALA A 1 56  ? 12.880  -0.073  8.993   1.00 18.10 ? 56   ALA A N     1 
ATOM   404 C CA    . ALA A 1 56  ? 14.100  0.699   9.235   1.00 17.91 ? 56   ALA A CA    1 
ATOM   405 C C     . ALA A 1 56  ? 14.097  1.982   8.405   1.00 17.84 ? 56   ALA A C     1 
ATOM   406 O O     . ALA A 1 56  ? 14.419  3.044   8.909   1.00 17.83 ? 56   ALA A O     1 
ATOM   407 C CB    . ALA A 1 56  ? 15.335  -0.135  8.929   1.00 17.36 ? 56   ALA A CB    1 
ATOM   408 N N     . ASN A 1 57  ? 13.713  1.865   7.139   1.00 17.97 ? 57   ASN A N     1 
ATOM   409 C CA    . ASN A 1 57  ? 13.687  2.987   6.205   1.00 18.45 ? 57   ASN A CA    1 
ATOM   410 C C     . ASN A 1 57  ? 12.608  4.000   6.565   1.00 18.92 ? 57   ASN A C     1 
ATOM   411 O O     . ASN A 1 57  ? 12.824  5.215   6.483   1.00 19.13 ? 57   ASN A O     1 
ATOM   412 C CB    . ASN A 1 57  ? 13.446  2.482   4.770   1.00 18.08 ? 57   ASN A CB    1 
ATOM   413 C CG    . ASN A 1 57  ? 14.673  1.839   4.155   1.00 17.41 ? 57   ASN A CG    1 
ATOM   414 O OD1   . ASN A 1 57  ? 15.740  1.813   4.758   1.00 16.52 ? 57   ASN A OD1   1 
ATOM   415 N ND2   . ASN A 1 57  ? 14.527  1.322   2.930   1.00 16.21 ? 57   ASN A ND2   1 
ATOM   416 N N     . VAL A 1 58  ? 11.449  3.484   6.958   1.00 19.18 ? 58   VAL A N     1 
ATOM   417 C CA    . VAL A 1 58  ? 10.297  4.308   7.310   1.00 19.72 ? 58   VAL A CA    1 
ATOM   418 C C     . VAL A 1 58  ? 10.501  5.036   8.644   1.00 20.44 ? 58   VAL A C     1 
ATOM   419 O O     . VAL A 1 58  ? 10.086  6.182   8.790   1.00 20.53 ? 58   VAL A O     1 
ATOM   420 C CB    . VAL A 1 58  ? 8.984   3.473   7.262   1.00 19.46 ? 58   VAL A CB    1 
ATOM   421 C CG1   . VAL A 1 58  ? 7.841   4.167   7.982   1.00 19.34 ? 58   VAL A CG1   1 
ATOM   422 C CG2   . VAL A 1 58  ? 8.608   3.199   5.816   1.00 19.01 ? 58   VAL A CG2   1 
ATOM   423 N N     . ALA A 1 59  ? 11.162  4.384   9.599   1.00 21.43 ? 59   ALA A N     1 
ATOM   424 C CA    . ALA A 1 59  ? 11.511  5.021   10.876  1.00 22.74 ? 59   ALA A CA    1 
ATOM   425 C C     . ALA A 1 59  ? 12.336  6.296   10.670  1.00 23.61 ? 59   ALA A C     1 
ATOM   426 O O     . ALA A 1 59  ? 12.321  7.191   11.506  1.00 23.77 ? 59   ALA A O     1 
ATOM   427 C CB    . ALA A 1 59  ? 12.260  4.041   11.785  1.00 22.30 ? 59   ALA A CB    1 
ATOM   428 N N     . ARG A 1 60  ? 13.032  6.359   9.537   1.00 24.97 ? 60   ARG A N     1 
ATOM   429 C CA    . ARG A 1 60  ? 13.943  7.444   9.190   1.00 26.15 ? 60   ARG A CA    1 
ATOM   430 C C     . ARG A 1 60  ? 13.335  8.411   8.154   1.00 26.34 ? 60   ARG A C     1 
ATOM   431 O O     . ARG A 1 60  ? 13.626  9.605   8.161   1.00 26.60 ? 60   ARG A O     1 
ATOM   432 C CB    . ARG A 1 60  ? 15.249  6.820   8.681   1.00 26.73 ? 60   ARG A CB    1 
ATOM   433 C CG    . ARG A 1 60  ? 16.278  7.772   8.096   1.00 29.43 ? 60   ARG A CG    1 
ATOM   434 C CD    . ARG A 1 60  ? 16.421  7.631   6.574   1.00 33.70 ? 60   ARG A CD    1 
ATOM   435 N NE    . ARG A 1 60  ? 17.553  8.427   6.086   1.00 35.88 ? 60   ARG A NE    1 
ATOM   436 C CZ    . ARG A 1 60  ? 17.638  8.991   4.883   1.00 37.43 ? 60   ARG A CZ    1 
ATOM   437 N NH1   . ARG A 1 60  ? 16.658  8.868   3.986   1.00 36.86 ? 60   ARG A NH1   1 
ATOM   438 N NH2   . ARG A 1 60  ? 18.721  9.695   4.580   1.00 38.74 ? 60   ARG A NH2   1 
ATOM   439 N N     . ASP A 1 61  ? 12.488  7.889   7.270   1.00 26.41 ? 61   ASP A N     1 
ATOM   440 C CA    . ASP A 1 61  ? 11.899  8.675   6.189   1.00 26.22 ? 61   ASP A CA    1 
ATOM   441 C C     . ASP A 1 61  ? 10.498  8.156   5.899   1.00 26.05 ? 61   ASP A C     1 
ATOM   442 O O     . ASP A 1 61  ? 10.334  7.084   5.314   1.00 25.93 ? 61   ASP A O     1 
ATOM   443 C CB    . ASP A 1 61  ? 12.760  8.569   4.923   1.00 26.44 ? 61   ASP A CB    1 
ATOM   444 C CG    . ASP A 1 61  ? 12.350  9.558   3.821   1.00 26.77 ? 61   ASP A CG    1 
ATOM   445 O OD1   . ASP A 1 61  ? 11.218  10.097  3.834   1.00 27.15 ? 61   ASP A OD1   1 
ATOM   446 O OD2   . ASP A 1 61  ? 13.189  9.798   2.927   1.00 27.45 ? 61   ASP A OD2   1 
ATOM   447 N N     . GLU A 1 62  ? 9.497   8.932   6.293   1.00 25.80 ? 62   GLU A N     1 
ATOM   448 C CA    . GLU A 1 62  ? 8.103   8.542   6.149   1.00 26.11 ? 62   GLU A CA    1 
ATOM   449 C C     . GLU A 1 62  ? 7.651   8.311   4.696   1.00 26.00 ? 62   GLU A C     1 
ATOM   450 O O     . GLU A 1 62  ? 6.657   7.616   4.457   1.00 25.92 ? 62   GLU A O     1 
ATOM   451 C CB    . GLU A 1 62  ? 7.186   9.564   6.842   1.00 26.25 ? 62   GLU A CB    1 
ATOM   452 C CG    . GLU A 1 62  ? 7.230   10.973  6.256   1.00 27.83 ? 62   GLU A CG    1 
ATOM   453 C CD    . GLU A 1 62  ? 6.350   11.956  7.016   1.00 31.50 ? 62   GLU A CD    1 
ATOM   454 O OE1   . GLU A 1 62  ? 6.833   12.574  8.000   1.00 32.81 ? 62   GLU A OE1   1 
ATOM   455 O OE2   . GLU A 1 62  ? 5.169   12.115  6.630   1.00 32.71 ? 62   GLU A OE2   1 
ATOM   456 N N     . ARG A 1 63  ? 8.377   8.882   3.739   1.00 25.64 ? 63   ARG A N     1 
ATOM   457 C CA    . ARG A 1 63  ? 7.910   8.915   2.357   1.00 25.87 ? 63   ARG A CA    1 
ATOM   458 C C     . ARG A 1 63  ? 7.941   7.554   1.684   1.00 25.15 ? 63   ARG A C     1 
ATOM   459 O O     . ARG A 1 63  ? 8.896   6.793   1.811   1.00 25.11 ? 63   ARG A O     1 
ATOM   460 C CB    . ARG A 1 63  ? 8.673   9.945   1.528   1.00 26.41 ? 63   ARG A CB    1 
ATOM   461 C CG    . ARG A 1 63  ? 8.260   11.381  1.806   1.00 28.77 ? 63   ARG A CG    1 
ATOM   462 C CD    . ARG A 1 63  ? 9.262   12.348  1.198   1.00 34.08 ? 63   ARG A CD    1 
ATOM   463 N NE    . ARG A 1 63  ? 10.627  11.815  1.252   1.00 37.73 ? 63   ARG A NE    1 
ATOM   464 C CZ    . ARG A 1 63  ? 11.718  12.471  0.856   1.00 40.22 ? 63   ARG A CZ    1 
ATOM   465 N NH1   . ARG A 1 63  ? 11.627  13.712  0.373   1.00 39.87 ? 63   ARG A NH1   1 
ATOM   466 N NH2   . ARG A 1 63  ? 12.909  11.880  0.940   1.00 40.74 ? 63   ARG A NH2   1 
ATOM   467 N N     . VAL A 1 64  ? 6.867   7.264   0.971   1.00 24.34 ? 64   VAL A N     1 
ATOM   468 C CA    . VAL A 1 64  ? 6.672   5.961   0.386   1.00 23.67 ? 64   VAL A CA    1 
ATOM   469 C C     . VAL A 1 64  ? 5.992   6.120   -0.973  1.00 22.99 ? 64   VAL A C     1 
ATOM   470 O O     . VAL A 1 64  ? 5.274   7.085   -1.205  1.00 22.67 ? 64   VAL A O     1 
ATOM   471 C CB    . VAL A 1 64  ? 5.858   5.050   1.352   1.00 23.57 ? 64   VAL A CB    1 
ATOM   472 C CG1   . VAL A 1 64  ? 4.384   5.440   1.384   1.00 23.52 ? 64   VAL A CG1   1 
ATOM   473 C CG2   . VAL A 1 64  ? 6.013   3.597   0.980   1.00 24.37 ? 64   VAL A CG2   1 
ATOM   474 N N     . LEU A 1 65  ? 6.255   5.179   -1.872  1.00 22.45 ? 65   LEU A N     1 
ATOM   475 C CA    . LEU A 1 65  ? 5.555   5.103   -3.140  1.00 21.88 ? 65   LEU A CA    1 
ATOM   476 C C     . LEU A 1 65  ? 4.960   3.727   -3.246  1.00 21.49 ? 65   LEU A C     1 
ATOM   477 O O     . LEU A 1 65  ? 5.519   2.766   -2.715  1.00 21.20 ? 65   LEU A O     1 
ATOM   478 C CB    . LEU A 1 65  ? 6.499   5.333   -4.322  1.00 22.11 ? 65   LEU A CB    1 
ATOM   479 C CG    . LEU A 1 65  ? 7.293   6.627   -4.467  1.00 22.74 ? 65   LEU A CG    1 
ATOM   480 C CD1   . LEU A 1 65  ? 7.893   6.649   -5.851  1.00 24.71 ? 65   LEU A CD1   1 
ATOM   481 C CD2   . LEU A 1 65  ? 6.411   7.826   -4.286  1.00 24.69 ? 65   LEU A CD2   1 
ATOM   482 N N     . MET A 1 66  ? 3.845   3.627   -3.958  1.00 20.93 ? 66   MET A N     1 
ATOM   483 C CA    . MET A 1 66  ? 3.150   2.371   -4.102  1.00 20.90 ? 66   MET A CA    1 
ATOM   484 C C     . MET A 1 66  ? 2.537   2.263   -5.498  1.00 20.50 ? 66   MET A C     1 
ATOM   485 O O     . MET A 1 66  ? 1.920   3.209   -5.987  1.00 20.02 ? 66   MET A O     1 
ATOM   486 C CB    . MET A 1 66  ? 2.092   2.252   -3.003  1.00 21.20 ? 66   MET A CB    1 
ATOM   487 C CG    . MET A 1 66  ? 1.282   0.949   -3.003  1.00 24.08 ? 66   MET A CG    1 
ATOM   488 S SD    . MET A 1 66  ? 0.277   0.661   -1.498  1.00 28.45 ? 66   MET A SD    1 
ATOM   489 C CE    . MET A 1 66  ? -0.613  2.211   -1.366  1.00 26.03 ? 66   MET A CE    1 
ATOM   490 N N     . THR A 1 67  ? 2.750   1.127   -6.154  1.00 20.28 ? 67   THR A N     1 
ATOM   491 C CA    . THR A 1 67  ? 2.032   0.834   -7.394  1.00 20.55 ? 67   THR A CA    1 
ATOM   492 C C     . THR A 1 67  ? 1.123   -0.359  -7.211  1.00 20.62 ? 67   THR A C     1 
ATOM   493 O O     . THR A 1 67  ? 1.482   -1.352  -6.577  1.00 20.85 ? 67   THR A O     1 
ATOM   494 C CB    . THR A 1 67  ? 2.946   0.556   -8.626  1.00 20.37 ? 67   THR A CB    1 
ATOM   495 O OG1   . THR A 1 67  ? 3.749   -0.604  -8.383  1.00 19.98 ? 67   THR A OG1   1 
ATOM   496 C CG2   . THR A 1 67  ? 3.819   1.754   -8.961  1.00 20.28 ? 67   THR A CG2   1 
ATOM   497 N N     . LEU A 1 68  ? -0.060  -0.242  -7.785  1.00 21.07 ? 68   LEU A N     1 
ATOM   498 C CA    . LEU A 1 68  ? -1.041  -1.303  -7.765  1.00 21.64 ? 68   LEU A CA    1 
ATOM   499 C C     . LEU A 1 68  ? -1.960  -1.060  -8.944  1.00 21.74 ? 68   LEU A C     1 
ATOM   500 O O     . LEU A 1 68  ? -2.096  0.073   -9.402  1.00 21.60 ? 68   LEU A O     1 
ATOM   501 C CB    . LEU A 1 68  ? -1.835  -1.295  -6.447  1.00 21.66 ? 68   LEU A CB    1 
ATOM   502 C CG    . LEU A 1 68  ? -3.023  -0.338  -6.321  1.00 22.17 ? 68   LEU A CG    1 
ATOM   503 C CD1   . LEU A 1 68  ? -3.945  -0.736  -5.169  1.00 22.83 ? 68   LEU A CD1   1 
ATOM   504 C CD2   . LEU A 1 68  ? -2.545  1.084   -6.154  1.00 23.25 ? 68   LEU A CD2   1 
ATOM   505 N N     . GLY A 1 69  ? -2.578  -2.127  -9.429  1.00 22.17 ? 69   GLY A N     1 
ATOM   506 C CA    . GLY A 1 69  ? -3.541  -2.034  -10.509 1.00 23.21 ? 69   GLY A CA    1 
ATOM   507 C C     . GLY A 1 69  ? -4.196  -3.368  -10.811 1.00 23.78 ? 69   GLY A C     1 
ATOM   508 O O     . GLY A 1 69  ? -4.060  -4.330  -10.052 1.00 23.73 ? 69   GLY A O     1 
ATOM   509 N N     . SER A 1 70  ? -4.914  -3.407  -11.925 1.00 24.46 ? 70   SER A N     1 
ATOM   510 C CA    . SER A 1 70  ? -5.545  -4.624  -12.423 1.00 25.49 ? 70   SER A CA    1 
ATOM   511 C C     . SER A 1 70  ? -5.857  -4.442  -13.896 1.00 25.87 ? 70   SER A C     1 
ATOM   512 O O     . SER A 1 70  ? -6.355  -3.392  -14.295 1.00 25.79 ? 70   SER A O     1 
ATOM   513 C CB    . SER A 1 70  ? -6.839  -4.925  -11.652 1.00 25.43 ? 70   SER A CB    1 
ATOM   514 O OG    . SER A 1 70  ? -7.565  -5.986  -12.259 1.00 25.79 ? 70   SER A OG    1 
ATOM   515 N N     . ARG A 1 71  ? -5.583  -5.464  -14.702 1.00 26.83 ? 71   ARG A N     1 
ATOM   516 C CA    . ARG A 1 71  ? -5.972  -5.419  -16.117 1.00 28.02 ? 71   ARG A CA    1 
ATOM   517 C C     . ARG A 1 71  ? -7.489  -5.587  -16.324 1.00 28.37 ? 71   ARG A C     1 
ATOM   518 O O     . ARG A 1 71  ? -8.007  -5.261  -17.389 1.00 28.28 ? 71   ARG A O     1 
ATOM   519 C CB    . ARG A 1 71  ? -5.153  -6.403  -16.976 1.00 28.07 ? 71   ARG A CB    1 
ATOM   520 C CG    . ARG A 1 71  ? -5.582  -7.859  -16.856 1.00 29.86 ? 71   ARG A CG    1 
ATOM   521 C CD    . ARG A 1 71  ? -5.420  -8.590  -18.178 1.00 31.14 ? 71   ARG A CD    1 
ATOM   522 N NE    . ARG A 1 71  ? -4.501  -9.719  -18.085 1.00 33.31 ? 71   ARG A NE    1 
ATOM   523 C CZ    . ARG A 1 71  ? -4.867  -10.965 -17.797 1.00 34.34 ? 71   ARG A CZ    1 
ATOM   524 N NH1   . ARG A 1 71  ? -6.146  -11.258 -17.564 1.00 34.05 ? 71   ARG A NH1   1 
ATOM   525 N NH2   . ARG A 1 71  ? -3.945  -11.920 -17.740 1.00 35.29 ? 71   ARG A NH2   1 
ATOM   526 N N     . LYS A 1 72  ? -8.190  -6.063  -15.295 1.00 29.14 ? 72   LYS A N     1 
ATOM   527 C CA    . LYS A 1 72  ? -9.639  -6.273  -15.351 1.00 30.02 ? 72   LYS A CA    1 
ATOM   528 C C     . LYS A 1 72  ? -10.464 -5.013  -15.097 1.00 30.44 ? 72   LYS A C     1 
ATOM   529 O O     . LYS A 1 72  ? -11.648 -4.985  -15.392 1.00 30.68 ? 72   LYS A O     1 
ATOM   530 C CB    . LYS A 1 72  ? -10.057 -7.384  -14.378 1.00 30.19 ? 72   LYS A CB    1 
ATOM   531 C CG    . LYS A 1 72  ? -9.760  -8.790  -14.885 1.00 31.86 ? 72   LYS A CG    1 
ATOM   532 C CD    . LYS A 1 72  ? -9.241  -9.699  -13.774 1.00 34.53 ? 72   LYS A CD    1 
ATOM   533 C CE    . LYS A 1 72  ? -8.827  -11.072 -14.330 1.00 36.81 ? 72   LYS A CE    1 
ATOM   534 N NZ    . LYS A 1 72  ? -8.438  -12.070 -13.269 1.00 37.37 ? 72   LYS A NZ    1 
ATOM   535 N N     . VAL A 1 73  ? -9.857  -3.973  -14.548 1.00 31.39 ? 73   VAL A N     1 
ATOM   536 C CA    . VAL A 1 73  ? -10.578 -2.722  -14.323 1.00 32.49 ? 73   VAL A CA    1 
ATOM   537 C C     . VAL A 1 73  ? -10.216 -1.747  -15.430 1.00 33.83 ? 73   VAL A C     1 
ATOM   538 O O     . VAL A 1 73  ? -9.044  -1.445  -15.621 1.00 34.28 ? 73   VAL A O     1 
ATOM   539 C CB    . VAL A 1 73  ? -10.265 -2.102  -12.942 1.00 32.29 ? 73   VAL A CB    1 
ATOM   540 C CG1   . VAL A 1 73  ? -10.967 -0.760  -12.783 1.00 31.36 ? 73   VAL A CG1   1 
ATOM   541 C CG2   . VAL A 1 73  ? -10.669 -3.054  -11.818 1.00 31.71 ? 73   VAL A CG2   1 
ATOM   542 N N     . ALA A 1 74  ? -11.220 -1.251  -16.151 1.00 35.50 ? 74   ALA A N     1 
ATOM   543 C CA    . ALA A 1 74  ? -10.987 -0.423  -17.343 1.00 37.26 ? 74   ALA A CA    1 
ATOM   544 C C     . ALA A 1 74  ? -10.553 1.003   -17.011 1.00 38.37 ? 74   ALA A C     1 
ATOM   545 O O     . ALA A 1 74  ? -11.266 1.727   -16.314 1.00 38.55 ? 74   ALA A O     1 
ATOM   546 C CB    . ALA A 1 74  ? -12.217 -0.425  -18.248 1.00 37.23 ? 74   ALA A CB    1 
ATOM   547 N N     . GLY A 1 75  ? -9.382  1.388   -17.521 1.00 39.84 ? 75   GLY A N     1 
ATOM   548 C CA    . GLY A 1 75  ? -8.772  2.694   -17.240 1.00 41.65 ? 75   GLY A CA    1 
ATOM   549 C C     . GLY A 1 75  ? -8.683  3.633   -18.434 1.00 43.00 ? 75   GLY A C     1 
ATOM   550 O O     . GLY A 1 75  ? -9.431  3.483   -19.403 1.00 43.39 ? 75   GLY A O     1 
ATOM   551 N N     . ARG A 1 76  ? -7.751  4.588   -18.367 1.00 44.09 ? 76   ARG A N     1 
ATOM   552 C CA    . ARG A 1 76  ? -7.681  5.707   -19.324 1.00 45.18 ? 76   ARG A CA    1 
ATOM   553 C C     . ARG A 1 76  ? -7.855  5.365   -20.808 1.00 45.28 ? 76   ARG A C     1 
ATOM   554 O O     . ARG A 1 76  ? -8.796  5.848   -21.447 1.00 45.55 ? 76   ARG A O     1 
ATOM   555 C CB    . ARG A 1 76  ? -6.452  6.602   -19.082 1.00 45.65 ? 76   ARG A CB    1 
ATOM   556 C CG    . ARG A 1 76  ? -5.060  6.020   -19.262 1.00 48.24 ? 76   ARG A CG    1 
ATOM   557 C CD    . ARG A 1 76  ? -4.462  6.368   -20.629 1.00 51.47 ? 76   ARG A CD    1 
ATOM   558 N NE    . ARG A 1 76  ? -3.004  6.507   -20.584 1.00 54.12 ? 76   ARG A NE    1 
ATOM   559 C CZ    . ARG A 1 76  ? -2.139  5.499   -20.443 1.00 55.49 ? 76   ARG A CZ    1 
ATOM   560 N NH1   . ARG A 1 76  ? -0.834  5.753   -20.425 1.00 56.28 ? 76   ARG A NH1   1 
ATOM   561 N NH2   . ARG A 1 76  ? -2.564  4.243   -20.316 1.00 55.38 ? 76   ARG A NH2   1 
ATOM   562 N N     . ASN A 1 77  ? -6.959  4.544   -21.350 1.00 45.26 ? 77   ASN A N     1 
ATOM   563 C CA    . ASN A 1 77  ? -7.118  4.045   -22.710 1.00 45.08 ? 77   ASN A CA    1 
ATOM   564 C C     . ASN A 1 77  ? -7.733  2.649   -22.723 1.00 44.48 ? 77   ASN A C     1 
ATOM   565 O O     . ASN A 1 77  ? -7.088  1.668   -23.118 1.00 44.87 ? 77   ASN A O     1 
ATOM   566 C CB    . ASN A 1 77  ? -5.790  4.080   -23.478 1.00 45.55 ? 77   ASN A CB    1 
ATOM   567 C CG    . ASN A 1 77  ? -5.701  5.262   -24.437 1.00 46.95 ? 77   ASN A CG    1 
ATOM   568 O OD1   . ASN A 1 77  ? -5.700  5.089   -25.662 1.00 48.16 ? 77   ASN A OD1   1 
ATOM   569 N ND2   . ASN A 1 77  ? -5.638  6.471   -23.883 1.00 48.73 ? 77   ASN A ND2   1 
ATOM   570 N N     . GLY A 1 78  ? -8.985  2.568   -22.273 1.00 43.31 ? 78   GLY A N     1 
ATOM   571 C CA    . GLY A 1 78  ? -9.723  1.308   -22.264 1.00 41.76 ? 78   GLY A CA    1 
ATOM   572 C C     . GLY A 1 78  ? -9.199  0.286   -21.262 1.00 40.39 ? 78   GLY A C     1 
ATOM   573 O O     . GLY A 1 78  ? -9.133  0.576   -20.067 1.00 40.65 ? 78   GLY A O     1 
ATOM   574 N N     . PRO A 1 79  ? -8.817  -0.913  -21.749 1.00 39.10 ? 79   PRO A N     1 
ATOM   575 C CA    . PRO A 1 79  ? -8.492  -2.071  -20.907 1.00 37.85 ? 79   PRO A CA    1 
ATOM   576 C C     . PRO A 1 79  ? -7.324  -1.836  -19.944 1.00 36.59 ? 79   PRO A C     1 
ATOM   577 O O     . PRO A 1 79  ? -6.270  -1.334  -20.354 1.00 36.75 ? 79   PRO A O     1 
ATOM   578 C CB    . PRO A 1 79  ? -8.136  -3.159  -21.930 1.00 37.89 ? 79   PRO A CB    1 
ATOM   579 C CG    . PRO A 1 79  ? -7.738  -2.411  -23.153 1.00 38.43 ? 79   PRO A CG    1 
ATOM   580 C CD    . PRO A 1 79  ? -8.638  -1.221  -23.182 1.00 38.95 ? 79   PRO A CD    1 
ATOM   581 N N     . GLY A 1 80  ? -7.529  -2.186  -18.674 1.00 34.90 ? 80   GLY A N     1 
ATOM   582 C CA    . GLY A 1 80  ? -6.483  -2.103  -17.661 1.00 32.75 ? 80   GLY A CA    1 
ATOM   583 C C     . GLY A 1 80  ? -6.398  -0.768  -16.954 1.00 31.42 ? 80   GLY A C     1 
ATOM   584 O O     . GLY A 1 80  ? -6.856  0.254   -17.464 1.00 31.25 ? 80   GLY A O     1 
ATOM   585 N N     . THR A 1 81  ? -5.830  -0.787  -15.756 1.00 30.08 ? 81   THR A N     1 
ATOM   586 C CA    . THR A 1 81  ? -5.536  0.436   -15.019 1.00 28.94 ? 81   THR A CA    1 
ATOM   587 C C     . THR A 1 81  ? -4.486  0.188   -13.949 1.00 27.69 ? 81   THR A C     1 
ATOM   588 O O     . THR A 1 81  ? -4.471  -0.867  -13.309 1.00 27.86 ? 81   THR A O     1 
ATOM   589 C CB    . THR A 1 81  ? -6.800  1.111   -14.406 1.00 29.25 ? 81   THR A CB    1 
ATOM   590 O OG1   . THR A 1 81  ? -6.524  2.495   -14.150 1.00 29.84 ? 81   THR A OG1   1 
ATOM   591 C CG2   . THR A 1 81  ? -7.242  0.434   -13.122 1.00 29.30 ? 81   THR A CG2   1 
ATOM   592 N N     . GLY A 1 82  ? -3.594  1.161   -13.798 1.00 26.03 ? 82   GLY A N     1 
ATOM   593 C CA    . GLY A 1 82  ? -2.559  1.139   -12.788 1.00 23.99 ? 82   GLY A CA    1 
ATOM   594 C C     . GLY A 1 82  ? -2.497  2.489   -12.110 1.00 22.97 ? 82   GLY A C     1 
ATOM   595 O O     . GLY A 1 82  ? -2.794  3.521   -12.722 1.00 22.61 ? 82   GLY A O     1 
ATOM   596 N N     . PHE A 1 83  ? -2.127  2.482   -10.837 1.00 21.81 ? 83   PHE A N     1 
ATOM   597 C CA    . PHE A 1 83  ? -1.967  3.710   -10.081 1.00 20.85 ? 83   PHE A CA    1 
ATOM   598 C C     . PHE A 1 83  ? -0.556  3.822   -9.549  1.00 20.25 ? 83   PHE A C     1 
ATOM   599 O O     . PHE A 1 83  ? 0.085   2.808   -9.258  1.00 19.90 ? 83   PHE A O     1 
ATOM   600 C CB    . PHE A 1 83  ? -2.949  3.736   -8.912  1.00 20.70 ? 83   PHE A CB    1 
ATOM   601 C CG    . PHE A 1 83  ? -4.400  3.800   -9.328  1.00 21.25 ? 83   PHE A CG    1 
ATOM   602 C CD1   . PHE A 1 83  ? -5.144  2.634   -9.498  1.00 20.31 ? 83   PHE A CD1   1 
ATOM   603 C CD2   . PHE A 1 83  ? -5.027  5.034   -9.529  1.00 22.22 ? 83   PHE A CD2   1 
ATOM   604 C CE1   . PHE A 1 83  ? -6.479  2.688   -9.872  1.00 20.88 ? 83   PHE A CE1   1 
ATOM   605 C CE2   . PHE A 1 83  ? -6.379  5.101   -9.904  1.00 21.78 ? 83   PHE A CE2   1 
ATOM   606 C CZ    . PHE A 1 83  ? -7.104  3.928   -10.073 1.00 21.23 ? 83   PHE A CZ    1 
ATOM   607 N N     . LEU A 1 84  ? -0.073  5.060   -9.450  1.00 19.93 ? 84   LEU A N     1 
ATOM   608 C CA    . LEU A 1 84  ? 1.111   5.384   -8.656  1.00 19.33 ? 84   LEU A CA    1 
ATOM   609 C C     . LEU A 1 84  ? 0.702   6.273   -7.485  1.00 19.38 ? 84   LEU A C     1 
ATOM   610 O O     . LEU A 1 84  ? 0.196   7.378   -7.675  1.00 19.50 ? 84   LEU A O     1 
ATOM   611 C CB    . LEU A 1 84  ? 2.207   6.056   -9.487  1.00 19.04 ? 84   LEU A CB    1 
ATOM   612 C CG    . LEU A 1 84  ? 3.403   6.563   -8.655  1.00 18.23 ? 84   LEU A CG    1 
ATOM   613 C CD1   . LEU A 1 84  ? 4.214   5.409   -8.066  1.00 17.16 ? 84   LEU A CD1   1 
ATOM   614 C CD2   . LEU A 1 84  ? 4.301   7.502   -9.446  1.00 15.92 ? 84   LEU A CD2   1 
ATOM   615 N N     . ILE A 1 85  ? 0.926   5.773   -6.277  1.00 19.33 ? 85   ILE A N     1 
ATOM   616 C CA    . ILE A 1 85  ? 0.475   6.424   -5.064  1.00 19.31 ? 85   ILE A CA    1 
ATOM   617 C C     . ILE A 1 85  ? 1.683   6.950   -4.305  1.00 19.53 ? 85   ILE A C     1 
ATOM   618 O O     . ILE A 1 85  ? 2.681   6.238   -4.135  1.00 19.47 ? 85   ILE A O     1 
ATOM   619 C CB    . ILE A 1 85  ? -0.312  5.423   -4.184  1.00 19.38 ? 85   ILE A CB    1 
ATOM   620 C CG1   . ILE A 1 85  ? -1.619  5.023   -4.876  1.00 20.29 ? 85   ILE A CG1   1 
ATOM   621 C CG2   . ILE A 1 85  ? -0.584  5.993   -2.806  1.00 19.32 ? 85   ILE A CG2   1 
ATOM   622 C CD1   . ILE A 1 85  ? -2.385  3.917   -4.168  1.00 21.68 ? 85   ILE A CD1   1 
ATOM   623 N N     . ARG A 1 86  ? 1.600   8.204   -3.872  1.00 19.65 ? 86   ARG A N     1 
ATOM   624 C CA    . ARG A 1 86  ? 2.623   8.791   -3.011  1.00 19.85 ? 86   ARG A CA    1 
ATOM   625 C C     . ARG A 1 86  ? 1.969   9.081   -1.680  1.00 19.60 ? 86   ARG A C     1 
ATOM   626 O O     . ARG A 1 86  ? 0.903   9.703   -1.631  1.00 19.28 ? 86   ARG A O     1 
ATOM   627 C CB    . ARG A 1 86  ? 3.179   10.097  -3.592  1.00 19.89 ? 86   ARG A CB    1 
ATOM   628 C CG    . ARG A 1 86  ? 3.851   9.953   -4.941  1.00 21.07 ? 86   ARG A CG    1 
ATOM   629 C CD    . ARG A 1 86  ? 4.276   11.305  -5.503  1.00 22.08 ? 86   ARG A CD    1 
ATOM   630 N NE    . ARG A 1 86  ? 5.303   11.144  -6.530  1.00 24.08 ? 86   ARG A NE    1 
ATOM   631 C CZ    . ARG A 1 86  ? 5.056   10.883  -7.815  1.00 24.57 ? 86   ARG A CZ    1 
ATOM   632 N NH1   . ARG A 1 86  ? 3.803   10.748  -8.250  1.00 23.33 ? 86   ARG A NH1   1 
ATOM   633 N NH2   . ARG A 1 86  ? 6.069   10.756  -8.667  1.00 23.73 ? 86   ARG A NH2   1 
ATOM   634 N N     . GLY A 1 87  ? 2.609   8.630   -0.606  1.00 19.10 ? 87   GLY A N     1 
ATOM   635 C CA    . GLY A 1 87  ? 2.112   8.899   0.730   1.00 18.95 ? 87   GLY A CA    1 
ATOM   636 C C     . GLY A 1 87  ? 3.187   8.901   1.790   1.00 18.94 ? 87   GLY A C     1 
ATOM   637 O O     . GLY A 1 87  ? 4.381   8.848   1.487   1.00 18.51 ? 87   GLY A O     1 
ATOM   638 N N     . SER A 1 88  ? 2.753   8.971   3.042   1.00 19.00 ? 88   SER A N     1 
ATOM   639 C CA    . SER A 1 88  ? 3.655   8.821   4.161   1.00 19.31 ? 88   SER A CA    1 
ATOM   640 C C     . SER A 1 88  ? 3.294   7.570   4.940   1.00 19.45 ? 88   SER A C     1 
ATOM   641 O O     . SER A 1 88  ? 2.111   7.255   5.118   1.00 19.88 ? 88   SER A O     1 
ATOM   642 C CB    . SER A 1 88  ? 3.632   10.055  5.052   1.00 19.51 ? 88   SER A CB    1 
ATOM   643 O OG    . SER A 1 88  ? 2.338   10.287  5.549   1.00 20.85 ? 88   SER A OG    1 
ATOM   644 N N     . ALA A 1 89  ? 4.325   6.861   5.386   1.00 19.08 ? 89   ALA A N     1 
ATOM   645 C CA    . ALA A 1 89  ? 4.172   5.557   6.002   1.00 18.90 ? 89   ALA A CA    1 
ATOM   646 C C     . ALA A 1 89  ? 4.407   5.620   7.515   1.00 18.89 ? 89   ALA A C     1 
ATOM   647 O O     . ALA A 1 89  ? 5.149   6.472   8.014   1.00 18.96 ? 89   ALA A O     1 
ATOM   648 C CB    . ALA A 1 89  ? 5.122   4.564   5.355   1.00 18.44 ? 89   ALA A CB    1 
ATOM   649 N N     . ALA A 1 90  ? 3.734   4.721   8.228   1.00 18.58 ? 90   ALA A N     1 
ATOM   650 C CA    . ALA A 1 90  ? 3.903   4.552   9.664   1.00 18.74 ? 90   ALA A CA    1 
ATOM   651 C C     . ALA A 1 90  ? 3.576   3.108   10.025  1.00 18.82 ? 90   ALA A C     1 
ATOM   652 O O     . ALA A 1 90  ? 2.639   2.502   9.473   1.00 18.72 ? 90   ALA A O     1 
ATOM   653 C CB    . ALA A 1 90  ? 3.012   5.505   10.438  1.00 18.27 ? 90   ALA A CB    1 
ATOM   654 N N     . PHE A 1 91  ? 4.383   2.563   10.929  1.00 18.84 ? 91   PHE A N     1 
ATOM   655 C CA    . PHE A 1 91  ? 4.132   1.264   11.520  1.00 19.22 ? 91   PHE A CA    1 
ATOM   656 C C     . PHE A 1 91  ? 3.355   1.429   12.830  1.00 19.71 ? 91   PHE A C     1 
ATOM   657 O O     . PHE A 1 91  ? 3.806   2.096   13.768  1.00 19.61 ? 91   PHE A O     1 
ATOM   658 C CB    . PHE A 1 91  ? 5.445   0.484   11.686  1.00 18.80 ? 91   PHE A CB    1 
ATOM   659 C CG    . PHE A 1 91  ? 5.972   -0.072  10.382  1.00 19.21 ? 91   PHE A CG    1 
ATOM   660 C CD1   . PHE A 1 91  ? 6.616   0.753   9.463   1.00 18.41 ? 91   PHE A CD1   1 
ATOM   661 C CD2   . PHE A 1 91  ? 5.791   -1.408  10.056  1.00 19.02 ? 91   PHE A CD2   1 
ATOM   662 C CE1   . PHE A 1 91  ? 7.072   0.254   8.253   1.00 18.77 ? 91   PHE A CE1   1 
ATOM   663 C CE2   . PHE A 1 91  ? 6.253   -1.919  8.844   1.00 18.97 ? 91   PHE A CE2   1 
ATOM   664 C CZ    . PHE A 1 91  ? 6.896   -1.083  7.942   1.00 19.26 ? 91   PHE A CZ    1 
ATOM   665 N N     . ARG A 1 92  ? 2.165   0.838   12.854  1.00 20.64 ? 92   ARG A N     1 
ATOM   666 C CA    . ARG A 1 92  ? 1.274   0.871   14.011  1.00 21.53 ? 92   ARG A CA    1 
ATOM   667 C C     . ARG A 1 92  ? 1.055   -0.541  14.544  1.00 21.91 ? 92   ARG A C     1 
ATOM   668 O O     . ARG A 1 92  ? 0.891   -1.490  13.769  1.00 21.93 ? 92   ARG A O     1 
ATOM   669 C CB    . ARG A 1 92  ? -0.074  1.498   13.638  1.00 21.42 ? 92   ARG A CB    1 
ATOM   670 C CG    . ARG A 1 92  ? 0.007   2.848   12.947  1.00 22.58 ? 92   ARG A CG    1 
ATOM   671 C CD    . ARG A 1 92  ? 0.251   4.033   13.900  1.00 25.07 ? 92   ARG A CD    1 
ATOM   672 N NE    . ARG A 1 92  ? 0.116   5.308   13.188  1.00 26.56 ? 92   ARG A NE    1 
ATOM   673 C CZ    . ARG A 1 92  ? 1.033   6.274   13.151  1.00 29.01 ? 92   ARG A CZ    1 
ATOM   674 N NH1   . ARG A 1 92  ? 2.195   6.156   13.808  1.00 29.96 ? 92   ARG A NH1   1 
ATOM   675 N NH2   . ARG A 1 92  ? 0.783   7.380   12.450  1.00 29.08 ? 92   ARG A NH2   1 
ATOM   676 N N     . THR A 1 93  ? 1.057   -0.661  15.871  1.00 22.47 ? 93   THR A N     1 
ATOM   677 C CA    . THR A 1 93  ? 0.870   -1.939  16.560  1.00 22.93 ? 93   THR A CA    1 
ATOM   678 C C     . THR A 1 93  ? -0.466  -1.976  17.293  1.00 23.01 ? 93   THR A C     1 
ATOM   679 O O     . THR A 1 93  ? -0.810  -2.977  17.927  1.00 22.95 ? 93   THR A O     1 
ATOM   680 C CB    . THR A 1 93  ? 2.001   -2.219  17.591  1.00 23.19 ? 93   THR A CB    1 
ATOM   681 O OG1   . THR A 1 93  ? 2.105   -1.117  18.505  1.00 23.78 ? 93   THR A OG1   1 
ATOM   682 C CG2   . THR A 1 93  ? 3.371   -2.463  16.897  1.00 22.99 ? 93   THR A CG2   1 
ATOM   683 N N     . ASP A 1 94  ? -1.220  -0.885  17.209  1.00 22.94 ? 94   ASP A N     1 
ATOM   684 C CA    . ASP A 1 94  ? -2.502  -0.805  17.899  1.00 23.03 ? 94   ASP A CA    1 
ATOM   685 C C     . ASP A 1 94  ? -3.474  0.144   17.210  1.00 22.51 ? 94   ASP A C     1 
ATOM   686 O O     . ASP A 1 94  ? -3.091  0.925   16.326  1.00 22.86 ? 94   ASP A O     1 
ATOM   687 C CB    . ASP A 1 94  ? -2.282  -0.390  19.358  1.00 23.48 ? 94   ASP A CB    1 
ATOM   688 C CG    . ASP A 1 94  ? -3.456  -0.755  20.264  1.00 24.70 ? 94   ASP A CG    1 
ATOM   689 O OD1   . ASP A 1 94  ? -4.382  -1.478  19.826  1.00 25.42 ? 94   ASP A OD1   1 
ATOM   690 O OD2   . ASP A 1 94  ? -3.448  -0.304  21.430  1.00 27.45 ? 94   ASP A OD2   1 
ATOM   691 N N     . GLY A 1 95  ? -4.739  0.054   17.606  1.00 22.09 ? 95   GLY A N     1 
ATOM   692 C CA    . GLY A 1 95  ? -5.783  0.939   17.099  1.00 21.52 ? 95   GLY A CA    1 
ATOM   693 C C     . GLY A 1 95  ? -6.576  0.328   15.965  1.00 21.37 ? 95   GLY A C     1 
ATOM   694 O O     . GLY A 1 95  ? -6.389  -0.844  15.638  1.00 20.83 ? 95   GLY A O     1 
ATOM   695 N N     . PRO A 1 96  ? -7.458  1.127   15.340  1.00 21.57 ? 96   PRO A N     1 
ATOM   696 C CA    . PRO A 1 96  ? -8.302  0.678   14.229  1.00 21.83 ? 96   PRO A CA    1 
ATOM   697 C C     . PRO A 1 96  ? -7.472  0.146   13.061  1.00 22.03 ? 96   PRO A C     1 
ATOM   698 O O     . PRO A 1 96  ? -7.882  -0.807  12.398  1.00 21.79 ? 96   PRO A O     1 
ATOM   699 C CB    . PRO A 1 96  ? -9.035  1.957   13.803  1.00 21.79 ? 96   PRO A CB    1 
ATOM   700 C CG    . PRO A 1 96  ? -8.953  2.852   15.008  1.00 22.20 ? 96   PRO A CG    1 
ATOM   701 C CD    . PRO A 1 96  ? -7.606  2.571   15.578  1.00 21.61 ? 96   PRO A CD    1 
ATOM   702 N N     . GLU A 1 97  ? -6.307  0.753   12.838  1.00 22.23 ? 97   GLU A N     1 
ATOM   703 C CA    . GLU A 1 97  ? -5.441  0.408   11.723  1.00 22.63 ? 97   GLU A CA    1 
ATOM   704 C C     . GLU A 1 97  ? -4.827  -0.981  11.856  1.00 22.63 ? 97   GLU A C     1 
ATOM   705 O O     . GLU A 1 97  ? -4.736  -1.707  10.870  1.00 22.63 ? 97   GLU A O     1 
ATOM   706 C CB    . GLU A 1 97  ? -4.359  1.465   11.547  1.00 22.93 ? 97   GLU A CB    1 
ATOM   707 C CG    . GLU A 1 97  ? -4.907  2.857   11.176  1.00 24.53 ? 97   GLU A CG    1 
ATOM   708 C CD    . GLU A 1 97  ? -4.013  3.997   11.659  1.00 27.13 ? 97   GLU A CD    1 
ATOM   709 O OE1   . GLU A 1 97  ? -3.113  3.744   12.500  1.00 29.37 ? 97   GLU A OE1   1 
ATOM   710 O OE2   . GLU A 1 97  ? -4.211  5.152   11.206  1.00 28.28 ? 97   GLU A OE2   1 
ATOM   711 N N     . PHE A 1 98  ? -4.411  -1.357  13.063  1.00 22.37 ? 98   PHE A N     1 
ATOM   712 C CA    . PHE A 1 98  ? -3.910  -2.704  13.266  1.00 22.14 ? 98   PHE A CA    1 
ATOM   713 C C     . PHE A 1 98  ? -5.052  -3.720  13.166  1.00 22.10 ? 98   PHE A C     1 
ATOM   714 O O     . PHE A 1 98  ? -4.891  -4.790  12.567  1.00 21.97 ? 98   PHE A O     1 
ATOM   715 C CB    . PHE A 1 98  ? -3.177  -2.858  14.599  1.00 22.08 ? 98   PHE A CB    1 
ATOM   716 C CG    . PHE A 1 98  ? -2.641  -4.242  14.821  1.00 22.70 ? 98   PHE A CG    1 
ATOM   717 C CD1   . PHE A 1 98  ? -1.370  -4.588  14.381  1.00 22.97 ? 98   PHE A CD1   1 
ATOM   718 C CD2   . PHE A 1 98  ? -3.420  -5.215  15.450  1.00 23.99 ? 98   PHE A CD2   1 
ATOM   719 C CE1   . PHE A 1 98  ? -0.870  -5.886  14.570  1.00 23.18 ? 98   PHE A CE1   1 
ATOM   720 C CE2   . PHE A 1 98  ? -2.933  -6.521  15.641  1.00 24.18 ? 98   PHE A CE2   1 
ATOM   721 C CZ    . PHE A 1 98  ? -1.653  -6.851  15.201  1.00 23.99 ? 98   PHE A CZ    1 
ATOM   722 N N     . GLU A 1 99  ? -6.202  -3.381  13.742  1.00 21.75 ? 99   GLU A N     1 
ATOM   723 C CA    . GLU A 1 99  ? -7.340  -4.289  13.744  1.00 21.67 ? 99   GLU A CA    1 
ATOM   724 C C     . GLU A 1 99  ? -7.873  -4.600  12.343  1.00 20.84 ? 99   GLU A C     1 
ATOM   725 O O     . GLU A 1 99  ? -8.313  -5.727  12.083  1.00 20.74 ? 99   GLU A O     1 
ATOM   726 C CB    . GLU A 1 99  ? -8.460  -3.770  14.639  1.00 21.94 ? 99   GLU A CB    1 
ATOM   727 C CG    . GLU A 1 99  ? -9.509  -4.831  14.959  1.00 24.93 ? 99   GLU A CG    1 
ATOM   728 C CD    . GLU A 1 99  ? -8.961  -6.048  15.734  1.00 28.50 ? 99   GLU A CD    1 
ATOM   729 O OE1   . GLU A 1 99  ? -9.649  -7.093  15.725  1.00 30.98 ? 99   GLU A OE1   1 
ATOM   730 O OE2   . GLU A 1 99  ? -7.864  -5.978  16.342  1.00 28.96 ? 99   GLU A OE2   1 
ATOM   731 N N     . ALA A 1 100 ? -7.812  -3.615  11.449  1.00 19.79 ? 100  ALA A N     1 
ATOM   732 C CA    . ALA A 1 100 ? -8.229  -3.815  10.060  1.00 19.30 ? 100  ALA A CA    1 
ATOM   733 C C     . ALA A 1 100 ? -7.528  -5.010  9.411   1.00 18.85 ? 100  ALA A C     1 
ATOM   734 O O     . ALA A 1 100 ? -8.115  -5.689  8.580   1.00 18.65 ? 100  ALA A O     1 
ATOM   735 C CB    . ALA A 1 100 ? -8.000  -2.553  9.236   1.00 19.19 ? 100  ALA A CB    1 
ATOM   736 N N     . ILE A 1 101 ? -6.283  -5.266  9.807   1.00 18.60 ? 101  ILE A N     1 
ATOM   737 C CA    . ILE A 1 101 ? -5.489  -6.355  9.220   1.00 18.42 ? 101  ILE A CA    1 
ATOM   738 C C     . ILE A 1 101 ? -5.326  -7.556  10.161  1.00 18.61 ? 101  ILE A C     1 
ATOM   739 O O     . ILE A 1 101 ? -4.578  -8.488  9.861   1.00 18.97 ? 101  ILE A O     1 
ATOM   740 C CB    . ILE A 1 101 ? -4.111  -5.857  8.656   1.00 18.09 ? 101  ILE A CB    1 
ATOM   741 C CG1   . ILE A 1 101 ? -3.294  -5.093  9.702   1.00 17.52 ? 101  ILE A CG1   1 
ATOM   742 C CG2   . ILE A 1 101 ? -4.325  -4.963  7.435   1.00 17.79 ? 101  ILE A CG2   1 
ATOM   743 C CD1   . ILE A 1 101 ? -2.431  -5.958  10.592  1.00 15.97 ? 101  ILE A CD1   1 
ATOM   744 N N     . ALA A 1 102 ? -6.062  -7.534  11.270  1.00 18.71 ? 102  ALA A N     1 
ATOM   745 C CA    . ALA A 1 102 ? -5.982  -8.552  12.323  1.00 19.03 ? 102  ALA A CA    1 
ATOM   746 C C     . ALA A 1 102 ? -6.331  -9.994  11.922  1.00 19.11 ? 102  ALA A C     1 
ATOM   747 O O     . ALA A 1 102 ? -5.895  -10.932 12.574  1.00 19.40 ? 102  ALA A O     1 
ATOM   748 C CB    . ALA A 1 102 ? -6.817  -8.123  13.534  1.00 19.00 ? 102  ALA A CB    1 
ATOM   749 N N     . ARG A 1 103 ? -7.128  -10.178 10.876  1.00 19.68 ? 103  ARG A N     1 
ATOM   750 C CA    . ARG A 1 103 ? -7.403  -11.531 10.346  1.00 20.32 ? 103  ARG A CA    1 
ATOM   751 C C     . ARG A 1 103 ? -6.123  -12.237 9.873   1.00 20.11 ? 103  ARG A C     1 
ATOM   752 O O     . ARG A 1 103 ? -6.061  -13.460 9.840   1.00 20.20 ? 103  ARG A O     1 
ATOM   753 C CB    . ARG A 1 103 ? -8.411  -11.474 9.196   1.00 20.55 ? 103  ARG A CB    1 
ATOM   754 C CG    . ARG A 1 103 ? -9.737  -10.808 9.535   1.00 22.24 ? 103  ARG A CG    1 
ATOM   755 C CD    . ARG A 1 103 ? -10.863 -11.804 9.665   1.00 26.01 ? 103  ARG A CD    1 
ATOM   756 N NE    . ARG A 1 103 ? -12.131 -11.138 9.958   1.00 28.07 ? 103  ARG A NE    1 
ATOM   757 C CZ    . ARG A 1 103 ? -13.329 -11.713 9.848   1.00 28.88 ? 103  ARG A CZ    1 
ATOM   758 N NH1   . ARG A 1 103 ? -13.433 -12.970 9.434   1.00 28.03 ? 103  ARG A NH1   1 
ATOM   759 N NH2   . ARG A 1 103 ? -14.427 -11.021 10.145  1.00 28.73 ? 103  ARG A NH2   1 
ATOM   760 N N     . PHE A 1 104 ? -5.118  -11.452 9.479   1.00 20.10 ? 104  PHE A N     1 
ATOM   761 C CA    . PHE A 1 104 ? -3.804  -11.976 9.160   1.00 19.69 ? 104  PHE A CA    1 
ATOM   762 C C     . PHE A 1 104 ? -3.083  -12.230 10.478  1.00 20.05 ? 104  PHE A C     1 
ATOM   763 O O     . PHE A 1 104 ? -2.399  -11.356 11.012  1.00 19.81 ? 104  PHE A O     1 
ATOM   764 C CB    . PHE A 1 104 ? -3.032  -10.993 8.270   1.00 19.61 ? 104  PHE A CB    1 
ATOM   765 C CG    . PHE A 1 104 ? -3.666  -10.762 6.921   1.00 18.79 ? 104  PHE A CG    1 
ATOM   766 C CD1   . PHE A 1 104 ? -3.504  -11.687 5.888   1.00 18.61 ? 104  PHE A CD1   1 
ATOM   767 C CD2   . PHE A 1 104 ? -4.425  -9.623  6.681   1.00 18.17 ? 104  PHE A CD2   1 
ATOM   768 C CE1   . PHE A 1 104 ? -4.085  -11.481 4.634   1.00 18.21 ? 104  PHE A CE1   1 
ATOM   769 C CE2   . PHE A 1 104 ? -5.023  -9.402  5.426   1.00 18.82 ? 104  PHE A CE2   1 
ATOM   770 C CZ    . PHE A 1 104 ? -4.857  -10.333 4.404   1.00 18.30 ? 104  PHE A CZ    1 
ATOM   771 N N     . LYS A 1 105 ? -3.266  -13.431 11.018  1.00 20.20 ? 105  LYS A N     1 
ATOM   772 C CA    . LYS A 1 105 ? -2.732  -13.762 12.336  1.00 20.59 ? 105  LYS A CA    1 
ATOM   773 C C     . LYS A 1 105 ? -1.226  -13.638 12.398  1.00 20.36 ? 105  LYS A C     1 
ATOM   774 O O     . LYS A 1 105 ? -0.675  -13.338 13.455  1.00 20.95 ? 105  LYS A O     1 
ATOM   775 C CB    . LYS A 1 105 ? -3.196  -15.153 12.796  1.00 21.07 ? 105  LYS A CB    1 
ATOM   776 C CG    . LYS A 1 105 ? -4.705  -15.227 13.044  1.00 21.90 ? 105  LYS A CG    1 
ATOM   777 C CD    . LYS A 1 105 ? -5.151  -14.088 13.961  1.00 23.04 ? 105  LYS A CD    1 
ATOM   778 C CE    . LYS A 1 105 ? -6.656  -14.034 14.095  1.00 24.18 ? 105  LYS A CE    1 
ATOM   779 N NZ    . LYS A 1 105 ? -7.093  -12.818 14.838  1.00 25.91 ? 105  LYS A NZ    1 
ATOM   780 N N     . TRP A 1 106 ? -0.569  -13.837 11.259  1.00 19.99 ? 106  TRP A N     1 
ATOM   781 C CA    . TRP A 1 106 ? 0.885   -13.701 11.154  1.00 19.26 ? 106  TRP A CA    1 
ATOM   782 C C     . TRP A 1 106 ? 1.397   -12.249 11.225  1.00 19.22 ? 106  TRP A C     1 
ATOM   783 O O     . TRP A 1 106 ? 2.609   -12.024 11.325  1.00 19.55 ? 106  TRP A O     1 
ATOM   784 C CB    . TRP A 1 106 ? 1.402   -14.406 9.886   1.00 19.19 ? 106  TRP A CB    1 
ATOM   785 C CG    . TRP A 1 106 ? 0.656   -14.045 8.609   1.00 17.89 ? 106  TRP A CG    1 
ATOM   786 C CD1   . TRP A 1 106 ? -0.296  -14.795 7.976   1.00 16.03 ? 106  TRP A CD1   1 
ATOM   787 C CD2   . TRP A 1 106 ? 0.816   -12.854 7.820   1.00 16.45 ? 106  TRP A CD2   1 
ATOM   788 N NE1   . TRP A 1 106 ? -0.742  -14.146 6.850   1.00 15.31 ? 106  TRP A NE1   1 
ATOM   789 C CE2   . TRP A 1 106 ? -0.076  -12.955 6.729   1.00 15.98 ? 106  TRP A CE2   1 
ATOM   790 C CE3   . TRP A 1 106 ? 1.623   -11.715 7.932   1.00 15.84 ? 106  TRP A CE3   1 
ATOM   791 C CZ2   . TRP A 1 106 ? -0.186  -11.957 5.758   1.00 15.99 ? 106  TRP A CZ2   1 
ATOM   792 C CZ3   . TRP A 1 106 ? 1.523   -10.727 6.957   1.00 15.79 ? 106  TRP A CZ3   1 
ATOM   793 C CH2   . TRP A 1 106 ? 0.622   -10.855 5.886   1.00 15.82 ? 106  TRP A CH2   1 
ATOM   794 N N     . ALA A 1 107 ? 0.482   -11.277 11.193  1.00 18.90 ? 107  ALA A N     1 
ATOM   795 C CA    . ALA A 1 107 ? 0.831   -9.855  11.117  1.00 18.37 ? 107  ALA A CA    1 
ATOM   796 C C     . ALA A 1 107 ? 1.356   -9.329  12.438  1.00 18.48 ? 107  ALA A C     1 
ATOM   797 O O     . ALA A 1 107 ? 0.650   -9.359  13.445  1.00 19.22 ? 107  ALA A O     1 
ATOM   798 C CB    . ALA A 1 107 ? -0.363  -9.044  10.678  1.00 17.73 ? 107  ALA A CB    1 
ATOM   799 N N     . ARG A 1 108 ? 2.594   -8.841  12.431  1.00 18.30 ? 108  ARG A N     1 
ATOM   800 C CA    . ARG A 1 108 ? 3.222   -8.273  13.627  1.00 18.00 ? 108  ARG A CA    1 
ATOM   801 C C     . ARG A 1 108 ? 2.877   -6.792  13.794  1.00 17.98 ? 108  ARG A C     1 
ATOM   802 O O     . ARG A 1 108 ? 3.048   -6.222  14.871  1.00 17.88 ? 108  ARG A O     1 
ATOM   803 C CB    . ARG A 1 108 ? 4.748   -8.458  13.583  1.00 17.93 ? 108  ARG A CB    1 
ATOM   804 C CG    . ARG A 1 108 ? 5.462   -7.620  12.531  1.00 17.92 ? 108  ARG A CG    1 
ATOM   805 C CD    . ARG A 1 108 ? 6.969   -7.886  12.468  1.00 18.45 ? 108  ARG A CD    1 
ATOM   806 N NE    . ARG A 1 108 ? 7.581   -7.064  11.424  1.00 18.96 ? 108  ARG A NE    1 
ATOM   807 C CZ    . ARG A 1 108 ? 8.036   -5.824  11.605  1.00 20.24 ? 108  ARG A CZ    1 
ATOM   808 N NH1   . ARG A 1 108 ? 7.983   -5.253  12.806  1.00 20.10 ? 108  ARG A NH1   1 
ATOM   809 N NH2   . ARG A 1 108 ? 8.552   -5.146  10.585  1.00 19.73 ? 108  ARG A NH2   1 
ATOM   810 N N     . ALA A 1 109 ? 2.407   -6.174  12.716  1.00 17.77 ? 109  ALA A N     1 
ATOM   811 C CA    . ALA A 1 109 ? 2.159   -4.744  12.692  1.00 17.55 ? 109  ALA A CA    1 
ATOM   812 C C     . ALA A 1 109 ? 1.273   -4.393  11.506  1.00 17.53 ? 109  ALA A C     1 
ATOM   813 O O     . ALA A 1 109 ? 0.935   -5.249  10.690  1.00 17.67 ? 109  ALA A O     1 
ATOM   814 C CB    . ALA A 1 109 ? 3.490   -3.977  12.605  1.00 17.60 ? 109  ALA A CB    1 
ATOM   815 N N     . ALA A 1 110 ? 0.901   -3.122  11.421  1.00 17.46 ? 110  ALA A N     1 
ATOM   816 C CA    . ALA A 1 110 ? 0.211   -2.597  10.261  1.00 17.18 ? 110  ALA A CA    1 
ATOM   817 C C     . ALA A 1 110 ? 1.098   -1.531  9.654   1.00 17.24 ? 110  ALA A C     1 
ATOM   818 O O     . ALA A 1 110 ? 1.578   -0.653  10.371  1.00 17.51 ? 110  ALA A O     1 
ATOM   819 C CB    . ALA A 1 110 ? -1.109  -1.998  10.670  1.00 17.19 ? 110  ALA A CB    1 
ATOM   820 N N     . LEU A 1 111 ? 1.325   -1.596  8.346   1.00 16.86 ? 111  LEU A N     1 
ATOM   821 C CA    . LEU A 1 111 ? 1.913   -0.460  7.644   1.00 17.08 ? 111  LEU A CA    1 
ATOM   822 C C     . LEU A 1 111 ? 0.787   0.435   7.172   1.00 17.13 ? 111  LEU A C     1 
ATOM   823 O O     . LEU A 1 111 ? -0.075  0.005   6.395   1.00 17.71 ? 111  LEU A O     1 
ATOM   824 C CB    . LEU A 1 111 ? 2.766   -0.910  6.461   1.00 17.17 ? 111  LEU A CB    1 
ATOM   825 C CG    . LEU A 1 111 ? 3.308   0.184   5.532   1.00 17.87 ? 111  LEU A CG    1 
ATOM   826 C CD1   . LEU A 1 111 ? 4.254   1.149   6.259   1.00 16.07 ? 111  LEU A CD1   1 
ATOM   827 C CD2   . LEU A 1 111 ? 3.985   -0.461  4.313   1.00 17.47 ? 111  LEU A CD2   1 
ATOM   828 N N     . VAL A 1 112 ? 0.781   1.671   7.654   1.00 17.04 ? 112  VAL A N     1 
ATOM   829 C CA    . VAL A 1 112 ? -0.282  2.612   7.313   1.00 17.14 ? 112  VAL A CA    1 
ATOM   830 C C     . VAL A 1 112 ? 0.248   3.672   6.358   1.00 17.54 ? 112  VAL A C     1 
ATOM   831 O O     . VAL A 1 112 ? 1.143   4.450   6.707   1.00 17.04 ? 112  VAL A O     1 
ATOM   832 C CB    . VAL A 1 112 ? -0.920  3.276   8.571   1.00 16.94 ? 112  VAL A CB    1 
ATOM   833 C CG1   . VAL A 1 112 ? -2.020  4.225   8.170   1.00 17.28 ? 112  VAL A CG1   1 
ATOM   834 C CG2   . VAL A 1 112 ? -1.490  2.223   9.501   1.00 16.99 ? 112  VAL A CG2   1 
ATOM   835 N N     . ILE A 1 113 ? -0.306  3.671   5.146   1.00 18.01 ? 113  ILE A N     1 
ATOM   836 C CA    . ILE A 1 113 ? 0.062   4.615   4.094   1.00 18.56 ? 113  ILE A CA    1 
ATOM   837 C C     . ILE A 1 113 ? -1.041  5.675   4.030   1.00 18.90 ? 113  ILE A C     1 
ATOM   838 O O     . ILE A 1 113 ? -2.198  5.361   3.757   1.00 18.87 ? 113  ILE A O     1 
ATOM   839 C CB    . ILE A 1 113 ? 0.160   3.904   2.701   1.00 18.64 ? 113  ILE A CB    1 
ATOM   840 C CG1   . ILE A 1 113 ? 0.896   2.545   2.791   1.00 18.20 ? 113  ILE A CG1   1 
ATOM   841 C CG2   . ILE A 1 113 ? 0.680   4.867   1.609   1.00 18.66 ? 113  ILE A CG2   1 
ATOM   842 C CD1   . ILE A 1 113 ? 2.325   2.545   2.403   1.00 16.11 ? 113  ILE A CD1   1 
ATOM   843 N N     . THR A 1 114 ? -0.688  6.924   4.305   1.00 19.36 ? 114  THR A N     1 
ATOM   844 C CA    . THR A 1 114 ? -1.639  8.018   4.127   1.00 19.70 ? 114  THR A CA    1 
ATOM   845 C C     . THR A 1 114 ? -1.374  8.624   2.761   1.00 20.46 ? 114  THR A C     1 
ATOM   846 O O     . THR A 1 114 ? -0.321  9.213   2.540   1.00 20.65 ? 114  THR A O     1 
ATOM   847 C CB    . THR A 1 114 ? -1.483  9.103   5.206   1.00 19.63 ? 114  THR A CB    1 
ATOM   848 O OG1   . THR A 1 114 ? -1.503  8.497   6.500   1.00 18.27 ? 114  THR A OG1   1 
ATOM   849 C CG2   . THR A 1 114 ? -2.608  10.122  5.102   1.00 18.95 ? 114  THR A CG2   1 
ATOM   850 N N     . VAL A 1 115 ? -2.320  8.458   1.842   1.00 21.23 ? 115  VAL A N     1 
ATOM   851 C CA    . VAL A 1 115 ? -2.133  8.872   0.453   1.00 21.89 ? 115  VAL A CA    1 
ATOM   852 C C     . VAL A 1 115 ? -2.154  10.394  0.305   1.00 22.60 ? 115  VAL A C     1 
ATOM   853 O O     . VAL A 1 115 ? -3.146  11.042  0.674   1.00 22.72 ? 115  VAL A O     1 
ATOM   854 C CB    . VAL A 1 115 ? -3.223  8.266   -0.445  1.00 21.76 ? 115  VAL A CB    1 
ATOM   855 C CG1   . VAL A 1 115 ? -3.016  8.673   -1.894  1.00 22.21 ? 115  VAL A CG1   1 
ATOM   856 C CG2   . VAL A 1 115 ? -3.230  6.765   -0.311  1.00 21.69 ? 115  VAL A CG2   1 
ATOM   857 N N     . VAL A 1 116 ? -1.066  10.960  -0.220  1.00 23.21 ? 116  VAL A N     1 
ATOM   858 C CA    . VAL A 1 116 ? -1.038  12.397  -0.540  1.00 24.10 ? 116  VAL A CA    1 
ATOM   859 C C     . VAL A 1 116 ? -1.408  12.650  -2.012  1.00 24.68 ? 116  VAL A C     1 
ATOM   860 O O     . VAL A 1 116 ? -2.024  13.676  -2.337  1.00 25.19 ? 116  VAL A O     1 
ATOM   861 C CB    . VAL A 1 116 ? 0.287   13.126  -0.112  1.00 24.05 ? 116  VAL A CB    1 
ATOM   862 C CG1   . VAL A 1 116 ? 0.722   12.703  1.294   1.00 24.30 ? 116  VAL A CG1   1 
ATOM   863 C CG2   . VAL A 1 116 ? 1.422   12.893  -1.105  1.00 24.80 ? 116  VAL A CG2   1 
ATOM   864 N N     . SER A 1 117 ? -1.051  11.711  -2.890  1.00 24.92 ? 117  SER A N     1 
ATOM   865 C CA    . SER A 1 117 ? -1.471  11.763  -4.291  1.00 25.09 ? 117  SER A CA    1 
ATOM   866 C C     . SER A 1 117 ? -1.567  10.378  -4.935  1.00 25.60 ? 117  SER A C     1 
ATOM   867 O O     . SER A 1 117 ? -0.819  9.458   -4.581  1.00 25.62 ? 117  SER A O     1 
ATOM   868 C CB    . SER A 1 117 ? -0.538  12.660  -5.102  1.00 25.07 ? 117  SER A CB    1 
ATOM   869 O OG    . SER A 1 117 ? 0.761   12.113  -5.191  1.00 24.83 ? 117  SER A OG    1 
ATOM   870 N N     . ALA A 1 118 ? -2.500  10.238  -5.871  1.00 26.07 ? 118  ALA A N     1 
ATOM   871 C CA    . ALA A 1 118 ? -2.612  9.033   -6.685  1.00 26.60 ? 118  ALA A CA    1 
ATOM   872 C C     . ALA A 1 118 ? -2.813  9.396   -8.153  1.00 27.12 ? 118  ALA A C     1 
ATOM   873 O O     . ALA A 1 118 ? -3.800  10.049  -8.508  1.00 27.29 ? 118  ALA A O     1 
ATOM   874 C CB    . ALA A 1 118 ? -3.743  8.162   -6.196  1.00 26.37 ? 118  ALA A CB    1 
ATOM   875 N N     . GLU A 1 119 ? -1.867  8.989   -8.999  1.00 27.39 ? 119  GLU A N     1 
ATOM   876 C CA    . GLU A 1 119 ? -1.995  9.187   -10.442 1.00 27.78 ? 119  GLU A CA    1 
ATOM   877 C C     . GLU A 1 119 ? -2.198  7.865   -11.182 1.00 27.62 ? 119  GLU A C     1 
ATOM   878 O O     . GLU A 1 119 ? -1.544  6.863   -10.879 1.00 26.97 ? 119  GLU A O     1 
ATOM   879 C CB    . GLU A 1 119 ? -0.799  9.965   -11.016 1.00 27.97 ? 119  GLU A CB    1 
ATOM   880 C CG    . GLU A 1 119 ? 0.565   9.361   -10.730 1.00 30.17 ? 119  GLU A CG    1 
ATOM   881 C CD    . GLU A 1 119 ? 1.711   10.149  -11.349 1.00 33.81 ? 119  GLU A CD    1 
ATOM   882 O OE1   . GLU A 1 119 ? 2.641   10.534  -10.598 1.00 35.72 ? 119  GLU A OE1   1 
ATOM   883 O OE2   . GLU A 1 119 ? 1.686   10.379  -12.582 1.00 34.85 ? 119  GLU A OE2   1 
ATOM   884 N N     . GLN A 1 120 ? -3.131  7.875   -12.135 1.00 27.82 ? 120  GLN A N     1 
ATOM   885 C CA    . GLN A 1 120 ? -3.359  6.733   -13.014 1.00 28.10 ? 120  GLN A CA    1 
ATOM   886 C C     . GLN A 1 120 ? -2.219  6.656   -14.007 1.00 27.84 ? 120  GLN A C     1 
ATOM   887 O O     . GLN A 1 120 ? -1.954  7.615   -14.732 1.00 28.08 ? 120  GLN A O     1 
ATOM   888 C CB    . GLN A 1 120 ? -4.675  6.871   -13.772 1.00 28.14 ? 120  GLN A CB    1 
ATOM   889 C CG    . GLN A 1 120 ? -5.898  6.514   -12.968 1.00 30.22 ? 120  GLN A CG    1 
ATOM   890 C CD    . GLN A 1 120 ? -7.099  6.157   -13.839 1.00 32.55 ? 120  GLN A CD    1 
ATOM   891 O OE1   . GLN A 1 120 ? -8.222  6.588   -13.566 1.00 33.49 ? 120  GLN A OE1   1 
ATOM   892 N NE2   . GLN A 1 120 ? -6.870  5.359   -14.887 1.00 33.12 ? 120  GLN A NE2   1 
ATOM   893 N N     . THR A 1 121 ? -1.540  5.522   -14.033 1.00 27.53 ? 121  THR A N     1 
ATOM   894 C CA    . THR A 1 121 ? -0.409  5.342   -14.932 1.00 27.54 ? 121  THR A CA    1 
ATOM   895 C C     . THR A 1 121 ? -0.773  4.460   -16.125 1.00 28.02 ? 121  THR A C     1 
ATOM   896 O O     . THR A 1 121 ? -0.002  4.336   -17.079 1.00 28.14 ? 121  THR A O     1 
ATOM   897 C CB    . THR A 1 121 ? 0.817   4.785   -14.187 1.00 27.04 ? 121  THR A CB    1 
ATOM   898 O OG1   . THR A 1 121 ? 0.434   3.638   -13.422 1.00 26.10 ? 121  THR A OG1   1 
ATOM   899 C CG2   . THR A 1 121 ? 1.389   5.833   -13.252 1.00 26.85 ? 121  THR A CG2   1 
ATOM   900 N N     . LEU A 1 122 ? -1.952  3.853   -16.064 1.00 28.69 ? 122  LEU A N     1 
ATOM   901 C CA    . LEU A 1 122 ? -2.453  3.016   -17.148 1.00 29.64 ? 122  LEU A CA    1 
ATOM   902 C C     . LEU A 1 122 ? -3.969  3.199   -17.297 1.00 30.26 ? 122  LEU A C     1 
ATOM   903 O O     . LEU A 1 122 ? -4.711  3.312   -16.309 1.00 30.41 ? 122  LEU A O     1 
ATOM   904 C CB    . LEU A 1 122 ? -2.104  1.540   -16.912 1.00 29.49 ? 122  LEU A CB    1 
ATOM   905 C CG    . LEU A 1 122 ? -2.440  0.521   -18.010 1.00 29.97 ? 122  LEU A CG    1 
ATOM   906 C CD1   . LEU A 1 122 ? -1.305  0.410   -19.035 1.00 30.00 ? 122  LEU A CD1   1 
ATOM   907 C CD2   . LEU A 1 122 ? -2.764  -0.854  -17.410 1.00 29.49 ? 122  LEU A CD2   1 
ATOM   908 O OXT   . LEU A 1 122 ? -4.484  3.237   -18.423 1.00 30.70 ? 122  LEU A OXT   1 
HETATM 909 N N1    . FMN B 2 .   ? 5.454   -9.391  3.356   1.00 12.69 ? 201  FMN A N1    1 
HETATM 910 C C2    . FMN B 2 .   ? 4.619   -8.867  4.345   1.00 12.12 ? 201  FMN A C2    1 
HETATM 911 O O2    . FMN B 2 .   ? 5.118   -8.514  5.414   1.00 13.12 ? 201  FMN A O2    1 
HETATM 912 N N3    . FMN B 2 .   ? 3.242   -8.751  4.113   1.00 11.33 ? 201  FMN A N3    1 
HETATM 913 C C4    . FMN B 2 .   ? 2.706   -9.165  2.882   1.00 12.14 ? 201  FMN A C4    1 
HETATM 914 O O4    . FMN B 2 .   ? 1.492   -9.074  2.669   1.00 11.72 ? 201  FMN A O4    1 
HETATM 915 C C4A   . FMN B 2 .   ? 3.553   -9.679  1.900   1.00 11.39 ? 201  FMN A C4A   1 
HETATM 916 N N5    . FMN B 2 .   ? 3.026   -10.088 0.686   1.00 11.64 ? 201  FMN A N5    1 
HETATM 917 C C5A   . FMN B 2 .   ? 3.868   -10.487 -0.354  1.00 11.63 ? 201  FMN A C5A   1 
HETATM 918 C C6    . FMN B 2 .   ? 3.314   -10.745 -1.596  1.00 11.42 ? 201  FMN A C6    1 
HETATM 919 C C7    . FMN B 2 .   ? 4.115   -11.133 -2.656  1.00 11.09 ? 201  FMN A C7    1 
HETATM 920 C C7M   . FMN B 2 .   ? 3.454   -11.429 -4.005  1.00 9.41  ? 201  FMN A C7M   1 
HETATM 921 C C8    . FMN B 2 .   ? 5.489   -11.254 -2.467  1.00 11.74 ? 201  FMN A C8    1 
HETATM 922 C C8M   . FMN B 2 .   ? 6.399   -11.674 -3.623  1.00 10.99 ? 201  FMN A C8M   1 
HETATM 923 C C9    . FMN B 2 .   ? 6.050   -10.984 -1.221  1.00 12.20 ? 201  FMN A C9    1 
HETATM 924 C C9A   . FMN B 2 .   ? 5.239   -10.600 -0.151  1.00 12.10 ? 201  FMN A C9A   1 
HETATM 925 N N10   . FMN B 2 .   ? 5.776   -10.298 1.127   1.00 11.81 ? 201  FMN A N10   1 
HETATM 926 C C10   . FMN B 2 .   ? 4.923   -9.798  2.127   1.00 12.51 ? 201  FMN A C10   1 
HETATM 927 C "C1'" . FMN B 2 .   ? 7.234   -10.322 1.367   1.00 11.88 ? 201  FMN A "C1'" 1 
HETATM 928 C "C2'" . FMN B 2 .   ? 7.802   -8.888  1.325   1.00 12.24 ? 201  FMN A "C2'" 1 
HETATM 929 O "O2'" . FMN B 2 .   ? 7.843   -8.438  -0.024  1.00 13.01 ? 201  FMN A "O2'" 1 
HETATM 930 C "C3'" . FMN B 2 .   ? 9.211   -8.769  1.923   1.00 12.37 ? 201  FMN A "C3'" 1 
HETATM 931 O "O3'" . FMN B 2 .   ? 10.141  -9.541  1.142   1.00 14.80 ? 201  FMN A "O3'" 1 
HETATM 932 C "C4'" . FMN B 2 .   ? 9.296   -9.183  3.409   1.00 12.30 ? 201  FMN A "C4'" 1 
HETATM 933 O "O4'" . FMN B 2 .   ? 8.156   -8.692  4.130   1.00 12.18 ? 201  FMN A "O4'" 1 
HETATM 934 C "C5'" . FMN B 2 .   ? 10.571  -8.652  4.052   1.00 10.86 ? 201  FMN A "C5'" 1 
HETATM 935 O "O5'" . FMN B 2 .   ? 10.543  -7.218  4.057   1.00 12.82 ? 201  FMN A "O5'" 1 
HETATM 936 P P     . FMN B 2 .   ? 11.903  -6.299  4.030   1.00 11.98 ? 201  FMN A P     1 
HETATM 937 O O1P   . FMN B 2 .   ? 12.722  -6.714  2.719   1.00 11.85 ? 201  FMN A O1P   1 
HETATM 938 O O2P   . FMN B 2 .   ? 12.765  -6.770  5.273   1.00 10.50 ? 201  FMN A O2P   1 
HETATM 939 O O3P   . FMN B 2 .   ? 11.624  -4.839  4.042   1.00 11.27 ? 201  FMN A O3P   1 
HETATM 940 O O     . HOH C 3 .   ? 10.257  -0.694  0.900   1.00 10.39 ? 1001 HOH A O     1 
HETATM 941 O O     . HOH C 3 .   ? -1.078  0.864   22.082  1.00 19.28 ? 1002 HOH A O     1 
HETATM 942 O O     . HOH C 3 .   ? 13.979  -8.695  6.399   1.00 21.69 ? 1003 HOH A O     1 
HETATM 943 O O     . HOH C 3 .   ? -1.397  -4.485  -8.434  1.00 12.95 ? 1004 HOH A O     1 
HETATM 944 O O     . HOH C 3 .   ? -10.297 7.274   2.905   1.00 42.81 ? 1005 HOH A O     1 
HETATM 945 O O     . HOH C 3 .   ? 16.884  0.774   1.395   1.00 12.41 ? 1006 HOH A O     1 
HETATM 946 O O     . HOH C 3 .   ? 0.314   7.053   7.818   1.00 15.14 ? 1007 HOH A O     1 
HETATM 947 O O     . HOH C 3 .   ? 8.996   2.606   11.362  1.00 24.44 ? 1008 HOH A O     1 
HETATM 948 O O     . HOH C 3 .   ? -8.504  -4.685  -0.516  1.00 23.89 ? 1009 HOH A O     1 
HETATM 949 O O     . HOH C 3 .   ? 6.905   4.080   11.758  1.00 11.71 ? 1010 HOH A O     1 
HETATM 950 O O     . HOH C 3 .   ? -4.282  10.706  -12.792 1.00 35.93 ? 1011 HOH A O     1 
HETATM 951 O O     . HOH C 3 .   ? -1.817  -10.278 13.899  1.00 39.37 ? 1012 HOH A O     1 
HETATM 952 O O     . HOH C 3 .   ? 17.650  -2.065  -0.656  1.00 46.50 ? 1013 HOH A O     1 
HETATM 953 O O     . HOH C 3 .   ? 0.166   2.329   17.263  1.00 24.95 ? 1014 HOH A O     1 
HETATM 954 O O     . HOH C 3 .   ? 9.173   -8.883  -2.465  1.00 17.89 ? 1015 HOH A O     1 
HETATM 955 O O     . HOH C 3 .   ? 2.298   8.898   8.308   1.00 33.45 ? 1016 HOH A O     1 
HETATM 956 O O     . HOH C 3 .   ? -1.925  -14.816 4.311   1.00 23.08 ? 1017 HOH A O     1 
HETATM 957 O O     . HOH C 3 .   ? 2.586   -3.135  -8.721  1.00 14.76 ? 1018 HOH A O     1 
HETATM 958 O O     . HOH C 3 .   ? 11.019  5.651   2.964   1.00 13.94 ? 1019 HOH A O     1 
HETATM 959 O O     . HOH C 3 .   ? 2.109   6.380   -17.465 1.00 31.57 ? 1020 HOH A O     1 
HETATM 960 O O     . HOH C 3 .   ? 2.476   -14.025 -6.349  1.00 21.38 ? 1021 HOH A O     1 
HETATM 961 O O     . HOH C 3 .   ? -1.058  -6.117  -10.637 1.00 20.08 ? 1022 HOH A O     1 
HETATM 962 O O     . HOH C 3 .   ? -8.229  -8.306  8.676   1.00 19.33 ? 1023 HOH A O     1 
HETATM 963 O O     . HOH C 3 .   ? 18.984  -0.065  -2.622  1.00 35.16 ? 1024 HOH A O     1 
HETATM 964 O O     . HOH C 3 .   ? -14.366 -1.663  -15.080 1.00 31.95 ? 1025 HOH A O     1 
HETATM 965 O O     . HOH C 3 .   ? -5.092  10.467  8.059   1.00 26.35 ? 1026 HOH A O     1 
HETATM 966 O O     . HOH C 3 .   ? 9.028   -9.952  -5.402  1.00 26.29 ? 1027 HOH A O     1 
HETATM 967 O O     . HOH C 3 .   ? 11.551  -4.992  12.428  1.00 23.35 ? 1028 HOH A O     1 
HETATM 968 O O     . HOH C 3 .   ? 12.390  -8.201  0.577   1.00 10.60 ? 1029 HOH A O     1 
HETATM 969 O O     . HOH C 3 .   ? 11.393  -7.483  -1.525  1.00 13.91 ? 1030 HOH A O     1 
HETATM 970 O O     . HOH C 3 .   ? -6.810  -8.237  -11.848 1.00 18.07 ? 1031 HOH A O     1 
HETATM 971 O O     . HOH C 3 .   ? 1.032   9.882   -7.260  1.00 24.55 ? 1032 HOH A O     1 
HETATM 972 O O     . HOH C 3 .   ? -2.703  -6.686  -14.357 1.00 22.14 ? 1033 HOH A O     1 
# 
loop_
_pdbx_poly_seq_scheme.asym_id 
_pdbx_poly_seq_scheme.entity_id 
_pdbx_poly_seq_scheme.seq_id 
_pdbx_poly_seq_scheme.mon_id 
_pdbx_poly_seq_scheme.ndb_seq_num 
_pdbx_poly_seq_scheme.pdb_seq_num 
_pdbx_poly_seq_scheme.auth_seq_num 
_pdbx_poly_seq_scheme.pdb_mon_id 
_pdbx_poly_seq_scheme.auth_mon_id 
_pdbx_poly_seq_scheme.pdb_strand_id 
_pdbx_poly_seq_scheme.pdb_ins_code 
_pdbx_poly_seq_scheme.hetero 
A 1 1   MET 1   1   ?   ?   ?   A . n 
A 1 2   LEU 2   2   ?   ?   ?   A . n 
A 1 3   PRO 3   3   3   PRO PRO A . n 
A 1 4   GLY 4   4   4   GLY GLY A . n 
A 1 5   THR 5   5   5   THR THR A . n 
A 1 6   PHE 6   6   6   PHE PHE A . n 
A 1 7   PHE 7   7   7   PHE PHE A . n 
A 1 8   GLU 8   8   8   GLU GLU A . n 
A 1 9   VAL 9   9   9   VAL VAL A . n 
A 1 10  LEU 10  10  10  LEU LEU A . n 
A 1 11  LYS 11  11  11  LYS LYS A . n 
A 1 12  ASN 12  12  12  ASN ASN A . n 
A 1 13  GLU 13  13  13  GLU GLU A . n 
A 1 14  GLY 14  14  14  GLY GLY A . n 
A 1 15  VAL 15  15  15  VAL VAL A . n 
A 1 16  VAL 16  16  16  VAL VAL A . n 
A 1 17  ALA 17  17  17  ALA ALA A . n 
A 1 18  ILE 18  18  18  ILE ILE A . n 
A 1 19  ALA 19  19  19  ALA ALA A . n 
A 1 20  THR 20  20  20  THR THR A . n 
A 1 21  GLN 21  21  21  GLN GLN A . n 
A 1 22  GLY 22  22  22  GLY GLY A . n 
A 1 23  GLU 23  23  23  GLU GLU A . n 
A 1 24  ASP 24  24  24  ASP ASP A . n 
A 1 25  GLY 25  25  25  GLY GLY A . n 
A 1 26  PRO 26  26  26  PRO PRO A . n 
A 1 27  HIS 27  27  27  HIS HIS A . n 
A 1 28  LEU 28  28  28  LEU LEU A . n 
A 1 29  VAL 29  29  29  VAL VAL A . n 
A 1 30  ASN 30  30  30  ASN ASN A . n 
A 1 31  THR 31  31  31  THR THR A . n 
A 1 32  TYR 32  32  32  TYR TYR A . n 
A 1 33  ASN 33  33  33  ASN ASN A . n 
A 1 34  SER 34  34  34  SER SER A . n 
A 1 35  TYR 35  35  35  TYR TYR A . n 
A 1 36  LEU 36  36  36  LEU LEU A . n 
A 1 37  LYS 37  37  37  LYS LYS A . n 
A 1 38  VAL 38  38  38  VAL VAL A . n 
A 1 39  LEU 39  39  39  LEU LEU A . n 
A 1 40  ASP 40  40  40  ASP ASP A . n 
A 1 41  GLY 41  41  41  GLY GLY A . n 
A 1 42  ASN 42  42  42  ASN ASN A . n 
A 1 43  ARG 43  43  43  ARG ARG A . n 
A 1 44  ILE 44  44  44  ILE ILE A . n 
A 1 45  VAL 45  45  45  VAL VAL A . n 
A 1 46  VAL 46  46  46  VAL VAL A . n 
A 1 47  PRO 47  47  47  PRO PRO A . n 
A 1 48  VAL 48  48  48  VAL VAL A . n 
A 1 49  GLY 49  49  49  GLY GLY A . n 
A 1 50  GLY 50  50  50  GLY GLY A . n 
A 1 51  MET 51  51  51  MET MET A . n 
A 1 52  HIS 52  52  52  HIS HIS A . n 
A 1 53  LYS 53  53  53  LYS LYS A . n 
A 1 54  THR 54  54  54  THR THR A . n 
A 1 55  GLU 55  55  55  GLU GLU A . n 
A 1 56  ALA 56  56  56  ALA ALA A . n 
A 1 57  ASN 57  57  57  ASN ASN A . n 
A 1 58  VAL 58  58  58  VAL VAL A . n 
A 1 59  ALA 59  59  59  ALA ALA A . n 
A 1 60  ARG 60  60  60  ARG ARG A . n 
A 1 61  ASP 61  61  61  ASP ASP A . n 
A 1 62  GLU 62  62  62  GLU GLU A . n 
A 1 63  ARG 63  63  63  ARG ARG A . n 
A 1 64  VAL 64  64  64  VAL VAL A . n 
A 1 65  LEU 65  65  65  LEU LEU A . n 
A 1 66  MET 66  66  66  MET MET A . n 
A 1 67  THR 67  67  67  THR THR A . n 
A 1 68  LEU 68  68  68  LEU LEU A . n 
A 1 69  GLY 69  69  69  GLY GLY A . n 
A 1 70  SER 70  70  70  SER SER A . n 
A 1 71  ARG 71  71  71  ARG ARG A . n 
A 1 72  LYS 72  72  72  LYS LYS A . n 
A 1 73  VAL 73  73  73  VAL VAL A . n 
A 1 74  ALA 74  74  74  ALA ALA A . n 
A 1 75  GLY 75  75  75  GLY GLY A . n 
A 1 76  ARG 76  76  76  ARG ARG A . n 
A 1 77  ASN 77  77  77  ASN ASN A . n 
A 1 78  GLY 78  78  78  GLY GLY A . n 
A 1 79  PRO 79  79  79  PRO PRO A . n 
A 1 80  GLY 80  80  80  GLY GLY A . n 
A 1 81  THR 81  81  81  THR THR A . n 
A 1 82  GLY 82  82  82  GLY GLY A . n 
A 1 83  PHE 83  83  83  PHE PHE A . n 
A 1 84  LEU 84  84  84  LEU LEU A . n 
A 1 85  ILE 85  85  85  ILE ILE A . n 
A 1 86  ARG 86  86  86  ARG ARG A . n 
A 1 87  GLY 87  87  87  GLY GLY A . n 
A 1 88  SER 88  88  88  SER SER A . n 
A 1 89  ALA 89  89  89  ALA ALA A . n 
A 1 90  ALA 90  90  90  ALA ALA A . n 
A 1 91  PHE 91  91  91  PHE PHE A . n 
A 1 92  ARG 92  92  92  ARG ARG A . n 
A 1 93  THR 93  93  93  THR THR A . n 
A 1 94  ASP 94  94  94  ASP ASP A . n 
A 1 95  GLY 95  95  95  GLY GLY A . n 
A 1 96  PRO 96  96  96  PRO PRO A . n 
A 1 97  GLU 97  97  97  GLU GLU A . n 
A 1 98  PHE 98  98  98  PHE PHE A . n 
A 1 99  GLU 99  99  99  GLU GLU A . n 
A 1 100 ALA 100 100 100 ALA ALA A . n 
A 1 101 ILE 101 101 101 ILE ILE A . n 
A 1 102 ALA 102 102 102 ALA ALA A . n 
A 1 103 ARG 103 103 103 ARG ARG A . n 
A 1 104 PHE 104 104 104 PHE PHE A . n 
A 1 105 LYS 105 105 105 LYS LYS A . n 
A 1 106 TRP 106 106 106 TRP TRP A . n 
A 1 107 ALA 107 107 107 ALA ALA A . n 
A 1 108 ARG 108 108 108 ARG ARG A . n 
A 1 109 ALA 109 109 109 ALA ALA A . n 
A 1 110 ALA 110 110 110 ALA ALA A . n 
A 1 111 LEU 111 111 111 LEU LEU A . n 
A 1 112 VAL 112 112 112 VAL VAL A . n 
A 1 113 ILE 113 113 113 ILE ILE A . n 
A 1 114 THR 114 114 114 THR THR A . n 
A 1 115 VAL 115 115 115 VAL VAL A . n 
A 1 116 VAL 116 116 116 VAL VAL A . n 
A 1 117 SER 117 117 117 SER SER A . n 
A 1 118 ALA 118 118 118 ALA ALA A . n 
A 1 119 GLU 119 119 119 GLU GLU A . n 
A 1 120 GLN 120 120 120 GLN GLN A . n 
A 1 121 THR 121 121 121 THR THR A . n 
A 1 122 LEU 122 122 122 LEU LEU A . n 
# 
loop_
_pdbx_nonpoly_scheme.asym_id 
_pdbx_nonpoly_scheme.entity_id 
_pdbx_nonpoly_scheme.mon_id 
_pdbx_nonpoly_scheme.ndb_seq_num 
_pdbx_nonpoly_scheme.pdb_seq_num 
_pdbx_nonpoly_scheme.auth_seq_num 
_pdbx_nonpoly_scheme.pdb_mon_id 
_pdbx_nonpoly_scheme.auth_mon_id 
_pdbx_nonpoly_scheme.pdb_strand_id 
_pdbx_nonpoly_scheme.pdb_ins_code 
B 2 FMN 1  201  123  FMN FMN A . 
C 3 HOH 1  1001 1001 HOH HOH A . 
C 3 HOH 2  1002 1002 HOH HOH A . 
C 3 HOH 3  1003 1003 HOH HOH A . 
C 3 HOH 4  1004 1004 HOH HOH A . 
C 3 HOH 5  1005 1005 HOH HOH A . 
C 3 HOH 6  1006 1006 HOH HOH A . 
C 3 HOH 7  1007 1007 HOH HOH A . 
C 3 HOH 8  1008 1008 HOH HOH A . 
C 3 HOH 9  1009 1009 HOH HOH A . 
C 3 HOH 10 1010 1010 HOH HOH A . 
C 3 HOH 11 1011 1011 HOH HOH A . 
C 3 HOH 12 1012 1012 HOH HOH A . 
C 3 HOH 13 1013 1013 HOH HOH A . 
C 3 HOH 14 1014 1014 HOH HOH A . 
C 3 HOH 15 1015 1015 HOH HOH A . 
C 3 HOH 16 1016 1016 HOH HOH A . 
C 3 HOH 17 1017 1017 HOH HOH A . 
C 3 HOH 18 1018 1018 HOH HOH A . 
C 3 HOH 19 1019 1020 HOH HOH A . 
C 3 HOH 20 1020 1021 HOH HOH A . 
C 3 HOH 21 1021 1024 HOH HOH A . 
C 3 HOH 22 1022 1025 HOH HOH A . 
C 3 HOH 23 1023 1026 HOH HOH A . 
C 3 HOH 24 1024 1028 HOH HOH A . 
C 3 HOH 25 1025 1030 HOH HOH A . 
C 3 HOH 26 1026 1031 HOH HOH A . 
C 3 HOH 27 1027 1032 HOH HOH A . 
C 3 HOH 28 1028 1034 HOH HOH A . 
C 3 HOH 29 1029 1035 HOH HOH A . 
C 3 HOH 30 1030 1036 HOH HOH A . 
C 3 HOH 31 1031 1037 HOH HOH A . 
C 3 HOH 32 1032 1038 HOH HOH A . 
C 3 HOH 33 1033 1039 HOH HOH A . 
# 
_pdbx_struct_assembly.id                   1 
_pdbx_struct_assembly.details              author_and_software_defined_assembly 
_pdbx_struct_assembly.method_details       PISA 
_pdbx_struct_assembly.oligomeric_details   dimeric 
_pdbx_struct_assembly.oligomeric_count     2 
# 
_pdbx_struct_assembly_gen.assembly_id       1 
_pdbx_struct_assembly_gen.oper_expression   1,2 
_pdbx_struct_assembly_gen.asym_id_list      A,B,C 
# 
loop_
_pdbx_struct_assembly_prop.biol_id 
_pdbx_struct_assembly_prop.type 
_pdbx_struct_assembly_prop.value 
_pdbx_struct_assembly_prop.details 
1 'ABSA (A^2)' 3440  ? 
1 MORE         -21   ? 
1 'SSA (A^2)'  11250 ? 
# 
loop_
_pdbx_struct_oper_list.id 
_pdbx_struct_oper_list.type 
_pdbx_struct_oper_list.name 
_pdbx_struct_oper_list.symmetry_operation 
_pdbx_struct_oper_list.matrix[1][1] 
_pdbx_struct_oper_list.matrix[1][2] 
_pdbx_struct_oper_list.matrix[1][3] 
_pdbx_struct_oper_list.vector[1] 
_pdbx_struct_oper_list.matrix[2][1] 
_pdbx_struct_oper_list.matrix[2][2] 
_pdbx_struct_oper_list.matrix[2][3] 
_pdbx_struct_oper_list.vector[2] 
_pdbx_struct_oper_list.matrix[3][1] 
_pdbx_struct_oper_list.matrix[3][2] 
_pdbx_struct_oper_list.matrix[3][3] 
_pdbx_struct_oper_list.vector[3] 
1 'identity operation'         1_555  x,y,z        1.0000000000  0.0000000000 0.0000000000 0.0000000000  0.0000000000 1.0000000000  0.0000000000 0.0000000000  0.0000000000 0.0000000000 1.0000000000  0.0000000000   
2 'crystal symmetry operation' 12_555 x,x-y,-z+1/6 -0.0868112508 0.8889177151 0.4497656084 12.9026871286 0.8889177151 -0.1347082354 0.4378115886 -5.5739221872 0.4497656084 0.4378115886 -0.7784805138 -15.1808640271 
# 
loop_
_pdbx_audit_revision_history.ordinal 
_pdbx_audit_revision_history.data_content_type 
_pdbx_audit_revision_history.major_revision 
_pdbx_audit_revision_history.minor_revision 
_pdbx_audit_revision_history.revision_date 
1 'Structure model' 1 0 2013-09-25 
2 'Structure model' 1 1 2023-11-08 
# 
_pdbx_audit_revision_details.ordinal             1 
_pdbx_audit_revision_details.revision_ordinal    1 
_pdbx_audit_revision_details.data_content_type   'Structure model' 
_pdbx_audit_revision_details.provider            repository 
_pdbx_audit_revision_details.type                'Initial release' 
_pdbx_audit_revision_details.description         ? 
_pdbx_audit_revision_details.details             ? 
# 
loop_
_pdbx_audit_revision_group.ordinal 
_pdbx_audit_revision_group.revision_ordinal 
_pdbx_audit_revision_group.data_content_type 
_pdbx_audit_revision_group.group 
1 2 'Structure model' 'Data collection'        
2 2 'Structure model' 'Database references'    
3 2 'Structure model' 'Derived calculations'   
4 2 'Structure model' 'Refinement description' 
# 
loop_
_pdbx_audit_revision_category.ordinal 
_pdbx_audit_revision_category.revision_ordinal 
_pdbx_audit_revision_category.data_content_type 
_pdbx_audit_revision_category.category 
1 2 'Structure model' chem_comp_atom                
2 2 'Structure model' chem_comp_bond                
3 2 'Structure model' database_2                    
4 2 'Structure model' pdbx_initial_refinement_model 
5 2 'Structure model' struct_ref_seq_dif            
6 2 'Structure model' struct_site                   
# 
loop_
_pdbx_audit_revision_item.ordinal 
_pdbx_audit_revision_item.revision_ordinal 
_pdbx_audit_revision_item.data_content_type 
_pdbx_audit_revision_item.item 
1 2 'Structure model' '_database_2.pdbx_DOI'                
2 2 'Structure model' '_database_2.pdbx_database_accession' 
3 2 'Structure model' '_struct_ref_seq_dif.details'         
4 2 'Structure model' '_struct_site.pdbx_auth_asym_id'      
5 2 'Structure model' '_struct_site.pdbx_auth_comp_id'      
6 2 'Structure model' '_struct_site.pdbx_auth_seq_id'       
# 
loop_
_software.name 
_software.classification 
_software.version 
_software.citation_id 
_software.pdbx_ordinal 
HKL-2000  'data collection' .        ? 1 
MOLREP    phasing           .        ? 2 
REFMAC    refinement        5.5.0102 ? 3 
DENZO     'data reduction'  .        ? 4 
SCALEPACK 'data scaling'    .        ? 5 
# 
loop_
_pdbx_unobs_or_zero_occ_residues.id 
_pdbx_unobs_or_zero_occ_residues.PDB_model_num 
_pdbx_unobs_or_zero_occ_residues.polymer_flag 
_pdbx_unobs_or_zero_occ_residues.occupancy_flag 
_pdbx_unobs_or_zero_occ_residues.auth_asym_id 
_pdbx_unobs_or_zero_occ_residues.auth_comp_id 
_pdbx_unobs_or_zero_occ_residues.auth_seq_id 
_pdbx_unobs_or_zero_occ_residues.PDB_ins_code 
_pdbx_unobs_or_zero_occ_residues.label_asym_id 
_pdbx_unobs_or_zero_occ_residues.label_comp_id 
_pdbx_unobs_or_zero_occ_residues.label_seq_id 
1 1 Y 1 A MET 1 ? A MET 1 
2 1 Y 1 A LEU 2 ? A LEU 2 
# 
loop_
_chem_comp_atom.comp_id 
_chem_comp_atom.atom_id 
_chem_comp_atom.type_symbol 
_chem_comp_atom.pdbx_aromatic_flag 
_chem_comp_atom.pdbx_stereo_config 
_chem_comp_atom.pdbx_ordinal 
ALA N      N N N 1   
ALA CA     C N S 2   
ALA C      C N N 3   
ALA O      O N N 4   
ALA CB     C N N 5   
ALA OXT    O N N 6   
ALA H      H N N 7   
ALA H2     H N N 8   
ALA HA     H N N 9   
ALA HB1    H N N 10  
ALA HB2    H N N 11  
ALA HB3    H N N 12  
ALA HXT    H N N 13  
ARG N      N N N 14  
ARG CA     C N S 15  
ARG C      C N N 16  
ARG O      O N N 17  
ARG CB     C N N 18  
ARG CG     C N N 19  
ARG CD     C N N 20  
ARG NE     N N N 21  
ARG CZ     C N N 22  
ARG NH1    N N N 23  
ARG NH2    N N N 24  
ARG OXT    O N N 25  
ARG H      H N N 26  
ARG H2     H N N 27  
ARG HA     H N N 28  
ARG HB2    H N N 29  
ARG HB3    H N N 30  
ARG HG2    H N N 31  
ARG HG3    H N N 32  
ARG HD2    H N N 33  
ARG HD3    H N N 34  
ARG HE     H N N 35  
ARG HH11   H N N 36  
ARG HH12   H N N 37  
ARG HH21   H N N 38  
ARG HH22   H N N 39  
ARG HXT    H N N 40  
ASN N      N N N 41  
ASN CA     C N S 42  
ASN C      C N N 43  
ASN O      O N N 44  
ASN CB     C N N 45  
ASN CG     C N N 46  
ASN OD1    O N N 47  
ASN ND2    N N N 48  
ASN OXT    O N N 49  
ASN H      H N N 50  
ASN H2     H N N 51  
ASN HA     H N N 52  
ASN HB2    H N N 53  
ASN HB3    H N N 54  
ASN HD21   H N N 55  
ASN HD22   H N N 56  
ASN HXT    H N N 57  
ASP N      N N N 58  
ASP CA     C N S 59  
ASP C      C N N 60  
ASP O      O N N 61  
ASP CB     C N N 62  
ASP CG     C N N 63  
ASP OD1    O N N 64  
ASP OD2    O N N 65  
ASP OXT    O N N 66  
ASP H      H N N 67  
ASP H2     H N N 68  
ASP HA     H N N 69  
ASP HB2    H N N 70  
ASP HB3    H N N 71  
ASP HD2    H N N 72  
ASP HXT    H N N 73  
FMN N1     N N N 74  
FMN C2     C N N 75  
FMN O2     O N N 76  
FMN N3     N N N 77  
FMN C4     C N N 78  
FMN O4     O N N 79  
FMN C4A    C N N 80  
FMN N5     N N N 81  
FMN C5A    C Y N 82  
FMN C6     C Y N 83  
FMN C7     C Y N 84  
FMN C7M    C N N 85  
FMN C8     C Y N 86  
FMN C8M    C N N 87  
FMN C9     C Y N 88  
FMN C9A    C Y N 89  
FMN N10    N N N 90  
FMN C10    C N N 91  
FMN "C1'"  C N N 92  
FMN "C2'"  C N S 93  
FMN "O2'"  O N N 94  
FMN "C3'"  C N S 95  
FMN "O3'"  O N N 96  
FMN "C4'"  C N R 97  
FMN "O4'"  O N N 98  
FMN "C5'"  C N N 99  
FMN "O5'"  O N N 100 
FMN P      P N N 101 
FMN O1P    O N N 102 
FMN O2P    O N N 103 
FMN O3P    O N N 104 
FMN HN3    H N N 105 
FMN H6     H N N 106 
FMN HM71   H N N 107 
FMN HM72   H N N 108 
FMN HM73   H N N 109 
FMN HM81   H N N 110 
FMN HM82   H N N 111 
FMN HM83   H N N 112 
FMN H9     H N N 113 
FMN "H1'1" H N N 114 
FMN "H1'2" H N N 115 
FMN "H2'"  H N N 116 
FMN "HO2'" H N N 117 
FMN "H3'"  H N N 118 
FMN "HO3'" H N N 119 
FMN "H4'"  H N N 120 
FMN "HO4'" H N N 121 
FMN "H5'1" H N N 122 
FMN "H5'2" H N N 123 
FMN HOP2   H N N 124 
FMN HOP3   H N N 125 
GLN N      N N N 126 
GLN CA     C N S 127 
GLN C      C N N 128 
GLN O      O N N 129 
GLN CB     C N N 130 
GLN CG     C N N 131 
GLN CD     C N N 132 
GLN OE1    O N N 133 
GLN NE2    N N N 134 
GLN OXT    O N N 135 
GLN H      H N N 136 
GLN H2     H N N 137 
GLN HA     H N N 138 
GLN HB2    H N N 139 
GLN HB3    H N N 140 
GLN HG2    H N N 141 
GLN HG3    H N N 142 
GLN HE21   H N N 143 
GLN HE22   H N N 144 
GLN HXT    H N N 145 
GLU N      N N N 146 
GLU CA     C N S 147 
GLU C      C N N 148 
GLU O      O N N 149 
GLU CB     C N N 150 
GLU CG     C N N 151 
GLU CD     C N N 152 
GLU OE1    O N N 153 
GLU OE2    O N N 154 
GLU OXT    O N N 155 
GLU H      H N N 156 
GLU H2     H N N 157 
GLU HA     H N N 158 
GLU HB2    H N N 159 
GLU HB3    H N N 160 
GLU HG2    H N N 161 
GLU HG3    H N N 162 
GLU HE2    H N N 163 
GLU HXT    H N N 164 
GLY N      N N N 165 
GLY CA     C N N 166 
GLY C      C N N 167 
GLY O      O N N 168 
GLY OXT    O N N 169 
GLY H      H N N 170 
GLY H2     H N N 171 
GLY HA2    H N N 172 
GLY HA3    H N N 173 
GLY HXT    H N N 174 
HIS N      N N N 175 
HIS CA     C N S 176 
HIS C      C N N 177 
HIS O      O N N 178 
HIS CB     C N N 179 
HIS CG     C Y N 180 
HIS ND1    N Y N 181 
HIS CD2    C Y N 182 
HIS CE1    C Y N 183 
HIS NE2    N Y N 184 
HIS OXT    O N N 185 
HIS H      H N N 186 
HIS H2     H N N 187 
HIS HA     H N N 188 
HIS HB2    H N N 189 
HIS HB3    H N N 190 
HIS HD1    H N N 191 
HIS HD2    H N N 192 
HIS HE1    H N N 193 
HIS HE2    H N N 194 
HIS HXT    H N N 195 
HOH O      O N N 196 
HOH H1     H N N 197 
HOH H2     H N N 198 
ILE N      N N N 199 
ILE CA     C N S 200 
ILE C      C N N 201 
ILE O      O N N 202 
ILE CB     C N S 203 
ILE CG1    C N N 204 
ILE CG2    C N N 205 
ILE CD1    C N N 206 
ILE OXT    O N N 207 
ILE H      H N N 208 
ILE H2     H N N 209 
ILE HA     H N N 210 
ILE HB     H N N 211 
ILE HG12   H N N 212 
ILE HG13   H N N 213 
ILE HG21   H N N 214 
ILE HG22   H N N 215 
ILE HG23   H N N 216 
ILE HD11   H N N 217 
ILE HD12   H N N 218 
ILE HD13   H N N 219 
ILE HXT    H N N 220 
LEU N      N N N 221 
LEU CA     C N S 222 
LEU C      C N N 223 
LEU O      O N N 224 
LEU CB     C N N 225 
LEU CG     C N N 226 
LEU CD1    C N N 227 
LEU CD2    C N N 228 
LEU OXT    O N N 229 
LEU H      H N N 230 
LEU H2     H N N 231 
LEU HA     H N N 232 
LEU HB2    H N N 233 
LEU HB3    H N N 234 
LEU HG     H N N 235 
LEU HD11   H N N 236 
LEU HD12   H N N 237 
LEU HD13   H N N 238 
LEU HD21   H N N 239 
LEU HD22   H N N 240 
LEU HD23   H N N 241 
LEU HXT    H N N 242 
LYS N      N N N 243 
LYS CA     C N S 244 
LYS C      C N N 245 
LYS O      O N N 246 
LYS CB     C N N 247 
LYS CG     C N N 248 
LYS CD     C N N 249 
LYS CE     C N N 250 
LYS NZ     N N N 251 
LYS OXT    O N N 252 
LYS H      H N N 253 
LYS H2     H N N 254 
LYS HA     H N N 255 
LYS HB2    H N N 256 
LYS HB3    H N N 257 
LYS HG2    H N N 258 
LYS HG3    H N N 259 
LYS HD2    H N N 260 
LYS HD3    H N N 261 
LYS HE2    H N N 262 
LYS HE3    H N N 263 
LYS HZ1    H N N 264 
LYS HZ2    H N N 265 
LYS HZ3    H N N 266 
LYS HXT    H N N 267 
MET N      N N N 268 
MET CA     C N S 269 
MET C      C N N 270 
MET O      O N N 271 
MET CB     C N N 272 
MET CG     C N N 273 
MET SD     S N N 274 
MET CE     C N N 275 
MET OXT    O N N 276 
MET H      H N N 277 
MET H2     H N N 278 
MET HA     H N N 279 
MET HB2    H N N 280 
MET HB3    H N N 281 
MET HG2    H N N 282 
MET HG3    H N N 283 
MET HE1    H N N 284 
MET HE2    H N N 285 
MET HE3    H N N 286 
MET HXT    H N N 287 
PHE N      N N N 288 
PHE CA     C N S 289 
PHE C      C N N 290 
PHE O      O N N 291 
PHE CB     C N N 292 
PHE CG     C Y N 293 
PHE CD1    C Y N 294 
PHE CD2    C Y N 295 
PHE CE1    C Y N 296 
PHE CE2    C Y N 297 
PHE CZ     C Y N 298 
PHE OXT    O N N 299 
PHE H      H N N 300 
PHE H2     H N N 301 
PHE HA     H N N 302 
PHE HB2    H N N 303 
PHE HB3    H N N 304 
PHE HD1    H N N 305 
PHE HD2    H N N 306 
PHE HE1    H N N 307 
PHE HE2    H N N 308 
PHE HZ     H N N 309 
PHE HXT    H N N 310 
PRO N      N N N 311 
PRO CA     C N S 312 
PRO C      C N N 313 
PRO O      O N N 314 
PRO CB     C N N 315 
PRO CG     C N N 316 
PRO CD     C N N 317 
PRO OXT    O N N 318 
PRO H      H N N 319 
PRO HA     H N N 320 
PRO HB2    H N N 321 
PRO HB3    H N N 322 
PRO HG2    H N N 323 
PRO HG3    H N N 324 
PRO HD2    H N N 325 
PRO HD3    H N N 326 
PRO HXT    H N N 327 
SER N      N N N 328 
SER CA     C N S 329 
SER C      C N N 330 
SER O      O N N 331 
SER CB     C N N 332 
SER OG     O N N 333 
SER OXT    O N N 334 
SER H      H N N 335 
SER H2     H N N 336 
SER HA     H N N 337 
SER HB2    H N N 338 
SER HB3    H N N 339 
SER HG     H N N 340 
SER HXT    H N N 341 
THR N      N N N 342 
THR CA     C N S 343 
THR C      C N N 344 
THR O      O N N 345 
THR CB     C N R 346 
THR OG1    O N N 347 
THR CG2    C N N 348 
THR OXT    O N N 349 
THR H      H N N 350 
THR H2     H N N 351 
THR HA     H N N 352 
THR HB     H N N 353 
THR HG1    H N N 354 
THR HG21   H N N 355 
THR HG22   H N N 356 
THR HG23   H N N 357 
THR HXT    H N N 358 
TRP N      N N N 359 
TRP CA     C N S 360 
TRP C      C N N 361 
TRP O      O N N 362 
TRP CB     C N N 363 
TRP CG     C Y N 364 
TRP CD1    C Y N 365 
TRP CD2    C Y N 366 
TRP NE1    N Y N 367 
TRP CE2    C Y N 368 
TRP CE3    C Y N 369 
TRP CZ2    C Y N 370 
TRP CZ3    C Y N 371 
TRP CH2    C Y N 372 
TRP OXT    O N N 373 
TRP H      H N N 374 
TRP H2     H N N 375 
TRP HA     H N N 376 
TRP HB2    H N N 377 
TRP HB3    H N N 378 
TRP HD1    H N N 379 
TRP HE1    H N N 380 
TRP HE3    H N N 381 
TRP HZ2    H N N 382 
TRP HZ3    H N N 383 
TRP HH2    H N N 384 
TRP HXT    H N N 385 
TYR N      N N N 386 
TYR CA     C N S 387 
TYR C      C N N 388 
TYR O      O N N 389 
TYR CB     C N N 390 
TYR CG     C Y N 391 
TYR CD1    C Y N 392 
TYR CD2    C Y N 393 
TYR CE1    C Y N 394 
TYR CE2    C Y N 395 
TYR CZ     C Y N 396 
TYR OH     O N N 397 
TYR OXT    O N N 398 
TYR H      H N N 399 
TYR H2     H N N 400 
TYR HA     H N N 401 
TYR HB2    H N N 402 
TYR HB3    H N N 403 
TYR HD1    H N N 404 
TYR HD2    H N N 405 
TYR HE1    H N N 406 
TYR HE2    H N N 407 
TYR HH     H N N 408 
TYR HXT    H N N 409 
VAL N      N N N 410 
VAL CA     C N S 411 
VAL C      C N N 412 
VAL O      O N N 413 
VAL CB     C N N 414 
VAL CG1    C N N 415 
VAL CG2    C N N 416 
VAL OXT    O N N 417 
VAL H      H N N 418 
VAL H2     H N N 419 
VAL HA     H N N 420 
VAL HB     H N N 421 
VAL HG11   H N N 422 
VAL HG12   H N N 423 
VAL HG13   H N N 424 
VAL HG21   H N N 425 
VAL HG22   H N N 426 
VAL HG23   H N N 427 
VAL HXT    H N N 428 
# 
loop_
_chem_comp_bond.comp_id 
_chem_comp_bond.atom_id_1 
_chem_comp_bond.atom_id_2 
_chem_comp_bond.value_order 
_chem_comp_bond.pdbx_aromatic_flag 
_chem_comp_bond.pdbx_stereo_config 
_chem_comp_bond.pdbx_ordinal 
ALA N     CA     sing N N 1   
ALA N     H      sing N N 2   
ALA N     H2     sing N N 3   
ALA CA    C      sing N N 4   
ALA CA    CB     sing N N 5   
ALA CA    HA     sing N N 6   
ALA C     O      doub N N 7   
ALA C     OXT    sing N N 8   
ALA CB    HB1    sing N N 9   
ALA CB    HB2    sing N N 10  
ALA CB    HB3    sing N N 11  
ALA OXT   HXT    sing N N 12  
ARG N     CA     sing N N 13  
ARG N     H      sing N N 14  
ARG N     H2     sing N N 15  
ARG CA    C      sing N N 16  
ARG CA    CB     sing N N 17  
ARG CA    HA     sing N N 18  
ARG C     O      doub N N 19  
ARG C     OXT    sing N N 20  
ARG CB    CG     sing N N 21  
ARG CB    HB2    sing N N 22  
ARG CB    HB3    sing N N 23  
ARG CG    CD     sing N N 24  
ARG CG    HG2    sing N N 25  
ARG CG    HG3    sing N N 26  
ARG CD    NE     sing N N 27  
ARG CD    HD2    sing N N 28  
ARG CD    HD3    sing N N 29  
ARG NE    CZ     sing N N 30  
ARG NE    HE     sing N N 31  
ARG CZ    NH1    sing N N 32  
ARG CZ    NH2    doub N N 33  
ARG NH1   HH11   sing N N 34  
ARG NH1   HH12   sing N N 35  
ARG NH2   HH21   sing N N 36  
ARG NH2   HH22   sing N N 37  
ARG OXT   HXT    sing N N 38  
ASN N     CA     sing N N 39  
ASN N     H      sing N N 40  
ASN N     H2     sing N N 41  
ASN CA    C      sing N N 42  
ASN CA    CB     sing N N 43  
ASN CA    HA     sing N N 44  
ASN C     O      doub N N 45  
ASN C     OXT    sing N N 46  
ASN CB    CG     sing N N 47  
ASN CB    HB2    sing N N 48  
ASN CB    HB3    sing N N 49  
ASN CG    OD1    doub N N 50  
ASN CG    ND2    sing N N 51  
ASN ND2   HD21   sing N N 52  
ASN ND2   HD22   sing N N 53  
ASN OXT   HXT    sing N N 54  
ASP N     CA     sing N N 55  
ASP N     H      sing N N 56  
ASP N     H2     sing N N 57  
ASP CA    C      sing N N 58  
ASP CA    CB     sing N N 59  
ASP CA    HA     sing N N 60  
ASP C     O      doub N N 61  
ASP C     OXT    sing N N 62  
ASP CB    CG     sing N N 63  
ASP CB    HB2    sing N N 64  
ASP CB    HB3    sing N N 65  
ASP CG    OD1    doub N N 66  
ASP CG    OD2    sing N N 67  
ASP OD2   HD2    sing N N 68  
ASP OXT   HXT    sing N N 69  
FMN N1    C2     sing N N 70  
FMN N1    C10    doub N N 71  
FMN C2    O2     doub N N 72  
FMN C2    N3     sing N N 73  
FMN N3    C4     sing N N 74  
FMN N3    HN3    sing N N 75  
FMN C4    O4     doub N N 76  
FMN C4    C4A    sing N N 77  
FMN C4A   N5     doub N N 78  
FMN C4A   C10    sing N N 79  
FMN N5    C5A    sing N N 80  
FMN C5A   C6     doub Y N 81  
FMN C5A   C9A    sing Y N 82  
FMN C6    C7     sing Y N 83  
FMN C6    H6     sing N N 84  
FMN C7    C7M    sing N N 85  
FMN C7    C8     doub Y N 86  
FMN C7M   HM71   sing N N 87  
FMN C7M   HM72   sing N N 88  
FMN C7M   HM73   sing N N 89  
FMN C8    C8M    sing N N 90  
FMN C8    C9     sing Y N 91  
FMN C8M   HM81   sing N N 92  
FMN C8M   HM82   sing N N 93  
FMN C8M   HM83   sing N N 94  
FMN C9    C9A    doub Y N 95  
FMN C9    H9     sing N N 96  
FMN C9A   N10    sing N N 97  
FMN N10   C10    sing N N 98  
FMN N10   "C1'"  sing N N 99  
FMN "C1'" "C2'"  sing N N 100 
FMN "C1'" "H1'1" sing N N 101 
FMN "C1'" "H1'2" sing N N 102 
FMN "C2'" "O2'"  sing N N 103 
FMN "C2'" "C3'"  sing N N 104 
FMN "C2'" "H2'"  sing N N 105 
FMN "O2'" "HO2'" sing N N 106 
FMN "C3'" "O3'"  sing N N 107 
FMN "C3'" "C4'"  sing N N 108 
FMN "C3'" "H3'"  sing N N 109 
FMN "O3'" "HO3'" sing N N 110 
FMN "C4'" "O4'"  sing N N 111 
FMN "C4'" "C5'"  sing N N 112 
FMN "C4'" "H4'"  sing N N 113 
FMN "O4'" "HO4'" sing N N 114 
FMN "C5'" "O5'"  sing N N 115 
FMN "C5'" "H5'1" sing N N 116 
FMN "C5'" "H5'2" sing N N 117 
FMN "O5'" P      sing N N 118 
FMN P     O1P    doub N N 119 
FMN P     O2P    sing N N 120 
FMN P     O3P    sing N N 121 
FMN O2P   HOP2   sing N N 122 
FMN O3P   HOP3   sing N N 123 
GLN N     CA     sing N N 124 
GLN N     H      sing N N 125 
GLN N     H2     sing N N 126 
GLN CA    C      sing N N 127 
GLN CA    CB     sing N N 128 
GLN CA    HA     sing N N 129 
GLN C     O      doub N N 130 
GLN C     OXT    sing N N 131 
GLN CB    CG     sing N N 132 
GLN CB    HB2    sing N N 133 
GLN CB    HB3    sing N N 134 
GLN CG    CD     sing N N 135 
GLN CG    HG2    sing N N 136 
GLN CG    HG3    sing N N 137 
GLN CD    OE1    doub N N 138 
GLN CD    NE2    sing N N 139 
GLN NE2   HE21   sing N N 140 
GLN NE2   HE22   sing N N 141 
GLN OXT   HXT    sing N N 142 
GLU N     CA     sing N N 143 
GLU N     H      sing N N 144 
GLU N     H2     sing N N 145 
GLU CA    C      sing N N 146 
GLU CA    CB     sing N N 147 
GLU CA    HA     sing N N 148 
GLU C     O      doub N N 149 
GLU C     OXT    sing N N 150 
GLU CB    CG     sing N N 151 
GLU CB    HB2    sing N N 152 
GLU CB    HB3    sing N N 153 
GLU CG    CD     sing N N 154 
GLU CG    HG2    sing N N 155 
GLU CG    HG3    sing N N 156 
GLU CD    OE1    doub N N 157 
GLU CD    OE2    sing N N 158 
GLU OE2   HE2    sing N N 159 
GLU OXT   HXT    sing N N 160 
GLY N     CA     sing N N 161 
GLY N     H      sing N N 162 
GLY N     H2     sing N N 163 
GLY CA    C      sing N N 164 
GLY CA    HA2    sing N N 165 
GLY CA    HA3    sing N N 166 
GLY C     O      doub N N 167 
GLY C     OXT    sing N N 168 
GLY OXT   HXT    sing N N 169 
HIS N     CA     sing N N 170 
HIS N     H      sing N N 171 
HIS N     H2     sing N N 172 
HIS CA    C      sing N N 173 
HIS CA    CB     sing N N 174 
HIS CA    HA     sing N N 175 
HIS C     O      doub N N 176 
HIS C     OXT    sing N N 177 
HIS CB    CG     sing N N 178 
HIS CB    HB2    sing N N 179 
HIS CB    HB3    sing N N 180 
HIS CG    ND1    sing Y N 181 
HIS CG    CD2    doub Y N 182 
HIS ND1   CE1    doub Y N 183 
HIS ND1   HD1    sing N N 184 
HIS CD2   NE2    sing Y N 185 
HIS CD2   HD2    sing N N 186 
HIS CE1   NE2    sing Y N 187 
HIS CE1   HE1    sing N N 188 
HIS NE2   HE2    sing N N 189 
HIS OXT   HXT    sing N N 190 
HOH O     H1     sing N N 191 
HOH O     H2     sing N N 192 
ILE N     CA     sing N N 193 
ILE N     H      sing N N 194 
ILE N     H2     sing N N 195 
ILE CA    C      sing N N 196 
ILE CA    CB     sing N N 197 
ILE CA    HA     sing N N 198 
ILE C     O      doub N N 199 
ILE C     OXT    sing N N 200 
ILE CB    CG1    sing N N 201 
ILE CB    CG2    sing N N 202 
ILE CB    HB     sing N N 203 
ILE CG1   CD1    sing N N 204 
ILE CG1   HG12   sing N N 205 
ILE CG1   HG13   sing N N 206 
ILE CG2   HG21   sing N N 207 
ILE CG2   HG22   sing N N 208 
ILE CG2   HG23   sing N N 209 
ILE CD1   HD11   sing N N 210 
ILE CD1   HD12   sing N N 211 
ILE CD1   HD13   sing N N 212 
ILE OXT   HXT    sing N N 213 
LEU N     CA     sing N N 214 
LEU N     H      sing N N 215 
LEU N     H2     sing N N 216 
LEU CA    C      sing N N 217 
LEU CA    CB     sing N N 218 
LEU CA    HA     sing N N 219 
LEU C     O      doub N N 220 
LEU C     OXT    sing N N 221 
LEU CB    CG     sing N N 222 
LEU CB    HB2    sing N N 223 
LEU CB    HB3    sing N N 224 
LEU CG    CD1    sing N N 225 
LEU CG    CD2    sing N N 226 
LEU CG    HG     sing N N 227 
LEU CD1   HD11   sing N N 228 
LEU CD1   HD12   sing N N 229 
LEU CD1   HD13   sing N N 230 
LEU CD2   HD21   sing N N 231 
LEU CD2   HD22   sing N N 232 
LEU CD2   HD23   sing N N 233 
LEU OXT   HXT    sing N N 234 
LYS N     CA     sing N N 235 
LYS N     H      sing N N 236 
LYS N     H2     sing N N 237 
LYS CA    C      sing N N 238 
LYS CA    CB     sing N N 239 
LYS CA    HA     sing N N 240 
LYS C     O      doub N N 241 
LYS C     OXT    sing N N 242 
LYS CB    CG     sing N N 243 
LYS CB    HB2    sing N N 244 
LYS CB    HB3    sing N N 245 
LYS CG    CD     sing N N 246 
LYS CG    HG2    sing N N 247 
LYS CG    HG3    sing N N 248 
LYS CD    CE     sing N N 249 
LYS CD    HD2    sing N N 250 
LYS CD    HD3    sing N N 251 
LYS CE    NZ     sing N N 252 
LYS CE    HE2    sing N N 253 
LYS CE    HE3    sing N N 254 
LYS NZ    HZ1    sing N N 255 
LYS NZ    HZ2    sing N N 256 
LYS NZ    HZ3    sing N N 257 
LYS OXT   HXT    sing N N 258 
MET N     CA     sing N N 259 
MET N     H      sing N N 260 
MET N     H2     sing N N 261 
MET CA    C      sing N N 262 
MET CA    CB     sing N N 263 
MET CA    HA     sing N N 264 
MET C     O      doub N N 265 
MET C     OXT    sing N N 266 
MET CB    CG     sing N N 267 
MET CB    HB2    sing N N 268 
MET CB    HB3    sing N N 269 
MET CG    SD     sing N N 270 
MET CG    HG2    sing N N 271 
MET CG    HG3    sing N N 272 
MET SD    CE     sing N N 273 
MET CE    HE1    sing N N 274 
MET CE    HE2    sing N N 275 
MET CE    HE3    sing N N 276 
MET OXT   HXT    sing N N 277 
PHE N     CA     sing N N 278 
PHE N     H      sing N N 279 
PHE N     H2     sing N N 280 
PHE CA    C      sing N N 281 
PHE CA    CB     sing N N 282 
PHE CA    HA     sing N N 283 
PHE C     O      doub N N 284 
PHE C     OXT    sing N N 285 
PHE CB    CG     sing N N 286 
PHE CB    HB2    sing N N 287 
PHE CB    HB3    sing N N 288 
PHE CG    CD1    doub Y N 289 
PHE CG    CD2    sing Y N 290 
PHE CD1   CE1    sing Y N 291 
PHE CD1   HD1    sing N N 292 
PHE CD2   CE2    doub Y N 293 
PHE CD2   HD2    sing N N 294 
PHE CE1   CZ     doub Y N 295 
PHE CE1   HE1    sing N N 296 
PHE CE2   CZ     sing Y N 297 
PHE CE2   HE2    sing N N 298 
PHE CZ    HZ     sing N N 299 
PHE OXT   HXT    sing N N 300 
PRO N     CA     sing N N 301 
PRO N     CD     sing N N 302 
PRO N     H      sing N N 303 
PRO CA    C      sing N N 304 
PRO CA    CB     sing N N 305 
PRO CA    HA     sing N N 306 
PRO C     O      doub N N 307 
PRO C     OXT    sing N N 308 
PRO CB    CG     sing N N 309 
PRO CB    HB2    sing N N 310 
PRO CB    HB3    sing N N 311 
PRO CG    CD     sing N N 312 
PRO CG    HG2    sing N N 313 
PRO CG    HG3    sing N N 314 
PRO CD    HD2    sing N N 315 
PRO CD    HD3    sing N N 316 
PRO OXT   HXT    sing N N 317 
SER N     CA     sing N N 318 
SER N     H      sing N N 319 
SER N     H2     sing N N 320 
SER CA    C      sing N N 321 
SER CA    CB     sing N N 322 
SER CA    HA     sing N N 323 
SER C     O      doub N N 324 
SER C     OXT    sing N N 325 
SER CB    OG     sing N N 326 
SER CB    HB2    sing N N 327 
SER CB    HB3    sing N N 328 
SER OG    HG     sing N N 329 
SER OXT   HXT    sing N N 330 
THR N     CA     sing N N 331 
THR N     H      sing N N 332 
THR N     H2     sing N N 333 
THR CA    C      sing N N 334 
THR CA    CB     sing N N 335 
THR CA    HA     sing N N 336 
THR C     O      doub N N 337 
THR C     OXT    sing N N 338 
THR CB    OG1    sing N N 339 
THR CB    CG2    sing N N 340 
THR CB    HB     sing N N 341 
THR OG1   HG1    sing N N 342 
THR CG2   HG21   sing N N 343 
THR CG2   HG22   sing N N 344 
THR CG2   HG23   sing N N 345 
THR OXT   HXT    sing N N 346 
TRP N     CA     sing N N 347 
TRP N     H      sing N N 348 
TRP N     H2     sing N N 349 
TRP CA    C      sing N N 350 
TRP CA    CB     sing N N 351 
TRP CA    HA     sing N N 352 
TRP C     O      doub N N 353 
TRP C     OXT    sing N N 354 
TRP CB    CG     sing N N 355 
TRP CB    HB2    sing N N 356 
TRP CB    HB3    sing N N 357 
TRP CG    CD1    doub Y N 358 
TRP CG    CD2    sing Y N 359 
TRP CD1   NE1    sing Y N 360 
TRP CD1   HD1    sing N N 361 
TRP CD2   CE2    doub Y N 362 
TRP CD2   CE3    sing Y N 363 
TRP NE1   CE2    sing Y N 364 
TRP NE1   HE1    sing N N 365 
TRP CE2   CZ2    sing Y N 366 
TRP CE3   CZ3    doub Y N 367 
TRP CE3   HE3    sing N N 368 
TRP CZ2   CH2    doub Y N 369 
TRP CZ2   HZ2    sing N N 370 
TRP CZ3   CH2    sing Y N 371 
TRP CZ3   HZ3    sing N N 372 
TRP CH2   HH2    sing N N 373 
TRP OXT   HXT    sing N N 374 
TYR N     CA     sing N N 375 
TYR N     H      sing N N 376 
TYR N     H2     sing N N 377 
TYR CA    C      sing N N 378 
TYR CA    CB     sing N N 379 
TYR CA    HA     sing N N 380 
TYR C     O      doub N N 381 
TYR C     OXT    sing N N 382 
TYR CB    CG     sing N N 383 
TYR CB    HB2    sing N N 384 
TYR CB    HB3    sing N N 385 
TYR CG    CD1    doub Y N 386 
TYR CG    CD2    sing Y N 387 
TYR CD1   CE1    sing Y N 388 
TYR CD1   HD1    sing N N 389 
TYR CD2   CE2    doub Y N 390 
TYR CD2   HD2    sing N N 391 
TYR CE1   CZ     doub Y N 392 
TYR CE1   HE1    sing N N 393 
TYR CE2   CZ     sing Y N 394 
TYR CE2   HE2    sing N N 395 
TYR CZ    OH     sing N N 396 
TYR OH    HH     sing N N 397 
TYR OXT   HXT    sing N N 398 
VAL N     CA     sing N N 399 
VAL N     H      sing N N 400 
VAL N     H2     sing N N 401 
VAL CA    C      sing N N 402 
VAL CA    CB     sing N N 403 
VAL CA    HA     sing N N 404 
VAL C     O      doub N N 405 
VAL C     OXT    sing N N 406 
VAL CB    CG1    sing N N 407 
VAL CB    CG2    sing N N 408 
VAL CB    HB     sing N N 409 
VAL CG1   HG11   sing N N 410 
VAL CG1   HG12   sing N N 411 
VAL CG1   HG13   sing N N 412 
VAL CG2   HG21   sing N N 413 
VAL CG2   HG22   sing N N 414 
VAL CG2   HG23   sing N N 415 
VAL OXT   HXT    sing N N 416 
# 
loop_
_pdbx_entity_nonpoly.entity_id 
_pdbx_entity_nonpoly.name 
_pdbx_entity_nonpoly.comp_id 
2 'FLAVIN MONONUCLEOTIDE' FMN 
3 water                   HOH 
# 
_pdbx_initial_refinement_model.id               1 
_pdbx_initial_refinement_model.entity_id_list   ? 
_pdbx_initial_refinement_model.type             'experimental model' 
_pdbx_initial_refinement_model.source_name      PDB 
_pdbx_initial_refinement_model.accession_code   1FLM 
_pdbx_initial_refinement_model.details          'PDB ENTRY 1FLM' 
# 
